data_6Y9U
#
_entry.id   6Y9U
#
_cell.length_a   78.221
_cell.length_b   304.958
_cell.length_c   128.556
_cell.angle_alpha   90.000
_cell.angle_beta   90.000
_cell.angle_gamma   90.000
#
_symmetry.space_group_name_H-M   'C 2 2 21'
#
loop_
_entity.id
_entity.type
_entity.pdbx_description
1 polymer Lipoprotein
2 non-polymer 'NICKEL (II) ION'
3 non-polymer ADENOSINE
4 non-polymer 'ACETATE ION'
5 water water
#
_entity_poly.entity_id   1
_entity_poly.type   'polypeptide(L)'
_entity_poly.pdbx_seq_one_letter_code
;GSSHHHHHHMSGENLYFQGASAAIVTDTGGVDDKSFNQSAWEGLQAWGKEHNLSKDNGFTYFQSTSEADYANNLQQAAGS
YNLIFGVGFALNNAVKDAAKEHTDLNYVLIDDVIKDQKNVASVTFADNESGYLAGVAAAKTTKTKQVGFVGGIESEVISR
FEAGFKAGVASVDPSIKVQVDYAGSFGDAAKGKTIAAAQYAAGADIVYQVAGGTGAGVFAEAKSLNESRPENEKVWVIGV
DRDQEAEGKYTSKDGKESNFVLVSTLKQVGTTVKDISNKAERGEFPGGQVIVYSLKDKGVDLAVTNLSEEGKKAVEDAKA
KILDGSVKVPEK
;
_entity_poly.pdbx_strand_id   A,B,C,D
#
loop_
_chem_comp.id
_chem_comp.type
_chem_comp.name
_chem_comp.formula
ACT non-polymer 'ACETATE ION' 'C2 H3 O2 -1'
ADN non-polymer ADENOSINE 'C10 H13 N5 O4'
NI non-polymer 'NICKEL (II) ION' 'Ni 2'
#
# COMPACT_ATOMS: atom_id res chain seq x y z
N GLY A 1 15.11 -27.06 -36.12
CA GLY A 1 14.75 -27.31 -37.55
C GLY A 1 15.26 -26.23 -38.48
N SER A 2 15.67 -26.65 -39.69
CA SER A 2 16.23 -25.80 -40.78
C SER A 2 15.21 -24.77 -41.25
N SER A 3 14.01 -25.29 -41.56
CA SER A 3 12.81 -24.52 -41.94
C SER A 3 11.62 -25.11 -41.18
N HIS A 4 10.64 -24.27 -40.87
CA HIS A 4 9.39 -24.66 -40.15
C HIS A 4 8.20 -24.50 -41.11
N HIS A 5 7.99 -23.24 -41.50
CA HIS A 5 7.06 -22.74 -42.55
C HIS A 5 5.60 -22.68 -42.06
N HIS A 6 5.00 -23.80 -41.62
CA HIS A 6 3.65 -23.79 -41.02
C HIS A 6 3.82 -23.52 -39.52
N HIS A 7 3.41 -22.31 -39.13
CA HIS A 7 3.61 -21.74 -37.78
C HIS A 7 2.39 -20.90 -37.41
N HIS A 8 2.10 -20.81 -36.12
CA HIS A 8 1.08 -19.91 -35.53
C HIS A 8 1.75 -19.06 -34.46
N HIS A 9 1.34 -17.80 -34.35
CA HIS A 9 1.86 -16.84 -33.34
C HIS A 9 1.19 -17.16 -32.01
N MET A 10 1.98 -17.47 -30.99
CA MET A 10 1.51 -17.81 -29.62
C MET A 10 1.88 -16.63 -28.71
N SER A 11 0.97 -16.23 -27.82
CA SER A 11 1.23 -15.18 -26.80
C SER A 11 2.04 -15.78 -25.65
N GLY A 12 2.98 -15.04 -25.08
CA GLY A 12 3.74 -15.39 -23.86
C GLY A 12 2.84 -15.83 -22.71
N GLU A 13 1.63 -15.27 -22.60
CA GLU A 13 0.69 -15.64 -21.52
C GLU A 13 0.26 -17.10 -21.66
N ASN A 14 0.42 -17.71 -22.84
CA ASN A 14 -0.13 -19.07 -23.12
C ASN A 14 0.97 -20.13 -23.17
N LEU A 15 2.26 -19.74 -23.16
CA LEU A 15 3.34 -20.71 -22.84
C LEU A 15 3.51 -20.76 -21.31
N TYR A 16 3.53 -21.95 -20.73
CA TYR A 16 3.85 -22.08 -19.29
C TYR A 16 4.75 -23.29 -19.08
N PHE A 17 5.62 -23.19 -18.09
CA PHE A 17 6.55 -24.25 -17.65
C PHE A 17 6.00 -24.82 -16.34
N GLN A 18 5.69 -26.12 -16.32
CA GLN A 18 5.20 -26.80 -15.11
C GLN A 18 6.38 -26.90 -14.14
N GLY A 19 6.19 -26.44 -12.92
CA GLY A 19 7.23 -26.56 -11.88
C GLY A 19 7.12 -27.91 -11.22
N ALA A 20 8.20 -28.32 -10.55
CA ALA A 20 8.26 -29.44 -9.61
C ALA A 20 8.23 -28.90 -8.17
N SER A 21 7.93 -29.77 -7.23
CA SER A 21 8.09 -29.49 -5.79
C SER A 21 9.08 -30.53 -5.23
N ALA A 22 10.20 -30.08 -4.69
CA ALA A 22 11.32 -30.94 -4.24
C ALA A 22 11.45 -30.87 -2.72
N ALA A 23 11.56 -32.02 -2.05
CA ALA A 23 11.79 -32.12 -0.60
C ALA A 23 13.01 -32.99 -0.33
N ILE A 24 13.74 -32.70 0.74
CA ILE A 24 14.81 -33.57 1.28
C ILE A 24 14.28 -34.20 2.55
N VAL A 25 14.48 -35.51 2.71
CA VAL A 25 14.30 -36.22 3.99
C VAL A 25 15.67 -36.43 4.59
N THR A 26 15.93 -35.80 5.74
CA THR A 26 17.26 -35.79 6.39
C THR A 26 17.25 -36.79 7.54
N ASP A 27 18.44 -37.20 7.92
CA ASP A 27 18.70 -38.20 8.98
C ASP A 27 18.76 -37.48 10.33
N THR A 28 19.02 -38.26 11.37
CA THR A 28 19.42 -37.75 12.71
C THR A 28 20.76 -37.03 12.51
N GLY A 29 20.76 -35.72 12.75
CA GLY A 29 21.90 -34.81 12.48
C GLY A 29 21.34 -33.42 12.24
N GLY A 30 20.32 -33.36 11.40
CA GLY A 30 19.50 -32.17 11.12
C GLY A 30 20.12 -31.28 10.06
N VAL A 31 19.32 -30.33 9.58
CA VAL A 31 19.62 -29.29 8.57
C VAL A 31 20.65 -28.27 9.12
N ASP A 32 20.98 -28.33 10.41
CA ASP A 32 21.91 -27.37 11.07
C ASP A 32 23.17 -28.12 11.56
N ASP A 33 23.53 -29.23 10.90
CA ASP A 33 24.72 -30.05 11.21
C ASP A 33 26.02 -29.36 10.75
N LYS A 34 25.96 -28.23 10.04
CA LYS A 34 27.16 -27.46 9.60
C LYS A 34 27.95 -28.26 8.54
N SER A 35 27.38 -29.33 7.98
CA SER A 35 28.11 -30.28 7.12
C SER A 35 27.14 -30.88 6.11
N PHE A 36 26.89 -32.18 6.18
CA PHE A 36 26.23 -32.98 5.13
C PHE A 36 24.79 -32.52 4.90
N ASN A 37 23.95 -32.60 5.91
CA ASN A 37 22.49 -32.27 5.76
C ASN A 37 22.35 -30.78 5.47
N GLN A 38 23.18 -29.93 6.07
CA GLN A 38 23.11 -28.47 5.84
C GLN A 38 23.48 -28.19 4.38
N SER A 39 24.48 -28.86 3.81
CA SER A 39 24.86 -28.69 2.38
C SER A 39 23.63 -28.99 1.50
N ALA A 40 22.99 -30.14 1.71
CA ALA A 40 21.75 -30.55 1.00
C ALA A 40 20.69 -29.45 1.11
N TRP A 41 20.45 -28.96 2.32
CA TRP A 41 19.37 -27.98 2.63
C TRP A 41 19.71 -26.63 1.99
N GLU A 42 20.96 -26.20 2.04
CA GLU A 42 21.44 -24.93 1.42
C GLU A 42 21.20 -25.02 -0.08
N GLY A 43 21.42 -26.19 -0.67
CA GLY A 43 21.23 -26.44 -2.11
C GLY A 43 19.76 -26.37 -2.47
N LEU A 44 18.90 -26.97 -1.65
CA LEU A 44 17.44 -26.98 -1.92
C LEU A 44 16.89 -25.56 -1.76
N GLN A 45 17.35 -24.80 -0.78
CA GLN A 45 16.82 -23.43 -0.57
C GLN A 45 17.33 -22.51 -1.70
N ALA A 46 18.54 -22.74 -2.25
CA ALA A 46 19.04 -22.01 -3.43
C ALA A 46 18.13 -22.31 -4.61
N TRP A 47 17.78 -23.60 -4.79
CA TRP A 47 16.88 -24.03 -5.89
C TRP A 47 15.52 -23.34 -5.71
N GLY A 48 14.98 -23.32 -4.48
CA GLY A 48 13.72 -22.64 -4.10
C GLY A 48 13.72 -21.16 -4.45
N LYS A 49 14.81 -20.45 -4.12
CA LYS A 49 15.01 -19.01 -4.42
C LYS A 49 14.91 -18.80 -5.94
N GLU A 50 15.59 -19.64 -6.70
CA GLU A 50 15.69 -19.55 -8.18
C GLU A 50 14.31 -19.77 -8.81
N HIS A 51 13.40 -20.51 -8.16
CA HIS A 51 12.04 -20.86 -8.67
C HIS A 51 10.94 -20.08 -7.94
N ASN A 52 11.30 -19.07 -7.15
CA ASN A 52 10.34 -18.13 -6.52
C ASN A 52 9.46 -18.88 -5.50
N LEU A 53 10.04 -19.82 -4.75
CA LEU A 53 9.30 -20.64 -3.76
C LEU A 53 9.74 -20.24 -2.35
N SER A 54 9.04 -20.75 -1.34
CA SER A 54 9.39 -20.58 0.10
C SER A 54 9.23 -21.92 0.82
N LYS A 55 9.79 -22.05 2.02
CA LYS A 55 9.73 -23.30 2.82
C LYS A 55 8.25 -23.67 3.01
N ASP A 56 7.90 -24.90 2.69
CA ASP A 56 6.54 -25.51 2.79
C ASP A 56 5.64 -24.97 1.67
N ASN A 57 6.19 -24.24 0.68
CA ASN A 57 5.45 -23.77 -0.50
C ASN A 57 6.30 -24.00 -1.75
N GLY A 58 6.65 -25.27 -1.99
CA GLY A 58 7.40 -25.70 -3.20
C GLY A 58 8.64 -26.52 -2.87
N PHE A 59 9.21 -26.29 -1.68
CA PHE A 59 10.34 -27.07 -1.14
C PHE A 59 10.21 -27.12 0.39
N THR A 60 10.73 -28.18 0.99
CA THR A 60 10.89 -28.26 2.46
C THR A 60 11.89 -29.36 2.79
N TYR A 61 12.11 -29.58 4.07
CA TYR A 61 12.84 -30.74 4.60
C TYR A 61 11.92 -31.39 5.62
N PHE A 62 12.05 -32.72 5.72
CA PHE A 62 11.52 -33.56 6.80
C PHE A 62 12.69 -34.07 7.62
N GLN A 63 12.80 -33.62 8.86
CA GLN A 63 13.75 -34.14 9.86
C GLN A 63 13.21 -35.49 10.32
N SER A 64 14.02 -36.54 10.25
CA SER A 64 13.65 -37.90 10.73
C SER A 64 14.01 -38.01 12.21
N THR A 65 13.04 -38.42 13.05
CA THR A 65 13.20 -38.54 14.52
C THR A 65 14.08 -39.77 14.84
N SER A 66 14.16 -40.73 13.90
CA SER A 66 14.76 -42.08 14.01
C SER A 66 14.60 -42.82 12.68
N GLU A 67 15.16 -44.03 12.55
CA GLU A 67 15.02 -44.90 11.36
C GLU A 67 13.54 -45.17 11.06
N ALA A 68 12.70 -45.34 12.06
CA ALA A 68 11.26 -45.68 11.89
C ALA A 68 10.52 -44.51 11.19
N ASP A 69 11.02 -43.28 11.32
CA ASP A 69 10.37 -42.07 10.77
C ASP A 69 10.71 -41.90 9.28
N TYR A 70 11.69 -42.61 8.72
CA TYR A 70 12.06 -42.48 7.30
C TYR A 70 10.82 -42.72 6.45
N ALA A 71 10.18 -43.88 6.62
CA ALA A 71 9.01 -44.33 5.83
C ALA A 71 7.87 -43.31 5.98
N ASN A 72 7.67 -42.80 7.20
CA ASN A 72 6.55 -41.88 7.54
C ASN A 72 6.81 -40.53 6.85
N ASN A 73 8.04 -40.02 6.94
CA ASN A 73 8.47 -38.77 6.29
C ASN A 73 8.37 -38.89 4.77
N LEU A 74 8.79 -40.00 4.16
CA LEU A 74 8.72 -40.18 2.68
C LEU A 74 7.26 -40.20 2.25
N GLN A 75 6.38 -40.87 3.00
CA GLN A 75 4.94 -40.94 2.69
C GLN A 75 4.34 -39.53 2.83
N GLN A 76 4.71 -38.77 3.85
CA GLN A 76 4.23 -37.37 4.04
C GLN A 76 4.68 -36.52 2.86
N ALA A 77 5.95 -36.64 2.44
CA ALA A 77 6.54 -35.90 1.30
C ALA A 77 5.76 -36.19 0.02
N ALA A 78 5.29 -37.43 -0.20
CA ALA A 78 4.56 -37.85 -1.42
C ALA A 78 3.21 -37.13 -1.53
N GLY A 79 2.70 -36.58 -0.42
CA GLY A 79 1.50 -35.74 -0.38
C GLY A 79 1.59 -34.53 -1.30
N SER A 80 2.70 -33.79 -1.31
CA SER A 80 2.82 -32.49 -2.04
C SER A 80 4.12 -32.37 -2.86
N TYR A 81 5.06 -33.32 -2.81
CA TYR A 81 6.38 -33.21 -3.48
C TYR A 81 6.51 -34.33 -4.52
N ASN A 82 7.06 -34.04 -5.69
CA ASN A 82 7.18 -35.03 -6.79
C ASN A 82 8.66 -35.32 -7.10
N LEU A 83 9.57 -34.66 -6.40
CA LEU A 83 11.00 -35.05 -6.36
C LEU A 83 11.39 -35.12 -4.89
N ILE A 84 11.81 -36.29 -4.43
CA ILE A 84 12.07 -36.56 -3.00
C ILE A 84 13.48 -37.12 -2.88
N PHE A 85 14.30 -36.47 -2.08
CA PHE A 85 15.71 -36.83 -1.80
C PHE A 85 15.80 -37.50 -0.44
N GLY A 86 16.30 -38.73 -0.42
CA GLY A 86 16.78 -39.35 0.81
C GLY A 86 18.24 -39.02 1.03
N VAL A 87 18.54 -38.23 2.05
CA VAL A 87 19.91 -37.74 2.34
C VAL A 87 20.59 -38.67 3.34
N GLY A 88 21.39 -39.61 2.85
CA GLY A 88 22.19 -40.53 3.70
C GLY A 88 21.95 -41.98 3.32
N PHE A 89 23.00 -42.81 3.42
CA PHE A 89 22.99 -44.25 3.04
C PHE A 89 21.88 -45.03 3.77
N ALA A 90 21.56 -44.62 5.00
CA ALA A 90 20.62 -45.32 5.89
C ALA A 90 19.20 -45.32 5.29
N LEU A 91 18.89 -44.37 4.39
CA LEU A 91 17.53 -44.24 3.82
C LEU A 91 17.33 -45.20 2.65
N ASN A 92 18.33 -46.03 2.32
CA ASN A 92 18.29 -46.96 1.17
C ASN A 92 16.95 -47.72 1.12
N ASN A 93 16.64 -48.55 2.14
CA ASN A 93 15.45 -49.45 2.10
C ASN A 93 14.15 -48.65 1.98
N ALA A 94 14.00 -47.60 2.79
CA ALA A 94 12.79 -46.76 2.86
C ALA A 94 12.55 -46.08 1.49
N VAL A 95 13.60 -45.61 0.84
CA VAL A 95 13.48 -44.95 -0.51
C VAL A 95 13.08 -46.01 -1.54
N LYS A 96 13.67 -47.20 -1.52
CA LYS A 96 13.30 -48.28 -2.47
C LYS A 96 11.80 -48.60 -2.32
N ASP A 97 11.30 -48.70 -1.09
CA ASP A 97 9.89 -49.09 -0.80
C ASP A 97 8.96 -47.97 -1.29
N ALA A 98 9.30 -46.70 -0.98
CA ALA A 98 8.49 -45.52 -1.33
C ALA A 98 8.42 -45.40 -2.86
N ALA A 99 9.53 -45.65 -3.55
CA ALA A 99 9.62 -45.54 -5.03
C ALA A 99 8.73 -46.59 -5.69
N LYS A 100 8.53 -47.74 -5.06
CA LYS A 100 7.67 -48.84 -5.60
C LYS A 100 6.19 -48.48 -5.43
N GLU A 101 5.84 -47.80 -4.33
CA GLU A 101 4.45 -47.37 -4.02
C GLU A 101 4.04 -46.20 -4.92
N HIS A 102 4.99 -45.31 -5.27
CA HIS A 102 4.73 -44.06 -6.02
C HIS A 102 5.60 -44.02 -7.29
N THR A 103 5.26 -44.84 -8.29
CA THR A 103 6.03 -44.95 -9.56
C THR A 103 5.92 -43.63 -10.37
N ASP A 104 4.94 -42.79 -10.05
CA ASP A 104 4.69 -41.49 -10.71
C ASP A 104 5.60 -40.39 -10.14
N LEU A 105 6.24 -40.61 -8.98
CA LEU A 105 7.15 -39.63 -8.34
C LEU A 105 8.60 -40.06 -8.58
N ASN A 106 9.52 -39.11 -8.44
CA ASN A 106 10.98 -39.34 -8.63
C ASN A 106 11.70 -39.23 -7.27
N TYR A 107 12.68 -40.11 -7.05
CA TYR A 107 13.40 -40.26 -5.77
C TYR A 107 14.90 -40.21 -6.02
N VAL A 108 15.65 -39.56 -5.15
CA VAL A 108 17.13 -39.57 -5.22
C VAL A 108 17.67 -40.09 -3.90
N LEU A 109 18.61 -41.01 -3.95
CA LEU A 109 19.36 -41.44 -2.75
C LEU A 109 20.76 -40.86 -2.82
N ILE A 110 21.19 -40.19 -1.75
CA ILE A 110 22.55 -39.60 -1.63
C ILE A 110 23.41 -40.51 -0.74
N ASP A 111 24.57 -40.93 -1.25
CA ASP A 111 25.65 -41.67 -0.54
C ASP A 111 25.44 -43.19 -0.61
N ASP A 112 24.51 -43.67 -1.42
CA ASP A 112 24.39 -45.13 -1.67
C ASP A 112 23.64 -45.35 -2.99
N VAL A 113 23.57 -46.61 -3.40
CA VAL A 113 23.06 -47.02 -4.74
C VAL A 113 21.82 -47.90 -4.57
N ILE A 114 20.76 -47.56 -5.31
CA ILE A 114 19.58 -48.44 -5.51
C ILE A 114 19.58 -48.83 -6.98
N LYS A 115 19.44 -50.12 -7.29
CA LYS A 115 19.55 -50.62 -8.68
C LYS A 115 18.16 -51.02 -9.18
N ASP A 116 17.94 -50.93 -10.50
CA ASP A 116 16.79 -51.52 -11.23
C ASP A 116 15.48 -50.85 -10.79
N GLN A 117 15.47 -49.52 -10.66
CA GLN A 117 14.25 -48.73 -10.37
C GLN A 117 14.29 -47.46 -11.23
N LYS A 118 13.45 -47.40 -12.26
CA LYS A 118 13.38 -46.31 -13.26
C LYS A 118 13.14 -44.95 -12.60
N ASN A 119 12.52 -44.89 -11.42
CA ASN A 119 12.16 -43.60 -10.77
C ASN A 119 13.12 -43.27 -9.61
N VAL A 120 14.31 -43.91 -9.55
CA VAL A 120 15.32 -43.62 -8.50
C VAL A 120 16.66 -43.33 -9.16
N ALA A 121 17.27 -42.21 -8.79
CA ALA A 121 18.66 -41.84 -9.12
C ALA A 121 19.49 -42.01 -7.85
N SER A 122 20.75 -42.38 -7.99
CA SER A 122 21.71 -42.65 -6.92
C SER A 122 22.90 -41.71 -7.11
N VAL A 123 23.35 -41.07 -6.04
CA VAL A 123 24.50 -40.13 -6.07
C VAL A 123 25.55 -40.63 -5.09
N THR A 124 26.80 -40.75 -5.52
CA THR A 124 27.94 -41.08 -4.65
C THR A 124 29.07 -40.07 -4.89
N PHE A 125 29.94 -39.93 -3.89
CA PHE A 125 31.13 -39.06 -3.91
C PHE A 125 32.36 -39.92 -3.62
N ALA A 126 33.44 -39.67 -4.35
CA ALA A 126 34.78 -40.23 -4.08
C ALA A 126 35.39 -39.50 -2.88
N ASP A 127 34.85 -39.76 -1.69
CA ASP A 127 35.30 -39.11 -0.43
C ASP A 127 36.67 -39.66 -0.04
N ASN A 128 37.04 -40.82 -0.59
CA ASN A 128 38.41 -41.38 -0.48
C ASN A 128 39.40 -40.35 -1.04
N GLU A 129 39.08 -39.71 -2.17
CA GLU A 129 40.00 -38.79 -2.87
C GLU A 129 40.21 -37.55 -2.00
N SER A 130 39.14 -36.93 -1.52
CA SER A 130 39.24 -35.71 -0.68
C SER A 130 39.89 -36.07 0.65
N GLY A 131 39.59 -37.25 1.19
CA GLY A 131 40.21 -37.74 2.43
C GLY A 131 41.71 -37.89 2.29
N TYR A 132 42.17 -38.44 1.17
CA TYR A 132 43.62 -38.54 0.83
C TYR A 132 44.26 -37.17 1.00
N LEU A 133 43.71 -36.16 0.33
CA LEU A 133 44.25 -34.77 0.37
C LEU A 133 44.30 -34.30 1.83
N ALA A 134 43.26 -34.61 2.61
CA ALA A 134 43.21 -34.23 4.04
C ALA A 134 44.36 -34.94 4.80
N GLY A 135 44.62 -36.20 4.48
CA GLY A 135 45.75 -36.99 5.04
C GLY A 135 47.10 -36.35 4.74
N VAL A 136 47.32 -35.95 3.49
CA VAL A 136 48.57 -35.26 3.07
C VAL A 136 48.72 -34.00 3.91
N ALA A 137 47.64 -33.22 4.05
CA ALA A 137 47.65 -31.94 4.81
C ALA A 137 48.05 -32.22 6.26
N ALA A 138 47.42 -33.23 6.86
CA ALA A 138 47.62 -33.62 8.29
C ALA A 138 49.07 -34.05 8.48
N ALA A 139 49.59 -34.90 7.59
CA ALA A 139 50.96 -35.46 7.65
C ALA A 139 51.99 -34.32 7.57
N LYS A 140 51.67 -33.26 6.84
CA LYS A 140 52.61 -32.13 6.61
C LYS A 140 52.48 -31.10 7.74
N THR A 141 51.62 -31.32 8.73
CA THR A 141 51.34 -30.34 9.81
C THR A 141 51.67 -30.93 11.19
N THR A 142 51.32 -32.21 11.43
CA THR A 142 51.47 -32.87 12.76
C THR A 142 52.91 -32.73 13.26
N LYS A 143 53.09 -32.26 14.50
CA LYS A 143 54.41 -32.14 15.19
C LYS A 143 54.60 -33.36 16.12
N THR A 144 53.52 -33.93 16.66
CA THR A 144 53.54 -35.12 17.55
C THR A 144 53.56 -36.44 16.77
N LYS A 145 53.44 -36.40 15.44
CA LYS A 145 53.38 -37.59 14.54
C LYS A 145 52.18 -38.49 14.89
N GLN A 146 51.14 -37.96 15.52
CA GLN A 146 49.87 -38.71 15.80
C GLN A 146 48.67 -37.85 15.37
N VAL A 147 47.74 -38.45 14.63
CA VAL A 147 46.49 -37.77 14.18
C VAL A 147 45.30 -38.69 14.50
N GLY A 148 44.12 -38.09 14.66
CA GLY A 148 42.87 -38.80 14.99
C GLY A 148 41.85 -38.74 13.87
N PHE A 149 41.03 -39.79 13.78
CA PHE A 149 39.87 -39.89 12.85
C PHE A 149 38.64 -40.26 13.67
N VAL A 150 37.61 -39.41 13.69
CA VAL A 150 36.32 -39.67 14.39
C VAL A 150 35.24 -39.92 13.35
N GLY A 151 34.84 -41.18 13.14
CA GLY A 151 33.77 -41.56 12.20
C GLY A 151 32.43 -41.52 12.87
N GLY A 152 31.34 -41.40 12.10
CA GLY A 152 29.97 -41.49 12.62
C GLY A 152 29.55 -42.95 12.79
N ILE A 153 29.10 -43.58 11.70
CA ILE A 153 28.60 -44.98 11.71
C ILE A 153 29.49 -45.78 10.75
N GLU A 154 29.97 -46.93 11.21
CA GLU A 154 30.79 -47.85 10.39
C GLU A 154 29.98 -48.22 9.14
N SER A 155 30.53 -48.01 7.95
CA SER A 155 29.79 -48.10 6.65
C SER A 155 30.77 -48.07 5.49
N GLU A 156 30.36 -48.58 4.33
CA GLU A 156 31.08 -48.36 3.04
C GLU A 156 31.49 -46.88 2.95
N VAL A 157 30.55 -45.98 3.24
CA VAL A 157 30.67 -44.51 3.04
C VAL A 157 31.80 -43.94 3.91
N ILE A 158 31.78 -44.22 5.21
CA ILE A 158 32.79 -43.61 6.11
C ILE A 158 34.13 -44.32 5.91
N SER A 159 34.08 -45.60 5.53
CA SER A 159 35.29 -46.43 5.24
C SER A 159 36.04 -45.82 4.07
N ARG A 160 35.34 -45.24 3.09
CA ARG A 160 35.97 -44.54 1.95
C ARG A 160 36.83 -43.40 2.49
N PHE A 161 36.28 -42.61 3.41
CA PHE A 161 36.99 -41.44 4.00
C PHE A 161 38.21 -41.93 4.76
N GLU A 162 38.04 -42.99 5.57
CA GLU A 162 39.07 -43.53 6.49
C GLU A 162 40.26 -44.08 5.67
N ALA A 163 39.96 -44.87 4.65
CA ALA A 163 40.96 -45.52 3.78
C ALA A 163 41.76 -44.43 3.02
N GLY A 164 41.05 -43.45 2.46
CA GLY A 164 41.65 -42.30 1.77
C GLY A 164 42.56 -41.55 2.71
N PHE A 165 42.07 -41.23 3.91
CA PHE A 165 42.81 -40.43 4.91
C PHE A 165 44.10 -41.14 5.33
N LYS A 166 44.02 -42.43 5.66
CA LYS A 166 45.21 -43.25 6.06
C LYS A 166 46.21 -43.31 4.92
N ALA A 167 45.75 -43.60 3.69
CA ALA A 167 46.60 -43.69 2.49
C ALA A 167 47.32 -42.34 2.29
N GLY A 168 46.63 -41.22 2.55
CA GLY A 168 47.17 -39.87 2.34
C GLY A 168 48.25 -39.54 3.35
N VAL A 169 48.01 -39.88 4.62
CA VAL A 169 49.01 -39.72 5.72
C VAL A 169 50.24 -40.57 5.39
N ALA A 170 50.04 -41.84 5.03
CA ALA A 170 51.09 -42.84 4.72
C ALA A 170 51.94 -42.40 3.53
N SER A 171 51.37 -41.68 2.56
CA SER A 171 52.06 -41.28 1.31
C SER A 171 53.17 -40.25 1.59
N VAL A 172 53.09 -39.60 2.74
CA VAL A 172 54.03 -38.53 3.19
C VAL A 172 54.98 -39.08 4.24
N ASP A 173 54.47 -39.83 5.24
CA ASP A 173 55.23 -40.41 6.37
C ASP A 173 54.45 -41.58 6.97
N PRO A 174 54.78 -42.85 6.62
CA PRO A 174 54.06 -44.00 7.18
C PRO A 174 54.30 -44.23 8.68
N SER A 175 55.23 -43.50 9.27
CA SER A 175 55.59 -43.57 10.73
C SER A 175 54.49 -42.91 11.59
N ILE A 176 53.64 -42.07 10.97
CA ILE A 176 52.55 -41.32 11.67
C ILE A 176 51.44 -42.30 12.07
N LYS A 177 51.04 -42.29 13.35
CA LYS A 177 49.96 -43.15 13.87
C LYS A 177 48.61 -42.45 13.65
N VAL A 178 47.64 -43.18 13.10
CA VAL A 178 46.25 -42.71 12.86
C VAL A 178 45.31 -43.44 13.81
N GLN A 179 44.87 -42.77 14.88
CA GLN A 179 43.89 -43.30 15.86
C GLN A 179 42.49 -43.15 15.26
N VAL A 180 41.79 -44.26 15.08
CA VAL A 180 40.41 -44.35 14.54
C VAL A 180 39.45 -44.74 15.66
N ASP A 181 38.32 -44.03 15.77
CA ASP A 181 37.21 -44.30 16.72
C ASP A 181 35.90 -43.86 16.06
N TYR A 182 34.85 -44.65 16.22
CA TYR A 182 33.51 -44.38 15.67
C TYR A 182 32.57 -44.02 16.81
N ALA A 183 31.61 -43.14 16.55
CA ALA A 183 30.65 -42.63 17.56
C ALA A 183 29.38 -43.48 17.57
N GLY A 184 29.09 -44.21 16.47
CA GLY A 184 27.83 -44.94 16.26
C GLY A 184 26.67 -44.04 15.89
N SER A 185 26.91 -42.75 15.58
CA SER A 185 25.83 -41.77 15.25
C SER A 185 26.37 -40.56 14.49
N PHE A 186 25.53 -39.95 13.66
CA PHE A 186 25.80 -38.67 12.96
C PHE A 186 25.16 -37.49 13.70
N GLY A 187 24.43 -37.72 14.79
CA GLY A 187 23.73 -36.67 15.55
C GLY A 187 23.98 -36.74 17.04
N ASP A 188 25.21 -37.04 17.48
CA ASP A 188 25.60 -37.25 18.91
C ASP A 188 26.87 -36.43 19.22
N ALA A 189 26.70 -35.12 19.39
CA ALA A 189 27.80 -34.16 19.69
C ALA A 189 28.58 -34.61 20.95
N ALA A 190 27.88 -35.04 22.00
CA ALA A 190 28.47 -35.41 23.31
C ALA A 190 29.49 -36.54 23.12
N LYS A 191 29.20 -37.50 22.24
CA LYS A 191 30.11 -38.64 21.98
C LYS A 191 31.32 -38.15 21.19
N GLY A 192 31.12 -37.26 20.21
CA GLY A 192 32.20 -36.59 19.48
C GLY A 192 33.16 -35.90 20.42
N LYS A 193 32.65 -35.18 21.41
CA LYS A 193 33.49 -34.46 22.41
C LYS A 193 34.34 -35.47 23.20
N THR A 194 33.72 -36.51 23.74
CA THR A 194 34.38 -37.59 24.52
C THR A 194 35.50 -38.21 23.70
N ILE A 195 35.22 -38.58 22.43
CA ILE A 195 36.22 -39.30 21.58
C ILE A 195 37.39 -38.36 21.24
N ALA A 196 37.10 -37.11 20.90
CA ALA A 196 38.12 -36.09 20.61
C ALA A 196 39.00 -35.88 21.84
N ALA A 197 38.39 -35.73 23.02
CA ALA A 197 39.09 -35.54 24.32
C ALA A 197 40.17 -36.61 24.48
N ALA A 198 39.80 -37.88 24.25
CA ALA A 198 40.70 -39.05 24.42
C ALA A 198 41.78 -39.09 23.34
N GLN A 199 41.42 -38.78 22.09
CA GLN A 199 42.37 -38.79 20.94
C GLN A 199 43.44 -37.72 21.16
N TYR A 200 43.04 -36.52 21.59
CA TYR A 200 43.95 -35.39 21.91
C TYR A 200 44.83 -35.74 23.14
N ALA A 201 44.21 -36.19 24.24
CA ALA A 201 44.90 -36.62 25.49
C ALA A 201 45.96 -37.69 25.19
N ALA A 202 45.71 -38.62 24.26
CA ALA A 202 46.64 -39.69 23.85
C ALA A 202 47.72 -39.17 22.91
N GLY A 203 47.72 -37.86 22.61
CA GLY A 203 48.82 -37.15 21.92
C GLY A 203 48.57 -36.83 20.45
N ALA A 204 47.35 -36.99 19.94
CA ALA A 204 46.95 -36.50 18.59
C ALA A 204 46.94 -34.95 18.61
N ASP A 205 47.51 -34.30 17.59
CA ASP A 205 47.47 -32.82 17.48
C ASP A 205 46.56 -32.38 16.32
N ILE A 206 46.01 -33.34 15.56
CA ILE A 206 45.00 -33.11 14.50
C ILE A 206 43.93 -34.20 14.59
N VAL A 207 42.66 -33.83 14.58
CA VAL A 207 41.51 -34.77 14.45
C VAL A 207 40.69 -34.39 13.21
N TYR A 208 40.54 -35.35 12.30
CA TYR A 208 39.58 -35.30 11.17
C TYR A 208 38.24 -35.87 11.65
N GLN A 209 37.18 -35.05 11.64
CA GLN A 209 35.85 -35.47 12.12
C GLN A 209 34.95 -35.71 10.90
N VAL A 210 34.59 -36.98 10.68
CA VAL A 210 33.77 -37.45 9.54
C VAL A 210 32.51 -38.10 10.13
N ALA A 211 31.69 -37.29 10.78
CA ALA A 211 30.59 -37.77 11.65
C ALA A 211 29.43 -36.77 11.66
N GLY A 212 29.28 -35.98 10.59
CA GLY A 212 28.22 -34.98 10.50
C GLY A 212 28.15 -34.12 11.74
N GLY A 213 26.96 -33.99 12.33
CA GLY A 213 26.68 -33.13 13.50
C GLY A 213 27.39 -33.59 14.77
N THR A 214 27.69 -34.89 14.89
CA THR A 214 28.54 -35.46 15.96
C THR A 214 29.84 -34.66 16.04
N GLY A 215 30.31 -34.16 14.90
CA GLY A 215 31.55 -33.37 14.80
C GLY A 215 31.51 -32.08 15.58
N ALA A 216 30.33 -31.52 15.87
CA ALA A 216 30.21 -30.29 16.69
C ALA A 216 30.92 -30.50 18.04
N GLY A 217 30.87 -31.72 18.57
CA GLY A 217 31.59 -32.11 19.80
C GLY A 217 33.09 -32.04 19.64
N VAL A 218 33.60 -32.51 18.51
CA VAL A 218 35.07 -32.46 18.25
C VAL A 218 35.53 -31.01 18.25
N PHE A 219 34.77 -30.12 17.62
CA PHE A 219 35.05 -28.66 17.57
C PHE A 219 35.03 -28.09 18.99
N ALA A 220 34.01 -28.43 19.77
CA ALA A 220 33.85 -27.97 21.17
C ALA A 220 35.08 -28.38 21.98
N GLU A 221 35.54 -29.62 21.85
CA GLU A 221 36.70 -30.12 22.63
C GLU A 221 37.94 -29.32 22.24
N ALA A 222 38.27 -29.29 20.94
CA ALA A 222 39.47 -28.58 20.42
C ALA A 222 39.46 -27.13 20.92
N LYS A 223 38.29 -26.49 20.97
CA LYS A 223 38.16 -25.08 21.39
C LYS A 223 38.53 -24.94 22.87
N SER A 224 37.95 -25.78 23.72
CA SER A 224 38.22 -25.88 25.18
C SER A 224 39.72 -25.97 25.44
N LEU A 225 40.41 -26.93 24.82
CA LEU A 225 41.87 -27.15 25.00
C LEU A 225 42.64 -25.92 24.55
N ASN A 226 42.30 -25.40 23.36
CA ASN A 226 43.04 -24.32 22.66
C ASN A 226 42.83 -22.99 23.41
N GLU A 227 41.68 -22.80 24.07
CA GLU A 227 41.33 -21.59 24.87
C GLU A 227 42.23 -21.51 26.11
N SER A 228 42.71 -22.65 26.60
CA SER A 228 43.51 -22.79 27.84
C SER A 228 44.97 -23.11 27.50
N ARG A 229 45.46 -22.65 26.34
CA ARG A 229 46.86 -22.92 25.90
C ARG A 229 47.37 -21.75 25.06
N PRO A 230 48.70 -21.56 24.94
CA PRO A 230 49.24 -20.61 23.96
C PRO A 230 48.82 -20.97 22.53
N GLU A 231 48.66 -19.94 21.69
CA GLU A 231 48.35 -20.06 20.24
C GLU A 231 49.25 -21.12 19.61
N ASN A 232 50.57 -21.07 19.84
CA ASN A 232 51.56 -21.89 19.08
C ASN A 232 51.50 -23.36 19.54
N GLU A 233 50.71 -23.68 20.58
CA GLU A 233 50.57 -25.05 21.16
C GLU A 233 49.16 -25.59 20.88
N LYS A 234 48.46 -25.04 19.88
CA LYS A 234 47.04 -25.37 19.62
C LYS A 234 46.98 -26.75 18.99
N VAL A 235 45.79 -27.36 19.05
CA VAL A 235 45.45 -28.63 18.36
C VAL A 235 44.46 -28.30 17.22
N TRP A 236 44.54 -29.06 16.13
CA TRP A 236 43.78 -28.78 14.90
C TRP A 236 42.57 -29.71 14.79
N VAL A 237 41.52 -29.22 14.13
CA VAL A 237 40.39 -29.99 13.57
C VAL A 237 40.44 -29.83 12.05
N ILE A 238 40.16 -30.90 11.33
CA ILE A 238 39.91 -30.86 9.87
C ILE A 238 38.38 -30.90 9.68
N GLY A 239 37.86 -29.90 8.98
CA GLY A 239 36.43 -29.78 8.63
C GLY A 239 36.01 -30.80 7.59
N VAL A 240 34.71 -30.98 7.43
CA VAL A 240 34.13 -32.01 6.52
C VAL A 240 32.90 -31.44 5.82
N ASP A 241 32.71 -31.79 4.55
CA ASP A 241 31.48 -31.59 3.74
C ASP A 241 31.39 -30.13 3.31
N ARG A 242 31.33 -29.20 4.26
CA ARG A 242 31.37 -27.74 4.01
C ARG A 242 32.73 -27.20 4.48
N ASP A 243 33.08 -26.00 4.02
CA ASP A 243 34.24 -25.24 4.55
C ASP A 243 33.86 -24.79 5.97
N GLN A 244 34.48 -25.36 7.00
CA GLN A 244 34.08 -25.11 8.40
C GLN A 244 35.04 -24.11 9.06
N GLU A 245 35.81 -23.33 8.28
CA GLU A 245 36.77 -22.32 8.81
C GLU A 245 36.11 -21.50 9.94
N ALA A 246 34.88 -21.05 9.72
CA ALA A 246 34.15 -20.14 10.64
C ALA A 246 33.98 -20.79 12.04
N GLU A 247 33.95 -22.12 12.14
CA GLU A 247 33.73 -22.85 13.42
C GLU A 247 35.05 -22.95 14.19
N GLY A 248 36.17 -22.54 13.60
CA GLY A 248 37.52 -22.70 14.19
C GLY A 248 38.01 -21.48 14.94
N LYS A 249 37.19 -20.41 15.04
CA LYS A 249 37.56 -19.12 15.68
C LYS A 249 37.67 -19.29 17.21
N TYR A 250 38.77 -18.84 17.82
CA TYR A 250 38.93 -18.81 19.30
C TYR A 250 39.96 -17.76 19.70
N THR A 251 40.00 -17.47 21.01
CA THR A 251 41.04 -16.65 21.68
C THR A 251 41.89 -17.60 22.54
N SER A 252 43.20 -17.65 22.29
CA SER A 252 44.20 -18.43 23.05
C SER A 252 44.32 -17.89 24.49
N LYS A 253 45.04 -18.60 25.37
CA LYS A 253 45.35 -18.17 26.77
C LYS A 253 46.19 -16.88 26.72
N ASP A 254 47.24 -16.93 25.89
CA ASP A 254 48.10 -15.86 25.31
C ASP A 254 47.37 -14.55 24.99
N GLY A 255 46.08 -14.62 24.67
CA GLY A 255 45.24 -13.47 24.26
C GLY A 255 45.22 -13.23 22.75
N LYS A 256 45.88 -14.06 21.95
CA LYS A 256 45.90 -13.98 20.45
C LYS A 256 44.60 -14.57 19.88
N GLU A 257 43.93 -13.86 18.97
CA GLU A 257 42.77 -14.37 18.19
C GLU A 257 43.33 -15.25 17.06
N SER A 258 42.78 -16.45 16.89
CA SER A 258 43.30 -17.47 15.93
C SER A 258 42.19 -18.39 15.46
N ASN A 259 42.57 -19.44 14.73
CA ASN A 259 41.64 -20.41 14.12
C ASN A 259 42.29 -21.78 14.18
N PHE A 260 41.57 -22.80 14.62
CA PHE A 260 42.14 -24.17 14.79
C PHE A 260 41.64 -25.11 13.68
N VAL A 261 40.96 -24.59 12.65
CA VAL A 261 40.59 -25.42 11.47
C VAL A 261 41.76 -25.39 10.49
N LEU A 262 42.36 -26.56 10.23
CA LEU A 262 43.55 -26.66 9.36
C LEU A 262 43.09 -26.58 7.91
N VAL A 263 42.21 -27.49 7.51
CA VAL A 263 41.66 -27.61 6.13
C VAL A 263 40.25 -28.19 6.30
N SER A 264 39.46 -28.24 5.24
CA SER A 264 38.14 -28.91 5.23
C SER A 264 38.02 -29.73 3.95
N THR A 265 37.55 -30.96 4.04
CA THR A 265 37.10 -31.69 2.83
C THR A 265 35.75 -31.10 2.43
N LEU A 266 35.50 -30.97 1.14
CA LEU A 266 34.22 -30.42 0.59
C LEU A 266 33.50 -31.55 -0.10
N LYS A 267 32.18 -31.62 0.08
CA LYS A 267 31.27 -32.58 -0.58
C LYS A 267 30.07 -31.74 -1.05
N GLN A 268 29.95 -31.53 -2.35
CA GLN A 268 28.99 -30.56 -2.93
C GLN A 268 27.59 -31.19 -3.02
N VAL A 269 27.02 -31.56 -1.88
CA VAL A 269 25.68 -32.20 -1.81
C VAL A 269 24.63 -31.16 -2.26
N GLY A 270 24.74 -29.92 -1.78
CA GLY A 270 23.84 -28.83 -2.17
C GLY A 270 23.78 -28.61 -3.67
N THR A 271 24.93 -28.59 -4.34
CA THR A 271 25.04 -28.43 -5.80
C THR A 271 24.30 -29.58 -6.48
N THR A 272 24.54 -30.81 -6.05
CA THR A 272 23.84 -32.00 -6.62
C THR A 272 22.32 -31.83 -6.46
N VAL A 273 21.83 -31.42 -5.28
CA VAL A 273 20.36 -31.30 -5.02
C VAL A 273 19.77 -30.30 -6.01
N LYS A 274 20.44 -29.17 -6.21
CA LYS A 274 19.98 -28.07 -7.09
C LYS A 274 19.98 -28.57 -8.56
N ASP A 275 21.07 -29.17 -9.02
CA ASP A 275 21.19 -29.61 -10.44
C ASP A 275 20.11 -30.67 -10.72
N ILE A 276 19.94 -31.66 -9.84
CA ILE A 276 18.96 -32.75 -10.10
C ILE A 276 17.54 -32.21 -9.99
N SER A 277 17.29 -31.25 -9.11
CA SER A 277 15.96 -30.63 -8.97
C SER A 277 15.61 -29.92 -10.28
N ASN A 278 16.58 -29.23 -10.88
CA ASN A 278 16.38 -28.53 -12.17
C ASN A 278 16.11 -29.56 -13.27
N LYS A 279 16.86 -30.66 -13.29
CA LYS A 279 16.66 -31.72 -14.32
C LYS A 279 15.26 -32.33 -14.14
N ALA A 280 14.83 -32.57 -12.91
CA ALA A 280 13.50 -33.14 -12.62
C ALA A 280 12.42 -32.21 -13.17
N GLU A 281 12.53 -30.89 -12.90
CA GLU A 281 11.52 -29.90 -13.32
C GLU A 281 11.45 -29.86 -14.85
N ARG A 282 12.57 -30.05 -15.56
CA ARG A 282 12.64 -29.97 -17.04
C ARG A 282 12.22 -31.30 -17.69
N GLY A 283 11.77 -32.28 -16.90
CA GLY A 283 11.35 -33.61 -17.39
C GLY A 283 12.50 -34.47 -17.91
N GLU A 284 13.71 -34.26 -17.39
CA GLU A 284 14.96 -34.98 -17.75
C GLU A 284 15.58 -35.62 -16.51
N PHE A 285 14.75 -36.13 -15.60
CA PHE A 285 15.23 -36.78 -14.35
C PHE A 285 16.09 -37.97 -14.72
N PRO A 286 17.31 -38.13 -14.17
CA PRO A 286 18.19 -39.26 -14.49
C PRO A 286 17.86 -40.56 -13.73
N GLY A 287 16.60 -40.99 -13.83
CA GLY A 287 16.10 -42.22 -13.22
C GLY A 287 16.87 -43.45 -13.67
N GLY A 288 17.20 -44.33 -12.71
CA GLY A 288 17.94 -45.58 -12.92
C GLY A 288 19.44 -45.36 -12.99
N GLN A 289 19.94 -44.13 -13.00
CA GLN A 289 21.39 -43.86 -13.21
C GLN A 289 22.09 -43.71 -11.86
N VAL A 290 23.40 -43.94 -11.87
CA VAL A 290 24.32 -43.74 -10.72
C VAL A 290 25.23 -42.58 -11.07
N ILE A 291 25.13 -41.47 -10.36
CA ILE A 291 25.97 -40.26 -10.60
C ILE A 291 27.13 -40.29 -9.61
N VAL A 292 28.37 -40.34 -10.11
CA VAL A 292 29.61 -40.38 -9.29
C VAL A 292 30.32 -39.03 -9.43
N TYR A 293 30.43 -38.31 -8.32
CA TYR A 293 31.19 -37.05 -8.21
C TYR A 293 32.55 -37.38 -7.61
N SER A 294 33.62 -36.89 -8.21
CA SER A 294 35.01 -37.14 -7.78
C SER A 294 35.81 -35.84 -7.76
N LEU A 295 37.10 -35.92 -7.52
CA LEU A 295 38.03 -34.77 -7.52
C LEU A 295 38.02 -34.08 -8.90
N LYS A 296 37.95 -34.85 -10.00
CA LYS A 296 38.07 -34.31 -11.39
C LYS A 296 36.95 -33.29 -11.65
N ASP A 297 35.69 -33.58 -11.25
CA ASP A 297 34.52 -32.70 -11.54
C ASP A 297 34.26 -31.74 -10.36
N LYS A 298 35.16 -31.70 -9.37
CA LYS A 298 35.11 -30.79 -8.19
C LYS A 298 33.86 -31.05 -7.32
N GLY A 299 33.25 -32.23 -7.40
CA GLY A 299 32.16 -32.66 -6.52
C GLY A 299 32.67 -32.93 -5.11
N VAL A 300 33.94 -33.35 -4.98
CA VAL A 300 34.70 -33.29 -3.71
C VAL A 300 35.95 -32.45 -3.97
N ASP A 301 36.48 -31.84 -2.92
CA ASP A 301 37.72 -31.02 -2.97
C ASP A 301 38.29 -30.89 -1.55
N LEU A 302 39.40 -30.17 -1.41
CA LEU A 302 39.94 -29.73 -0.11
C LEU A 302 40.05 -28.20 -0.12
N ALA A 303 39.47 -27.52 0.86
CA ALA A 303 39.74 -26.10 1.17
C ALA A 303 41.05 -26.04 1.99
N VAL A 304 42.06 -25.28 1.54
CA VAL A 304 43.42 -25.33 2.16
C VAL A 304 43.61 -24.20 3.18
N THR A 305 42.51 -23.61 3.67
CA THR A 305 42.40 -22.56 4.71
C THR A 305 43.75 -22.17 5.37
N ASN A 306 44.20 -22.87 6.42
CA ASN A 306 45.29 -22.40 7.32
C ASN A 306 46.51 -23.31 7.21
N LEU A 307 46.58 -24.09 6.12
CA LEU A 307 47.71 -24.97 5.80
C LEU A 307 48.94 -24.10 5.49
N SER A 308 50.12 -24.59 5.82
CA SER A 308 51.43 -23.97 5.45
C SER A 308 51.65 -24.12 3.94
N GLU A 309 52.50 -23.27 3.36
CA GLU A 309 52.81 -23.29 1.90
C GLU A 309 53.39 -24.64 1.51
N GLU A 310 54.22 -25.26 2.37
CA GLU A 310 54.79 -26.61 2.12
C GLU A 310 53.63 -27.62 1.97
N GLY A 311 52.66 -27.59 2.90
CA GLY A 311 51.45 -28.41 2.87
C GLY A 311 50.63 -28.18 1.61
N LYS A 312 50.35 -26.92 1.28
CA LYS A 312 49.58 -26.54 0.05
C LYS A 312 50.24 -27.13 -1.19
N LYS A 313 51.58 -27.11 -1.25
CA LYS A 313 52.37 -27.67 -2.39
C LYS A 313 52.14 -29.17 -2.45
N ALA A 314 52.26 -29.87 -1.31
CA ALA A 314 52.12 -31.34 -1.21
C ALA A 314 50.68 -31.76 -1.58
N VAL A 315 49.69 -30.93 -1.24
CA VAL A 315 48.26 -31.20 -1.58
C VAL A 315 48.09 -31.07 -3.09
N GLU A 316 48.61 -29.98 -3.70
CA GLU A 316 48.50 -29.74 -5.17
C GLU A 316 49.18 -30.88 -5.93
N ASP A 317 50.33 -31.37 -5.42
CA ASP A 317 51.10 -32.48 -6.07
C ASP A 317 50.26 -33.76 -6.00
N ALA A 318 49.73 -34.10 -4.83
CA ALA A 318 48.86 -35.27 -4.59
C ALA A 318 47.59 -35.17 -5.46
N LYS A 319 47.02 -33.98 -5.58
CA LYS A 319 45.75 -33.76 -6.33
C LYS A 319 46.00 -34.12 -7.81
N ALA A 320 47.04 -33.54 -8.40
CA ALA A 320 47.47 -33.76 -9.82
C ALA A 320 47.68 -35.25 -10.07
N LYS A 321 48.36 -35.96 -9.15
CA LYS A 321 48.64 -37.41 -9.27
C LYS A 321 47.32 -38.23 -9.21
N ILE A 322 46.31 -37.81 -8.44
CA ILE A 322 45.00 -38.52 -8.36
C ILE A 322 44.26 -38.31 -9.69
N LEU A 323 44.25 -37.08 -10.20
CA LEU A 323 43.57 -36.70 -11.47
C LEU A 323 44.20 -37.44 -12.67
N ASP A 324 45.52 -37.65 -12.68
CA ASP A 324 46.23 -38.23 -13.86
C ASP A 324 46.22 -39.77 -13.79
N GLY A 325 45.96 -40.36 -12.61
CA GLY A 325 45.82 -41.83 -12.44
C GLY A 325 47.07 -42.45 -11.84
N SER A 326 48.12 -41.65 -11.62
CA SER A 326 49.44 -42.05 -11.04
C SER A 326 49.25 -42.67 -9.64
N VAL A 327 48.37 -42.08 -8.81
CA VAL A 327 47.92 -42.63 -7.50
C VAL A 327 46.45 -43.05 -7.64
N LYS A 328 46.18 -44.34 -7.40
CA LYS A 328 44.83 -44.90 -7.16
C LYS A 328 44.62 -44.90 -5.65
N VAL A 329 43.57 -44.22 -5.18
CA VAL A 329 43.26 -44.14 -3.72
C VAL A 329 42.39 -45.32 -3.36
N PRO A 330 42.73 -46.09 -2.30
CA PRO A 330 41.89 -47.21 -1.87
C PRO A 330 40.50 -46.71 -1.41
N GLU A 331 39.48 -47.58 -1.50
CA GLU A 331 38.08 -47.31 -1.07
C GLU A 331 37.76 -48.05 0.23
N LYS A 332 38.58 -49.01 0.66
CA LYS A 332 38.43 -49.75 1.95
C LYS A 332 39.81 -50.11 2.51
N SER B 2 50.16 6.46 -14.26
CA SER B 2 50.92 6.60 -15.58
C SER B 2 52.17 5.73 -15.55
N SER B 3 52.98 5.94 -14.52
CA SER B 3 54.27 5.25 -14.27
C SER B 3 54.33 4.87 -12.78
N HIS B 4 54.96 3.74 -12.45
CA HIS B 4 55.18 3.30 -11.05
C HIS B 4 56.58 2.72 -10.90
N HIS B 5 57.61 3.51 -11.17
CA HIS B 5 59.03 3.04 -11.22
C HIS B 5 59.44 2.51 -9.84
N HIS B 6 59.05 3.19 -8.75
CA HIS B 6 59.36 2.79 -7.35
C HIS B 6 58.30 1.82 -6.85
N HIS B 7 58.52 0.52 -6.96
CA HIS B 7 57.49 -0.53 -6.74
C HIS B 7 58.14 -1.75 -6.08
N HIS B 8 57.41 -2.48 -5.26
CA HIS B 8 57.90 -3.74 -4.64
C HIS B 8 56.87 -4.82 -4.87
N HIS B 9 57.33 -6.04 -5.17
CA HIS B 9 56.47 -7.22 -5.43
C HIS B 9 56.01 -7.75 -4.07
N MET B 10 54.69 -7.85 -3.85
CA MET B 10 54.14 -8.57 -2.67
C MET B 10 53.58 -9.91 -3.17
N SER B 11 53.96 -11.02 -2.54
CA SER B 11 53.57 -12.39 -2.98
C SER B 11 52.17 -12.69 -2.44
N GLY B 12 51.36 -13.42 -3.22
CA GLY B 12 50.02 -13.92 -2.84
C GLY B 12 50.01 -14.61 -1.48
N GLU B 13 51.09 -15.29 -1.12
CA GLU B 13 51.21 -15.99 0.18
C GLU B 13 51.11 -14.99 1.34
N ASN B 14 51.42 -13.69 1.12
CA ASN B 14 51.53 -12.70 2.22
C ASN B 14 50.36 -11.70 2.21
N LEU B 15 49.52 -11.74 1.19
CA LEU B 15 48.41 -10.77 1.03
C LEU B 15 47.18 -11.33 1.72
N TYR B 16 46.48 -10.51 2.49
CA TYR B 16 45.14 -10.88 2.96
C TYR B 16 44.22 -9.67 2.92
N PHE B 17 42.94 -9.96 2.77
CA PHE B 17 41.83 -8.98 2.88
C PHE B 17 41.21 -9.10 4.26
N GLN B 18 41.18 -7.99 5.00
CA GLN B 18 40.58 -7.92 6.34
C GLN B 18 39.07 -7.97 6.15
N GLY B 19 38.43 -8.90 6.84
CA GLY B 19 36.97 -9.06 6.82
C GLY B 19 36.35 -8.16 7.84
N ALA B 20 35.03 -7.99 7.72
CA ALA B 20 34.12 -7.31 8.66
C ALA B 20 33.14 -8.34 9.23
N SER B 21 32.46 -7.99 10.31
CA SER B 21 31.36 -8.78 10.89
C SER B 21 30.12 -7.90 10.92
N ALA B 22 29.05 -8.34 10.26
CA ALA B 22 27.81 -7.54 10.06
C ALA B 22 26.64 -8.17 10.83
N ALA B 23 25.87 -7.35 11.53
CA ALA B 23 24.63 -7.80 12.23
C ALA B 23 23.47 -6.89 11.86
N ILE B 24 22.26 -7.46 11.79
CA ILE B 24 21.01 -6.68 11.66
C ILE B 24 20.30 -6.69 13.01
N VAL B 25 19.84 -5.53 13.46
CA VAL B 25 18.91 -5.38 14.59
C VAL B 25 17.52 -5.18 14.02
N THR B 26 16.63 -6.10 14.31
CA THR B 26 15.29 -6.23 13.73
C THR B 26 14.27 -5.68 14.73
N ASP B 27 13.08 -5.37 14.23
CA ASP B 27 11.91 -4.94 15.05
C ASP B 27 11.16 -6.18 15.53
N THR B 28 10.12 -6.03 16.34
CA THR B 28 9.29 -7.20 16.76
C THR B 28 8.47 -7.66 15.55
N GLY B 29 8.38 -8.98 15.41
CA GLY B 29 7.76 -9.67 14.26
C GLY B 29 8.80 -10.54 13.57
N GLY B 30 9.97 -9.94 13.36
CA GLY B 30 11.23 -10.71 13.22
C GLY B 30 11.47 -11.19 11.80
N VAL B 31 12.48 -12.03 11.71
CA VAL B 31 13.16 -12.41 10.45
C VAL B 31 12.34 -13.45 9.69
N ASP B 32 11.17 -13.84 10.21
CA ASP B 32 10.24 -14.80 9.54
C ASP B 32 8.94 -14.07 9.18
N ASP B 33 8.98 -12.75 8.97
CA ASP B 33 7.81 -11.91 8.59
C ASP B 33 7.44 -12.11 7.10
N LYS B 34 8.22 -12.87 6.33
CA LYS B 34 7.94 -13.18 4.90
C LYS B 34 8.01 -11.92 4.03
N SER B 35 8.61 -10.85 4.55
CA SER B 35 8.61 -9.53 3.89
C SER B 35 9.88 -8.77 4.28
N PHE B 36 9.76 -7.66 5.00
CA PHE B 36 10.83 -6.65 5.19
C PHE B 36 12.02 -7.25 5.97
N ASN B 37 11.79 -7.73 7.18
CA ASN B 37 12.89 -8.22 8.05
C ASN B 37 13.48 -9.48 7.42
N GLN B 38 12.64 -10.32 6.82
CA GLN B 38 13.13 -11.56 6.17
C GLN B 38 14.05 -11.20 5.01
N SER B 39 13.69 -10.19 4.20
CA SER B 39 14.51 -9.74 3.05
C SER B 39 15.90 -9.36 3.56
N ALA B 40 15.97 -8.52 4.61
CA ALA B 40 17.22 -8.10 5.26
C ALA B 40 18.05 -9.33 5.65
N TRP B 41 17.41 -10.29 6.31
CA TRP B 41 18.09 -11.48 6.89
C TRP B 41 18.58 -12.40 5.77
N GLU B 42 17.78 -12.58 4.71
CA GLU B 42 18.13 -13.43 3.54
C GLU B 42 19.38 -12.81 2.90
N GLY B 43 19.45 -11.48 2.85
CA GLY B 43 20.57 -10.73 2.30
C GLY B 43 21.82 -10.92 3.13
N LEU B 44 21.69 -10.84 4.46
CA LEU B 44 22.84 -10.98 5.36
C LEU B 44 23.38 -12.42 5.29
N GLN B 45 22.51 -13.42 5.22
CA GLN B 45 22.93 -14.83 5.10
C GLN B 45 23.66 -15.06 3.77
N ALA B 46 23.19 -14.44 2.68
CA ALA B 46 23.83 -14.53 1.35
C ALA B 46 25.22 -13.92 1.44
N TRP B 47 25.34 -12.77 2.10
CA TRP B 47 26.63 -12.10 2.31
C TRP B 47 27.56 -13.04 3.11
N GLY B 48 27.06 -13.65 4.17
CA GLY B 48 27.77 -14.65 5.00
C GLY B 48 28.29 -15.85 4.19
N LYS B 49 27.46 -16.41 3.32
CA LYS B 49 27.80 -17.54 2.41
C LYS B 49 28.98 -17.13 1.52
N GLU B 50 28.92 -15.92 0.96
CA GLU B 50 29.92 -15.36 0.02
C GLU B 50 31.26 -15.17 0.74
N HIS B 51 31.26 -14.96 2.06
CA HIS B 51 32.48 -14.70 2.88
C HIS B 51 32.84 -15.91 3.76
N ASN B 52 32.20 -17.07 3.56
CA ASN B 52 32.58 -18.33 4.23
C ASN B 52 32.34 -18.21 5.74
N LEU B 53 31.25 -17.57 6.14
CA LEU B 53 30.85 -17.34 7.56
C LEU B 53 29.63 -18.18 7.88
N SER B 54 29.26 -18.23 9.16
CA SER B 54 28.04 -18.91 9.64
C SER B 54 27.39 -18.04 10.73
N LYS B 55 26.12 -18.33 11.06
CA LYS B 55 25.38 -17.55 12.08
C LYS B 55 26.19 -17.53 13.38
N ASP B 56 26.43 -16.35 13.93
CA ASP B 56 27.17 -16.08 15.20
C ASP B 56 28.68 -16.33 15.00
N ASN B 57 29.12 -16.46 13.74
CA ASN B 57 30.56 -16.52 13.37
C ASN B 57 30.79 -15.62 12.15
N GLY B 58 30.48 -14.33 12.32
CA GLY B 58 30.69 -13.27 11.31
C GLY B 58 29.42 -12.49 10.99
N PHE B 59 28.25 -13.09 11.17
CA PHE B 59 26.95 -12.41 10.98
C PHE B 59 25.91 -13.00 11.94
N THR B 60 24.89 -12.21 12.26
CA THR B 60 23.76 -12.62 13.13
C THR B 60 22.68 -11.54 13.12
N TYR B 61 21.51 -11.86 13.65
CA TYR B 61 20.43 -10.89 13.89
C TYR B 61 20.14 -10.84 15.38
N PHE B 62 19.75 -9.65 15.86
CA PHE B 62 19.18 -9.41 17.20
C PHE B 62 17.72 -8.99 17.03
N GLN B 63 16.78 -9.84 17.43
CA GLN B 63 15.34 -9.49 17.49
C GLN B 63 15.13 -8.57 18.70
N SER B 64 14.52 -7.40 18.49
CA SER B 64 14.12 -6.45 19.56
C SER B 64 12.76 -6.88 20.14
N THR B 65 12.66 -6.92 21.47
CA THR B 65 11.41 -7.28 22.20
C THR B 65 10.38 -6.14 22.10
N SER B 66 10.85 -4.91 21.88
CA SER B 66 10.08 -3.61 21.93
C SER B 66 11.03 -2.44 21.62
N GLU B 67 10.52 -1.20 21.57
CA GLU B 67 11.33 0.04 21.35
C GLU B 67 12.44 0.13 22.41
N ALA B 68 12.15 -0.23 23.65
CA ALA B 68 13.10 -0.09 24.78
C ALA B 68 14.33 -0.99 24.56
N ASP B 69 14.18 -2.09 23.83
CA ASP B 69 15.26 -3.09 23.60
C ASP B 69 16.23 -2.66 22.47
N TYR B 70 15.89 -1.63 21.68
CA TYR B 70 16.72 -1.21 20.52
C TYR B 70 18.14 -0.94 21.01
N ALA B 71 18.27 -0.07 22.01
CA ALA B 71 19.56 0.36 22.58
C ALA B 71 20.34 -0.85 23.10
N ASN B 72 19.67 -1.81 23.73
CA ASN B 72 20.31 -3.00 24.37
C ASN B 72 20.86 -3.89 23.25
N ASN B 73 20.06 -4.12 22.21
CA ASN B 73 20.48 -4.93 21.04
C ASN B 73 21.66 -4.27 20.32
N LEU B 74 21.63 -2.96 20.11
CA LEU B 74 22.73 -2.25 19.39
C LEU B 74 24.03 -2.34 20.21
N GLN B 75 23.93 -2.19 21.53
CA GLN B 75 25.09 -2.28 22.45
C GLN B 75 25.64 -3.71 22.41
N GLN B 76 24.76 -4.72 22.40
CA GLN B 76 25.19 -6.14 22.32
C GLN B 76 25.93 -6.36 21.00
N ALA B 77 25.39 -5.87 19.88
CA ALA B 77 25.99 -5.99 18.54
C ALA B 77 27.40 -5.39 18.51
N ALA B 78 27.63 -4.27 19.21
CA ALA B 78 28.93 -3.55 19.23
C ALA B 78 30.03 -4.41 19.88
N GLY B 79 29.64 -5.42 20.65
CA GLY B 79 30.54 -6.44 21.22
C GLY B 79 31.41 -7.13 20.18
N SER B 80 30.86 -7.58 19.06
CA SER B 80 31.62 -8.39 18.06
C SER B 80 31.35 -7.99 16.61
N TYR B 81 30.50 -7.01 16.33
CA TYR B 81 30.11 -6.62 14.93
C TYR B 81 30.54 -5.17 14.69
N ASN B 82 31.12 -4.91 13.52
CA ASN B 82 31.65 -3.55 13.20
C ASN B 82 30.84 -2.92 12.06
N LEU B 83 29.86 -3.63 11.53
CA LEU B 83 28.81 -3.05 10.67
C LEU B 83 27.46 -3.49 11.24
N ILE B 84 26.64 -2.54 11.66
CA ILE B 84 25.37 -2.81 12.39
C ILE B 84 24.25 -2.08 11.65
N PHE B 85 23.24 -2.85 11.26
CA PHE B 85 22.06 -2.38 10.50
C PHE B 85 20.87 -2.27 11.46
N GLY B 86 20.31 -1.08 11.60
CA GLY B 86 18.97 -0.91 12.18
C GLY B 86 17.92 -1.02 11.10
N VAL B 87 17.12 -2.08 11.16
CA VAL B 87 16.10 -2.40 10.12
C VAL B 87 14.75 -1.83 10.56
N GLY B 88 14.40 -0.65 10.05
CA GLY B 88 13.10 -0.01 10.30
C GLY B 88 13.26 1.42 10.76
N PHE B 89 12.34 2.30 10.34
CA PHE B 89 12.39 3.76 10.63
C PHE B 89 12.45 4.03 12.14
N ALA B 90 11.83 3.17 12.95
CA ALA B 90 11.65 3.36 14.41
C ALA B 90 13.01 3.33 15.11
N LEU B 91 14.04 2.73 14.50
CA LEU B 91 15.36 2.58 15.15
C LEU B 91 16.19 3.86 14.99
N ASN B 92 15.62 4.91 14.39
CA ASN B 92 16.33 6.18 14.12
C ASN B 92 17.13 6.65 15.34
N ASN B 93 16.47 6.95 16.44
CA ASN B 93 17.12 7.62 17.62
C ASN B 93 18.17 6.69 18.22
N ALA B 94 17.85 5.41 18.41
CA ALA B 94 18.73 4.42 19.04
C ALA B 94 20.01 4.24 18.18
N VAL B 95 19.88 4.22 16.86
CA VAL B 95 21.06 4.12 15.94
C VAL B 95 21.94 5.39 16.07
N LYS B 96 21.33 6.57 16.08
CA LYS B 96 22.08 7.85 16.24
C LYS B 96 22.88 7.80 17.54
N ASP B 97 22.28 7.34 18.64
CA ASP B 97 22.92 7.34 19.99
C ASP B 97 24.09 6.34 19.97
N ALA B 98 23.87 5.14 19.42
CA ALA B 98 24.86 4.05 19.36
C ALA B 98 26.06 4.51 18.53
N ALA B 99 25.80 5.19 17.40
CA ALA B 99 26.86 5.68 16.48
C ALA B 99 27.75 6.73 17.17
N LYS B 100 27.20 7.51 18.11
CA LYS B 100 27.94 8.56 18.85
C LYS B 100 28.82 7.91 19.92
N GLU B 101 28.39 6.80 20.53
CA GLU B 101 29.16 6.04 21.55
C GLU B 101 30.32 5.27 20.89
N HIS B 102 30.13 4.76 19.67
CA HIS B 102 31.08 3.86 18.97
C HIS B 102 31.46 4.45 17.61
N THR B 103 32.27 5.51 17.58
CA THR B 103 32.67 6.23 16.35
C THR B 103 33.57 5.34 15.47
N ASP B 104 34.14 4.28 16.04
CA ASP B 104 35.03 3.32 15.36
C ASP B 104 34.19 2.27 14.59
N LEU B 105 32.88 2.13 14.87
CA LEU B 105 31.99 1.17 14.17
C LEU B 105 31.12 1.91 13.15
N ASN B 106 30.56 1.16 12.20
CA ASN B 106 29.69 1.70 11.12
C ASN B 106 28.25 1.21 11.32
N TYR B 107 27.29 2.10 11.07
CA TYR B 107 25.86 1.88 11.33
C TYR B 107 25.06 2.22 10.08
N VAL B 108 24.05 1.43 9.79
CA VAL B 108 23.14 1.68 8.65
C VAL B 108 21.73 1.76 9.20
N LEU B 109 20.99 2.79 8.82
CA LEU B 109 19.53 2.84 9.10
C LEU B 109 18.77 2.57 7.81
N ILE B 110 17.83 1.62 7.83
CA ILE B 110 16.97 1.29 6.67
C ILE B 110 15.58 1.92 6.89
N ASP B 111 15.13 2.71 5.92
CA ASP B 111 13.77 3.31 5.78
C ASP B 111 13.69 4.66 6.48
N ASP B 112 14.80 5.25 6.92
CA ASP B 112 14.79 6.65 7.40
C ASP B 112 16.19 7.26 7.30
N VAL B 113 16.32 8.55 7.60
CA VAL B 113 17.55 9.35 7.38
C VAL B 113 18.09 9.85 8.71
N ILE B 114 19.39 9.68 8.93
CA ILE B 114 20.16 10.35 10.01
C ILE B 114 21.14 11.29 9.31
N LYS B 115 21.24 12.54 9.75
CA LYS B 115 22.11 13.56 9.11
C LYS B 115 23.33 13.83 10.00
N ASP B 116 24.44 14.22 9.38
CA ASP B 116 25.64 14.82 10.03
C ASP B 116 26.33 13.80 10.93
N GLN B 117 26.46 12.55 10.50
CA GLN B 117 27.16 11.49 11.28
C GLN B 117 28.01 10.66 10.33
N LYS B 118 29.33 10.83 10.41
CA LYS B 118 30.35 10.24 9.49
C LYS B 118 30.23 8.71 9.46
N ASN B 119 29.76 8.06 10.53
CA ASN B 119 29.76 6.58 10.66
C ASN B 119 28.34 6.01 10.50
N VAL B 120 27.41 6.79 9.92
CA VAL B 120 26.03 6.31 9.66
C VAL B 120 25.67 6.54 8.19
N ALA B 121 25.20 5.49 7.53
CA ALA B 121 24.61 5.54 6.18
C ALA B 121 23.09 5.33 6.35
N SER B 122 22.31 6.00 5.52
CA SER B 122 20.83 5.98 5.52
C SER B 122 20.39 5.40 4.18
N VAL B 123 19.45 4.48 4.21
CA VAL B 123 18.90 3.84 2.99
C VAL B 123 17.40 4.11 2.97
N THR B 124 16.89 4.63 1.86
CA THR B 124 15.43 4.77 1.63
C THR B 124 15.08 4.18 0.27
N PHE B 125 13.82 3.81 0.13
CA PHE B 125 13.21 3.24 -1.09
C PHE B 125 12.04 4.10 -1.51
N ALA B 126 11.95 4.39 -2.82
CA ALA B 126 10.78 5.02 -3.46
C ALA B 126 9.65 3.98 -3.55
N ASP B 127 9.08 3.64 -2.41
CA ASP B 127 7.97 2.66 -2.29
C ASP B 127 6.70 3.27 -2.87
N ASN B 128 6.64 4.59 -3.02
CA ASN B 128 5.57 5.30 -3.76
C ASN B 128 5.55 4.78 -5.20
N GLU B 129 6.72 4.58 -5.82
CA GLU B 129 6.83 4.21 -7.24
C GLU B 129 6.29 2.79 -7.41
N SER B 130 6.74 1.84 -6.58
CA SER B 130 6.29 0.43 -6.68
C SER B 130 4.81 0.37 -6.30
N GLY B 131 4.39 1.17 -5.32
CA GLY B 131 2.99 1.27 -4.90
C GLY B 131 2.10 1.69 -6.04
N TYR B 132 2.52 2.70 -6.80
CA TYR B 132 1.81 3.19 -8.00
C TYR B 132 1.53 2.01 -8.92
N LEU B 133 2.58 1.27 -9.28
CA LEU B 133 2.46 0.10 -10.19
C LEU B 133 1.45 -0.89 -9.61
N ALA B 134 1.47 -1.11 -8.30
CA ALA B 134 0.53 -2.02 -7.61
C ALA B 134 -0.91 -1.50 -7.78
N GLY B 135 -1.09 -0.18 -7.67
CA GLY B 135 -2.38 0.50 -7.87
C GLY B 135 -2.91 0.29 -9.29
N VAL B 136 -2.05 0.48 -10.29
CA VAL B 136 -2.41 0.26 -11.72
C VAL B 136 -2.89 -1.20 -11.86
N ALA B 137 -2.15 -2.14 -11.30
CA ALA B 137 -2.46 -3.59 -11.38
C ALA B 137 -3.85 -3.84 -10.78
N ALA B 138 -4.10 -3.30 -9.59
CA ALA B 138 -5.35 -3.48 -8.82
C ALA B 138 -6.53 -2.90 -9.63
N ALA B 139 -6.35 -1.69 -10.16
CA ALA B 139 -7.38 -0.96 -10.94
C ALA B 139 -7.77 -1.75 -12.19
N LYS B 140 -6.83 -2.49 -12.77
CA LYS B 140 -7.05 -3.25 -14.03
C LYS B 140 -7.63 -4.64 -13.70
N THR B 141 -7.83 -4.98 -12.44
CA THR B 141 -8.28 -6.33 -12.01
C THR B 141 -9.63 -6.26 -11.27
N THR B 142 -9.83 -5.27 -10.39
CA THR B 142 -11.02 -5.20 -9.49
C THR B 142 -12.31 -5.25 -10.32
N LYS B 143 -13.23 -6.15 -9.96
CA LYS B 143 -14.57 -6.30 -10.61
C LYS B 143 -15.63 -5.56 -9.78
N THR B 144 -15.43 -5.43 -8.45
CA THR B 144 -16.33 -4.69 -7.53
C THR B 144 -16.02 -3.19 -7.50
N LYS B 145 -14.95 -2.73 -8.16
CA LYS B 145 -14.46 -1.32 -8.15
C LYS B 145 -14.16 -0.85 -6.72
N GLN B 146 -13.84 -1.76 -5.79
CA GLN B 146 -13.34 -1.42 -4.44
C GLN B 146 -12.11 -2.24 -4.09
N VAL B 147 -11.07 -1.58 -3.58
CA VAL B 147 -9.81 -2.24 -3.13
C VAL B 147 -9.47 -1.75 -1.72
N GLY B 148 -8.70 -2.54 -0.98
CA GLY B 148 -8.28 -2.25 0.39
C GLY B 148 -6.78 -2.05 0.51
N PHE B 149 -6.37 -1.20 1.45
CA PHE B 149 -4.96 -0.95 1.84
C PHE B 149 -4.84 -1.13 3.35
N VAL B 150 -4.05 -2.09 3.80
CA VAL B 150 -3.79 -2.37 5.24
C VAL B 150 -2.37 -1.92 5.59
N GLY B 151 -2.20 -0.79 6.25
CA GLY B 151 -0.89 -0.28 6.66
C GLY B 151 -0.52 -0.80 8.04
N GLY B 152 0.77 -0.80 8.37
CA GLY B 152 1.24 -1.16 9.72
C GLY B 152 1.13 0.03 10.67
N ILE B 153 2.13 0.91 10.66
CA ILE B 153 2.20 2.09 11.56
C ILE B 153 2.18 3.34 10.69
N GLU B 154 1.29 4.28 11.02
CA GLU B 154 1.21 5.58 10.32
C GLU B 154 2.59 6.24 10.40
N SER B 155 3.16 6.62 9.24
CA SER B 155 4.57 7.08 9.11
C SER B 155 4.81 7.65 7.72
N GLU B 156 5.85 8.48 7.57
CA GLU B 156 6.38 8.91 6.25
C GLU B 156 6.43 7.68 5.34
N VAL B 157 6.99 6.57 5.85
CA VAL B 157 7.36 5.36 5.07
C VAL B 157 6.09 4.71 4.52
N ILE B 158 5.10 4.44 5.35
CA ILE B 158 3.88 3.72 4.88
C ILE B 158 3.04 4.69 4.04
N SER B 159 3.10 5.98 4.35
CA SER B 159 2.37 7.06 3.62
C SER B 159 2.88 7.11 2.17
N ARG B 160 4.16 6.84 1.94
CA ARG B 160 4.73 6.78 0.56
C ARG B 160 4.01 5.66 -0.20
N PHE B 161 3.84 4.50 0.42
CA PHE B 161 3.18 3.34 -0.22
C PHE B 161 1.74 3.70 -0.55
N GLU B 162 1.04 4.29 0.43
CA GLU B 162 -0.42 4.60 0.37
C GLU B 162 -0.67 5.62 -0.73
N ALA B 163 0.10 6.69 -0.76
CA ALA B 163 -0.04 7.81 -1.73
C ALA B 163 0.23 7.28 -3.14
N GLY B 164 1.30 6.50 -3.30
CA GLY B 164 1.65 5.86 -4.59
C GLY B 164 0.51 4.95 -5.03
N PHE B 165 0.01 4.10 -4.14
CA PHE B 165 -1.04 3.09 -4.45
C PHE B 165 -2.33 3.80 -4.90
N LYS B 166 -2.78 4.83 -4.15
CA LYS B 166 -4.04 5.52 -4.51
C LYS B 166 -3.85 6.31 -5.82
N ALA B 167 -2.71 6.97 -6.03
CA ALA B 167 -2.37 7.68 -7.28
C ALA B 167 -2.41 6.69 -8.45
N GLY B 168 -1.94 5.47 -8.24
CA GLY B 168 -1.86 4.42 -9.28
C GLY B 168 -3.23 3.93 -9.66
N VAL B 169 -4.10 3.69 -8.67
CA VAL B 169 -5.51 3.28 -8.87
C VAL B 169 -6.22 4.39 -9.63
N ALA B 170 -6.08 5.65 -9.18
CA ALA B 170 -6.73 6.85 -9.75
C ALA B 170 -6.29 7.10 -11.21
N SER B 171 -5.07 6.74 -11.58
CA SER B 171 -4.49 6.99 -12.94
C SER B 171 -5.21 6.15 -14.01
N VAL B 172 -5.88 5.07 -13.57
CA VAL B 172 -6.58 4.10 -14.45
C VAL B 172 -8.10 4.34 -14.38
N ASP B 173 -8.65 4.51 -13.17
CA ASP B 173 -10.10 4.70 -12.91
C ASP B 173 -10.29 5.39 -11.56
N PRO B 174 -10.48 6.73 -11.52
CA PRO B 174 -10.68 7.44 -10.25
C PRO B 174 -11.97 7.09 -9.51
N SER B 175 -12.87 6.35 -10.17
CA SER B 175 -14.19 5.93 -9.62
C SER B 175 -13.98 4.83 -8.56
N ILE B 176 -12.83 4.15 -8.56
CA ILE B 176 -12.50 3.01 -7.65
C ILE B 176 -12.28 3.55 -6.24
N LYS B 177 -12.97 2.98 -5.26
CA LYS B 177 -12.87 3.39 -3.84
C LYS B 177 -11.73 2.57 -3.21
N VAL B 178 -10.84 3.27 -2.50
CA VAL B 178 -9.69 2.68 -1.77
C VAL B 178 -9.96 2.81 -0.27
N GLN B 179 -10.32 1.71 0.39
CA GLN B 179 -10.47 1.62 1.86
C GLN B 179 -9.09 1.51 2.49
N VAL B 180 -8.73 2.47 3.35
CA VAL B 180 -7.44 2.55 4.08
C VAL B 180 -7.68 2.32 5.57
N ASP B 181 -6.90 1.42 6.18
CA ASP B 181 -6.94 1.07 7.62
C ASP B 181 -5.55 0.67 8.07
N TYR B 182 -5.13 1.15 9.23
CA TYR B 182 -3.80 0.90 9.83
C TYR B 182 -3.99 0.00 11.04
N ALA B 183 -3.01 -0.86 11.29
CA ALA B 183 -3.04 -1.86 12.38
C ALA B 183 -2.37 -1.30 13.64
N GLY B 184 -1.54 -0.27 13.51
CA GLY B 184 -0.74 0.28 14.62
C GLY B 184 0.48 -0.59 14.94
N SER B 185 0.80 -1.60 14.12
CA SER B 185 1.90 -2.56 14.40
C SER B 185 2.34 -3.29 13.12
N PHE B 186 3.61 -3.67 13.06
CA PHE B 186 4.20 -4.54 12.00
C PHE B 186 4.27 -6.00 12.47
N GLY B 187 3.87 -6.31 13.70
CA GLY B 187 3.93 -7.68 14.24
C GLY B 187 2.64 -8.09 14.94
N ASP B 188 1.49 -7.74 14.35
CA ASP B 188 0.13 -8.03 14.90
C ASP B 188 -0.74 -8.69 13.82
N ALA B 189 -0.50 -9.98 13.56
CA ALA B 189 -1.24 -10.79 12.56
C ALA B 189 -2.75 -10.71 12.82
N ALA B 190 -3.18 -10.82 14.08
CA ALA B 190 -4.59 -10.88 14.50
C ALA B 190 -5.31 -9.61 14.04
N LYS B 191 -4.66 -8.46 14.13
CA LYS B 191 -5.26 -7.17 13.71
C LYS B 191 -5.35 -7.12 12.18
N GLY B 192 -4.33 -7.60 11.48
CA GLY B 192 -4.35 -7.76 10.01
C GLY B 192 -5.54 -8.58 9.56
N LYS B 193 -5.80 -9.70 10.22
CA LYS B 193 -6.94 -10.62 9.90
C LYS B 193 -8.26 -9.85 10.06
N THR B 194 -8.47 -9.20 11.21
CA THR B 194 -9.73 -8.46 11.52
C THR B 194 -9.93 -7.35 10.48
N ILE B 195 -8.89 -6.58 10.13
CA ILE B 195 -9.01 -5.43 9.19
C ILE B 195 -9.33 -5.96 7.80
N ALA B 196 -8.66 -7.01 7.35
CA ALA B 196 -8.90 -7.65 6.03
C ALA B 196 -10.34 -8.15 5.98
N ALA B 197 -10.78 -8.86 7.02
CA ALA B 197 -12.15 -9.42 7.13
C ALA B 197 -13.18 -8.34 6.83
N ALA B 198 -13.03 -7.17 7.45
CA ALA B 198 -13.96 -6.00 7.32
C ALA B 198 -13.83 -5.36 5.94
N GLN B 199 -12.61 -5.22 5.40
CA GLN B 199 -12.36 -4.61 4.07
C GLN B 199 -13.00 -5.47 2.98
N TYR B 200 -12.84 -6.79 3.07
CA TYR B 200 -13.46 -7.79 2.13
C TYR B 200 -14.98 -7.78 2.29
N ALA B 201 -15.50 -7.91 3.52
CA ALA B 201 -16.94 -7.87 3.85
C ALA B 201 -17.61 -6.59 3.30
N ALA B 202 -16.92 -5.44 3.33
CA ALA B 202 -17.42 -4.13 2.83
C ALA B 202 -17.24 -4.03 1.32
N GLY B 203 -16.80 -5.11 0.65
CA GLY B 203 -16.90 -5.29 -0.82
C GLY B 203 -15.60 -5.12 -1.58
N ALA B 204 -14.46 -5.01 -0.90
CA ALA B 204 -13.12 -5.02 -1.55
C ALA B 204 -12.85 -6.42 -2.11
N ASP B 205 -12.34 -6.53 -3.33
CA ASP B 205 -11.94 -7.83 -3.93
C ASP B 205 -10.42 -7.92 -4.04
N ILE B 206 -9.68 -6.85 -3.69
CA ILE B 206 -8.20 -6.84 -3.61
C ILE B 206 -7.78 -6.06 -2.35
N VAL B 207 -6.88 -6.63 -1.55
CA VAL B 207 -6.22 -5.94 -0.41
C VAL B 207 -4.71 -5.94 -0.62
N TYR B 208 -4.10 -4.76 -0.63
CA TYR B 208 -2.64 -4.54 -0.57
C TYR B 208 -2.25 -4.44 0.90
N GLN B 209 -1.41 -5.35 1.38
CA GLN B 209 -0.99 -5.41 2.82
C GLN B 209 0.44 -4.88 2.93
N VAL B 210 0.60 -3.70 3.53
CA VAL B 210 1.89 -2.99 3.70
C VAL B 210 2.13 -2.85 5.20
N ALA B 211 2.33 -3.98 5.88
CA ALA B 211 2.30 -4.06 7.36
C ALA B 211 3.21 -5.17 7.86
N GLY B 212 4.25 -5.51 7.11
CA GLY B 212 5.20 -6.57 7.49
C GLY B 212 4.47 -7.83 7.92
N GLY B 213 4.80 -8.38 9.09
CA GLY B 213 4.26 -9.65 9.62
C GLY B 213 2.77 -9.56 9.97
N THR B 214 2.25 -8.37 10.27
CA THR B 214 0.80 -8.10 10.42
C THR B 214 0.06 -8.62 9.19
N GLY B 215 0.71 -8.58 8.03
CA GLY B 215 0.18 -9.03 6.74
C GLY B 215 -0.15 -10.50 6.73
N ALA B 216 0.50 -11.32 7.56
CA ALA B 216 0.20 -12.78 7.64
C ALA B 216 -1.29 -12.97 7.93
N GLY B 217 -1.89 -12.08 8.72
CA GLY B 217 -3.34 -12.07 9.01
C GLY B 217 -4.16 -11.83 7.75
N VAL B 218 -3.76 -10.88 6.92
CA VAL B 218 -4.48 -10.58 5.65
C VAL B 218 -4.46 -11.83 4.76
N PHE B 219 -3.32 -12.52 4.66
CA PHE B 219 -3.16 -13.77 3.87
C PHE B 219 -4.10 -14.85 4.43
N ALA B 220 -4.10 -15.03 5.76
CA ALA B 220 -4.96 -16.01 6.45
C ALA B 220 -6.43 -15.73 6.11
N GLU B 221 -6.87 -14.47 6.18
CA GLU B 221 -8.29 -14.12 5.93
C GLU B 221 -8.64 -14.44 4.49
N ALA B 222 -7.88 -13.93 3.53
CA ALA B 222 -8.12 -14.16 2.08
C ALA B 222 -8.21 -15.66 1.80
N LYS B 223 -7.38 -16.46 2.45
CA LYS B 223 -7.34 -17.93 2.24
C LYS B 223 -8.65 -18.55 2.72
N SER B 224 -9.06 -18.23 3.94
CA SER B 224 -10.33 -18.66 4.58
C SER B 224 -11.52 -18.41 3.64
N LEU B 225 -11.69 -17.18 3.17
CA LEU B 225 -12.81 -16.79 2.27
C LEU B 225 -12.72 -17.59 0.97
N ASN B 226 -11.53 -17.65 0.37
CA ASN B 226 -11.28 -18.22 -0.97
C ASN B 226 -11.46 -19.76 -0.93
N GLU B 227 -11.17 -20.39 0.21
CA GLU B 227 -11.29 -21.86 0.41
C GLU B 227 -12.77 -22.27 0.41
N SER B 228 -13.66 -21.34 0.77
CA SER B 228 -15.12 -21.55 0.94
C SER B 228 -15.87 -20.88 -0.20
N ARG B 229 -15.28 -20.73 -1.39
CA ARG B 229 -15.93 -20.07 -2.56
C ARG B 229 -15.41 -20.69 -3.86
N PRO B 230 -16.16 -20.59 -4.97
CA PRO B 230 -15.63 -20.95 -6.28
C PRO B 230 -14.36 -20.13 -6.64
N GLU B 231 -13.45 -20.76 -7.39
CA GLU B 231 -12.20 -20.14 -7.91
C GLU B 231 -12.52 -18.77 -8.51
N ASN B 232 -13.54 -18.66 -9.36
CA ASN B 232 -13.81 -17.44 -10.18
C ASN B 232 -14.38 -16.32 -9.29
N GLU B 233 -14.67 -16.59 -8.01
CA GLU B 233 -15.25 -15.61 -7.04
C GLU B 233 -14.20 -15.28 -5.96
N LYS B 234 -12.91 -15.52 -6.22
CA LYS B 234 -11.86 -15.41 -5.18
C LYS B 234 -11.58 -13.92 -4.96
N VAL B 235 -10.97 -13.62 -3.81
CA VAL B 235 -10.46 -12.27 -3.46
C VAL B 235 -8.92 -12.30 -3.50
N TRP B 236 -8.32 -11.19 -3.90
CA TRP B 236 -6.86 -11.08 -4.13
C TRP B 236 -6.18 -10.41 -2.93
N VAL B 237 -4.92 -10.78 -2.71
CA VAL B 237 -3.92 -10.07 -1.87
C VAL B 237 -2.81 -9.61 -2.81
N ILE B 238 -2.30 -8.39 -2.61
CA ILE B 238 -1.04 -7.93 -3.25
C ILE B 238 0.08 -8.09 -2.21
N GLY B 239 1.13 -8.82 -2.61
CA GLY B 239 2.32 -9.06 -1.78
C GLY B 239 3.17 -7.81 -1.63
N VAL B 240 4.08 -7.83 -0.66
CA VAL B 240 4.92 -6.65 -0.33
C VAL B 240 6.33 -7.12 -0.01
N ASP B 241 7.33 -6.33 -0.43
CA ASP B 241 8.76 -6.42 -0.02
C ASP B 241 9.42 -7.59 -0.76
N ARG B 242 8.92 -8.80 -0.55
CA ARG B 242 9.34 -10.03 -1.27
C ARG B 242 8.25 -10.42 -2.27
N ASP B 243 8.61 -11.23 -3.26
CA ASP B 243 7.63 -11.91 -4.15
C ASP B 243 6.92 -12.96 -3.28
N GLN B 244 5.65 -12.74 -2.95
CA GLN B 244 4.91 -13.60 -1.98
C GLN B 244 4.01 -14.58 -2.75
N GLU B 245 4.21 -14.79 -4.05
CA GLU B 245 3.38 -15.73 -4.88
C GLU B 245 3.13 -17.05 -4.13
N ALA B 246 4.17 -17.62 -3.54
CA ALA B 246 4.12 -18.93 -2.87
C ALA B 246 3.10 -18.92 -1.71
N GLU B 247 2.82 -17.77 -1.09
CA GLU B 247 1.91 -17.66 0.09
C GLU B 247 0.45 -17.60 -0.38
N GLY B 248 0.21 -17.53 -1.69
CA GLY B 248 -1.14 -17.34 -2.26
C GLY B 248 -1.79 -18.65 -2.68
N LYS B 249 -1.15 -19.79 -2.43
CA LYS B 249 -1.64 -21.13 -2.86
C LYS B 249 -2.81 -21.57 -1.97
N TYR B 250 -3.90 -22.04 -2.60
CA TYR B 250 -5.09 -22.60 -1.91
C TYR B 250 -5.86 -23.53 -2.87
N THR B 251 -6.80 -24.30 -2.31
CA THR B 251 -7.80 -25.11 -3.05
C THR B 251 -9.18 -24.46 -2.85
N SER B 252 -9.85 -24.06 -3.92
CA SER B 252 -11.21 -23.46 -3.92
C SER B 252 -12.24 -24.49 -3.46
N LYS B 253 -13.48 -24.05 -3.20
CA LYS B 253 -14.63 -24.94 -2.86
C LYS B 253 -14.91 -25.85 -4.06
N ASP B 254 -14.99 -25.21 -5.24
CA ASP B 254 -14.96 -25.69 -6.65
C ASP B 254 -14.02 -26.89 -6.89
N GLY B 255 -12.98 -27.04 -6.07
CA GLY B 255 -12.00 -28.14 -6.14
C GLY B 255 -10.72 -27.77 -6.88
N LYS B 256 -10.69 -26.61 -7.55
CA LYS B 256 -9.55 -26.13 -8.38
C LYS B 256 -8.41 -25.59 -7.50
N GLU B 257 -7.18 -26.04 -7.71
CA GLU B 257 -5.98 -25.46 -7.04
C GLU B 257 -5.61 -24.18 -7.78
N SER B 258 -5.36 -23.10 -7.02
CA SER B 258 -5.21 -21.73 -7.56
C SER B 258 -4.32 -20.89 -6.64
N ASN B 259 -4.24 -19.60 -6.94
CA ASN B 259 -3.35 -18.65 -6.22
C ASN B 259 -4.07 -17.31 -6.14
N PHE B 260 -4.12 -16.71 -4.95
CA PHE B 260 -4.85 -15.42 -4.73
C PHE B 260 -3.87 -14.25 -4.64
N VAL B 261 -2.58 -14.44 -4.90
CA VAL B 261 -1.63 -13.29 -4.97
C VAL B 261 -1.66 -12.71 -6.39
N LEU B 262 -2.08 -11.46 -6.53
CA LEU B 262 -2.24 -10.80 -7.84
C LEU B 262 -0.85 -10.39 -8.36
N VAL B 263 -0.15 -9.57 -7.58
CA VAL B 263 1.22 -9.04 -7.89
C VAL B 263 1.89 -8.86 -6.53
N SER B 264 3.18 -8.53 -6.50
CA SER B 264 3.91 -8.19 -5.25
C SER B 264 4.79 -6.98 -5.53
N THR B 265 4.78 -5.98 -4.65
CA THR B 265 5.82 -4.93 -4.68
C THR B 265 7.09 -5.55 -4.12
N LEU B 266 8.24 -5.21 -4.69
CA LEU B 266 9.56 -5.73 -4.26
C LEU B 266 10.31 -4.57 -3.65
N LYS B 267 11.00 -4.84 -2.54
CA LYS B 267 11.88 -3.87 -1.85
C LYS B 267 13.15 -4.67 -1.56
N GLN B 268 14.23 -4.38 -2.28
CA GLN B 268 15.45 -5.25 -2.26
C GLN B 268 16.28 -4.89 -1.02
N VAL B 269 15.74 -5.12 0.16
CA VAL B 269 16.41 -4.82 1.45
C VAL B 269 17.61 -5.77 1.56
N GLY B 270 17.42 -7.06 1.26
CA GLY B 270 18.50 -8.07 1.28
C GLY B 270 19.69 -7.68 0.43
N THR B 271 19.42 -7.26 -0.81
CA THR B 271 20.46 -6.83 -1.76
C THR B 271 21.21 -5.63 -1.17
N THR B 272 20.52 -4.64 -0.64
CA THR B 272 21.17 -3.47 0.01
C THR B 272 22.07 -3.94 1.17
N VAL B 273 21.61 -4.86 2.02
CA VAL B 273 22.41 -5.32 3.19
C VAL B 273 23.71 -5.93 2.68
N LYS B 274 23.63 -6.75 1.63
CA LYS B 274 24.79 -7.46 1.05
C LYS B 274 25.74 -6.44 0.42
N ASP B 275 25.24 -5.51 -0.40
CA ASP B 275 26.09 -4.52 -1.11
C ASP B 275 26.79 -3.64 -0.07
N ILE B 276 26.08 -3.14 0.94
CA ILE B 276 26.70 -2.22 1.94
C ILE B 276 27.70 -3.01 2.81
N SER B 277 27.41 -4.27 3.09
CA SER B 277 28.33 -5.13 3.90
C SER B 277 29.63 -5.28 3.12
N ASN B 278 29.54 -5.51 1.81
CA ASN B 278 30.73 -5.65 0.93
C ASN B 278 31.50 -4.32 0.88
N LYS B 279 30.82 -3.20 0.80
CA LYS B 279 31.47 -1.87 0.78
C LYS B 279 32.19 -1.66 2.13
N ALA B 280 31.55 -2.01 3.23
CA ALA B 280 32.13 -1.87 4.59
C ALA B 280 33.41 -2.69 4.68
N GLU B 281 33.38 -3.93 4.21
CA GLU B 281 34.54 -4.86 4.29
C GLU B 281 35.69 -4.30 3.45
N ARG B 282 35.41 -3.66 2.31
CA ARG B 282 36.43 -3.14 1.37
C ARG B 282 36.93 -1.76 1.83
N GLY B 283 36.49 -1.26 3.00
CA GLY B 283 36.94 0.03 3.56
C GLY B 283 36.39 1.23 2.79
N GLU B 284 35.24 1.06 2.14
CA GLU B 284 34.54 2.08 1.33
C GLU B 284 33.11 2.28 1.85
N PHE B 285 32.92 2.25 3.16
CA PHE B 285 31.59 2.41 3.79
C PHE B 285 31.08 3.80 3.42
N PRO B 286 29.85 3.95 2.90
CA PRO B 286 29.31 5.25 2.51
C PRO B 286 28.74 6.07 3.69
N GLY B 287 29.57 6.28 4.70
CA GLY B 287 29.21 7.04 5.91
C GLY B 287 28.82 8.47 5.57
N GLY B 288 27.75 8.94 6.20
CA GLY B 288 27.20 10.29 6.05
C GLY B 288 26.28 10.41 4.84
N GLN B 289 26.17 9.37 4.00
CA GLN B 289 25.41 9.47 2.73
C GLN B 289 23.98 8.97 2.93
N VAL B 290 23.09 9.43 2.06
CA VAL B 290 21.68 8.94 1.94
C VAL B 290 21.57 8.20 0.60
N ILE B 291 21.38 6.89 0.62
CA ILE B 291 21.23 6.07 -0.60
C ILE B 291 19.73 5.89 -0.86
N VAL B 292 19.26 6.38 -2.01
CA VAL B 292 17.85 6.26 -2.46
C VAL B 292 17.80 5.22 -3.58
N TYR B 293 17.05 4.14 -3.33
CA TYR B 293 16.73 3.08 -4.31
C TYR B 293 15.34 3.41 -4.86
N SER B 294 15.20 3.38 -6.17
CA SER B 294 13.93 3.71 -6.86
C SER B 294 13.67 2.67 -7.96
N LEU B 295 12.64 2.89 -8.75
CA LEU B 295 12.26 2.02 -9.89
C LEU B 295 13.43 1.95 -10.90
N LYS B 296 14.13 3.07 -11.13
CA LYS B 296 15.23 3.20 -12.14
C LYS B 296 16.32 2.18 -11.89
N ASP B 297 16.77 2.00 -10.64
CA ASP B 297 17.91 1.11 -10.28
C ASP B 297 17.38 -0.28 -9.84
N LYS B 298 16.08 -0.53 -9.95
CA LYS B 298 15.40 -1.82 -9.61
C LYS B 298 15.55 -2.15 -8.12
N GLY B 299 15.76 -1.16 -7.25
CA GLY B 299 15.74 -1.34 -5.78
C GLY B 299 14.32 -1.55 -5.28
N VAL B 300 13.34 -1.00 -5.96
CA VAL B 300 11.90 -1.40 -5.86
C VAL B 300 11.44 -1.83 -7.26
N ASP B 301 10.42 -2.68 -7.30
CA ASP B 301 9.83 -3.17 -8.58
C ASP B 301 8.44 -3.73 -8.29
N LEU B 302 7.75 -4.19 -9.33
CA LEU B 302 6.54 -5.03 -9.20
C LEU B 302 6.78 -6.37 -9.89
N ALA B 303 6.56 -7.48 -9.18
CA ALA B 303 6.43 -8.83 -9.77
C ALA B 303 5.00 -8.98 -10.32
N VAL B 304 4.82 -9.29 -11.61
CA VAL B 304 3.51 -9.19 -12.30
C VAL B 304 2.82 -10.57 -12.35
N THR B 305 3.26 -11.51 -11.51
CA THR B 305 2.70 -12.86 -11.25
C THR B 305 1.41 -13.19 -12.04
N ASN B 306 0.21 -12.84 -11.53
CA ASN B 306 -1.08 -13.40 -12.01
C ASN B 306 -1.93 -12.32 -12.69
N LEU B 307 -1.34 -11.16 -12.98
CA LEU B 307 -2.01 -10.03 -13.64
C LEU B 307 -2.40 -10.44 -15.08
N SER B 308 -3.53 -9.92 -15.57
CA SER B 308 -4.02 -10.04 -16.96
C SER B 308 -3.07 -9.28 -17.89
N GLU B 309 -3.06 -9.63 -19.19
CA GLU B 309 -2.10 -9.06 -20.16
C GLU B 309 -2.40 -7.57 -20.33
N GLU B 310 -3.67 -7.17 -20.26
CA GLU B 310 -4.09 -5.74 -20.30
C GLU B 310 -3.42 -5.00 -19.13
N GLY B 311 -3.47 -5.58 -17.93
CA GLY B 311 -2.83 -5.04 -16.71
C GLY B 311 -1.33 -4.95 -16.85
N LYS B 312 -0.68 -6.02 -17.33
CA LYS B 312 0.79 -6.04 -17.55
C LYS B 312 1.18 -4.89 -18.49
N LYS B 313 0.37 -4.63 -19.53
CA LYS B 313 0.61 -3.53 -20.50
C LYS B 313 0.52 -2.19 -19.78
N ALA B 314 -0.52 -1.98 -18.96
CA ALA B 314 -0.77 -0.72 -18.23
C ALA B 314 0.34 -0.49 -17.19
N VAL B 315 0.88 -1.56 -16.61
CA VAL B 315 2.02 -1.49 -15.64
C VAL B 315 3.27 -1.02 -16.39
N GLU B 316 3.56 -1.64 -17.54
CA GLU B 316 4.76 -1.31 -18.37
C GLU B 316 4.66 0.14 -18.83
N ASP B 317 3.47 0.61 -19.20
CA ASP B 317 3.22 2.01 -19.65
C ASP B 317 3.51 2.96 -18.49
N ALA B 318 2.93 2.68 -17.31
CA ALA B 318 3.11 3.48 -16.08
C ALA B 318 4.59 3.49 -15.67
N LYS B 319 5.28 2.35 -15.77
CA LYS B 319 6.69 2.21 -15.35
C LYS B 319 7.55 3.16 -16.20
N ALA B 320 7.43 3.08 -17.53
CA ALA B 320 8.17 3.90 -18.53
C ALA B 320 7.97 5.38 -18.24
N LYS B 321 6.72 5.78 -17.95
CA LYS B 321 6.35 7.19 -17.68
C LYS B 321 6.96 7.65 -16.34
N ILE B 322 7.12 6.78 -15.35
CA ILE B 322 7.74 7.12 -14.03
C ILE B 322 9.24 7.35 -14.27
N LEU B 323 9.88 6.46 -15.03
CA LEU B 323 11.33 6.51 -15.34
C LEU B 323 11.68 7.77 -16.15
N ASP B 324 10.80 8.21 -17.07
CA ASP B 324 11.11 9.30 -18.04
CA ASP B 324 11.11 9.30 -18.03
C ASP B 324 10.76 10.66 -17.39
N GLY B 325 9.95 10.68 -16.32
CA GLY B 325 9.63 11.89 -15.56
C GLY B 325 8.25 12.44 -15.89
N SER B 326 7.59 11.85 -16.89
CA SER B 326 6.26 12.29 -17.41
C SER B 326 5.19 12.23 -16.31
N VAL B 327 5.21 11.18 -15.47
CA VAL B 327 4.36 11.06 -14.24
C VAL B 327 5.29 11.16 -13.02
N LYS B 328 5.07 12.17 -12.18
CA LYS B 328 5.68 12.31 -10.83
C LYS B 328 4.71 11.67 -9.83
N VAL B 329 5.17 10.69 -9.07
CA VAL B 329 4.32 9.96 -8.07
C VAL B 329 4.37 10.73 -6.76
N PRO B 330 3.21 11.05 -6.13
CA PRO B 330 3.22 11.71 -4.83
C PRO B 330 3.88 10.83 -3.76
N GLU B 331 4.46 11.43 -2.72
CA GLU B 331 5.11 10.76 -1.56
C GLU B 331 4.21 10.84 -0.31
N LYS B 332 3.07 11.53 -0.42
CA LYS B 332 2.16 11.81 0.73
C LYS B 332 0.80 12.31 0.19
N SER C 2 -1.58 34.75 60.05
CA SER C 2 -0.50 35.58 60.66
C SER C 2 0.60 35.97 59.66
N SER C 3 0.65 35.40 58.45
CA SER C 3 1.71 35.62 57.43
C SER C 3 1.44 36.95 56.67
N HIS C 4 1.60 38.05 57.39
CA HIS C 4 1.63 39.44 56.86
C HIS C 4 3.08 39.95 56.90
N HIS C 5 3.73 39.95 55.75
CA HIS C 5 5.11 40.45 55.57
C HIS C 5 5.00 41.80 54.89
N HIS C 6 5.98 42.65 55.08
CA HIS C 6 6.17 43.99 54.44
C HIS C 6 6.29 43.91 52.91
N HIS C 7 6.26 45.07 52.23
CA HIS C 7 6.50 45.19 50.77
C HIS C 7 7.15 46.54 50.49
N HIS C 8 7.85 46.65 49.38
CA HIS C 8 8.56 47.85 48.92
C HIS C 8 8.06 48.25 47.53
N HIS C 9 7.99 49.54 47.25
CA HIS C 9 7.65 50.13 45.94
C HIS C 9 8.92 50.75 45.35
N MET C 10 9.09 50.72 44.03
CA MET C 10 10.13 51.54 43.34
C MET C 10 9.44 52.69 42.60
N SER C 11 10.11 53.83 42.43
CA SER C 11 9.62 54.96 41.60
C SER C 11 9.84 54.70 40.10
N GLY C 12 10.93 54.01 39.72
CA GLY C 12 11.42 53.85 38.34
C GLY C 12 10.36 53.41 37.34
N GLU C 13 10.45 53.90 36.09
CA GLU C 13 9.38 53.79 35.07
C GLU C 13 9.87 53.02 33.84
N ASN C 14 11.01 52.33 33.92
CA ASN C 14 11.64 51.67 32.73
C ASN C 14 11.59 50.14 32.84
N LEU C 15 10.75 49.58 33.72
CA LEU C 15 10.61 48.11 33.86
C LEU C 15 9.59 47.59 32.86
N TYR C 16 9.94 46.50 32.17
CA TYR C 16 9.13 45.83 31.14
C TYR C 16 9.15 44.34 31.42
N PHE C 17 8.10 43.61 31.04
CA PHE C 17 8.18 42.14 31.09
C PHE C 17 8.03 41.61 29.67
N GLN C 18 8.80 40.55 29.44
CA GLN C 18 8.71 39.69 28.24
C GLN C 18 7.39 38.92 28.39
N GLY C 19 6.61 38.89 27.33
CA GLY C 19 5.36 38.10 27.26
C GLY C 19 5.65 36.64 26.92
N ALA C 20 4.65 35.78 27.01
CA ALA C 20 4.85 34.36 26.64
C ALA C 20 5.09 34.28 25.11
N SER C 21 5.69 33.20 24.65
CA SER C 21 5.64 32.80 23.22
C SER C 21 5.02 31.39 23.22
N ALA C 22 3.82 31.26 22.66
CA ALA C 22 2.98 30.05 22.79
C ALA C 22 2.86 29.36 21.44
N ALA C 23 3.06 28.04 21.41
CA ALA C 23 2.87 27.20 20.21
C ALA C 23 1.92 26.04 20.52
N ILE C 24 1.15 25.61 19.53
CA ILE C 24 0.37 24.35 19.60
C ILE C 24 1.06 23.35 18.69
N VAL C 25 1.23 22.13 19.17
CA VAL C 25 1.54 20.94 18.34
C VAL C 25 0.23 20.19 18.12
N THR C 26 -0.20 20.11 16.88
CA THR C 26 -1.52 19.55 16.52
C THR C 26 -1.35 18.11 16.03
N ASP C 27 -2.42 17.36 16.14
CA ASP C 27 -2.46 15.91 15.83
C ASP C 27 -2.81 15.73 14.35
N THR C 28 -2.86 14.47 13.94
CA THR C 28 -3.36 13.94 12.67
C THR C 28 -4.82 14.34 12.55
N GLY C 29 -5.14 15.37 11.79
CA GLY C 29 -6.48 15.98 11.71
C GLY C 29 -6.32 17.31 11.03
N GLY C 30 -5.29 18.04 11.46
CA GLY C 30 -4.83 19.31 10.88
C GLY C 30 -5.51 20.49 11.55
N VAL C 31 -4.97 21.71 11.41
CA VAL C 31 -5.61 22.95 11.94
C VAL C 31 -6.81 23.33 11.07
N ASP C 32 -7.12 22.57 10.01
CA ASP C 32 -8.29 22.78 9.12
C ASP C 32 -9.29 21.63 9.26
N ASP C 33 -9.33 20.97 10.43
CA ASP C 33 -10.27 19.87 10.73
C ASP C 33 -11.69 20.39 11.03
N LYS C 34 -11.91 21.70 11.09
CA LYS C 34 -13.26 22.30 11.31
C LYS C 34 -13.77 21.97 12.72
N SER C 35 -12.91 21.46 13.60
CA SER C 35 -13.33 20.95 14.92
C SER C 35 -12.19 21.16 15.93
N PHE C 36 -11.61 20.09 16.43
CA PHE C 36 -10.73 20.10 17.63
C PHE C 36 -9.46 20.92 17.39
N ASN C 37 -8.64 20.54 16.41
CA ASN C 37 -7.34 21.23 16.17
C ASN C 37 -7.61 22.66 15.69
N GLN C 38 -8.64 22.87 14.89
CA GLN C 38 -8.98 24.23 14.40
C GLN C 38 -9.37 25.12 15.60
N SER C 39 -10.13 24.59 16.57
CA SER C 39 -10.55 25.35 17.78
C SER C 39 -9.29 25.84 18.51
N ALA C 40 -8.33 24.94 18.76
CA ALA C 40 -7.03 25.26 19.40
C ALA C 40 -6.35 26.41 18.63
N TRP C 41 -6.30 26.30 17.31
CA TRP C 41 -5.57 27.26 16.45
C TRP C 41 -6.28 28.63 16.45
N GLU C 42 -7.61 28.62 16.39
CA GLU C 42 -8.45 29.85 16.42
C GLU C 42 -8.21 30.58 17.74
N GLY C 43 -8.07 29.83 18.82
CA GLY C 43 -7.81 30.36 20.15
C GLY C 43 -6.44 30.97 20.24
N LEU C 44 -5.42 30.29 19.70
CA LEU C 44 -4.03 30.81 19.74
C LEU C 44 -3.93 32.09 18.90
N GLN C 45 -4.60 32.15 17.75
CA GLN C 45 -4.61 33.36 16.88
C GLN C 45 -5.26 34.52 17.62
N ALA C 46 -6.36 34.25 18.35
CA ALA C 46 -7.09 35.27 19.15
C ALA C 46 -6.15 35.80 20.24
N TRP C 47 -5.44 34.89 20.91
CA TRP C 47 -4.45 35.27 21.95
C TRP C 47 -3.38 36.15 21.32
N GLY C 48 -2.86 35.77 20.16
CA GLY C 48 -1.88 36.54 19.37
C GLY C 48 -2.36 37.95 19.04
N LYS C 49 -3.59 38.08 18.56
CA LYS C 49 -4.24 39.39 18.24
C LYS C 49 -4.25 40.28 19.50
N GLU C 50 -4.62 39.72 20.65
CA GLU C 50 -4.74 40.43 21.94
C GLU C 50 -3.36 40.96 22.37
N HIS C 51 -2.26 40.30 21.99
CA HIS C 51 -0.88 40.67 22.39
C HIS C 51 -0.08 41.31 21.23
N ASN C 52 -0.74 41.64 20.12
CA ASN C 52 -0.13 42.38 18.99
CA ASN C 52 -0.15 42.38 18.97
C ASN C 52 0.98 41.53 18.35
N LEU C 53 0.73 40.24 18.20
CA LEU C 53 1.69 39.27 17.62
C LEU C 53 1.17 38.82 16.25
N SER C 54 2.00 38.11 15.51
CA SER C 54 1.61 37.47 14.21
C SER C 54 2.21 36.06 14.15
N LYS C 55 1.76 35.25 13.19
CA LYS C 55 2.22 33.84 13.06
C LYS C 55 3.76 33.88 12.89
N ASP C 56 4.47 33.10 13.69
CA ASP C 56 5.95 32.93 13.71
C ASP C 56 6.60 34.17 14.31
N ASN C 57 5.83 35.06 14.94
CA ASN C 57 6.34 36.24 15.70
C ASN C 57 5.58 36.32 17.02
N GLY C 58 5.67 35.25 17.83
CA GLY C 58 5.08 35.14 19.17
C GLY C 58 4.22 33.89 19.32
N PHE C 59 3.73 33.33 18.22
CA PHE C 59 2.90 32.10 18.25
C PHE C 59 2.91 31.39 16.89
N THR C 60 2.75 30.06 16.89
CA THR C 60 2.56 29.25 15.65
C THR C 60 2.05 27.87 16.02
N TYR C 61 1.84 27.06 14.99
CA TYR C 61 1.48 25.65 15.17
C TYR C 61 2.45 24.79 14.36
N PHE C 62 2.67 23.60 14.88
CA PHE C 62 3.40 22.48 14.25
C PHE C 62 2.41 21.36 13.94
N GLN C 63 2.17 21.11 12.65
CA GLN C 63 1.36 19.98 12.15
C GLN C 63 2.11 18.66 12.39
N SER C 64 1.51 17.70 13.08
CA SER C 64 1.97 16.29 13.09
C SER C 64 1.13 15.52 12.07
N THR C 65 1.79 14.80 11.15
CA THR C 65 1.15 13.81 10.21
C THR C 65 1.18 12.40 10.82
N SER C 66 2.04 12.13 11.81
CA SER C 66 2.14 10.80 12.46
C SER C 66 2.70 10.89 13.87
N GLU C 67 2.66 9.79 14.61
CA GLU C 67 3.17 9.68 16.01
C GLU C 67 4.65 10.08 16.06
N ALA C 68 5.42 9.72 15.05
CA ALA C 68 6.89 9.95 14.99
C ALA C 68 7.19 11.45 14.97
N ASP C 69 6.27 12.29 14.48
CA ASP C 69 6.47 13.76 14.40
C ASP C 69 6.36 14.43 15.78
N TYR C 70 5.71 13.81 16.77
CA TYR C 70 5.32 14.49 18.03
C TYR C 70 6.57 15.02 18.70
N ALA C 71 7.51 14.11 18.97
CA ALA C 71 8.78 14.41 19.70
C ALA C 71 9.59 15.47 18.91
N ASN C 72 9.60 15.37 17.59
CA ASN C 72 10.39 16.26 16.69
C ASN C 72 9.79 17.66 16.73
N ASN C 73 8.46 17.75 16.61
CA ASN C 73 7.69 19.02 16.67
C ASN C 73 7.87 19.68 18.04
N LEU C 74 7.80 18.93 19.15
CA LEU C 74 7.94 19.49 20.51
C LEU C 74 9.35 20.05 20.69
N GLN C 75 10.37 19.32 20.22
CA GLN C 75 11.79 19.75 20.30
C GLN C 75 11.95 21.04 19.46
N GLN C 76 11.35 21.10 18.27
CA GLN C 76 11.44 22.29 17.39
C GLN C 76 10.78 23.47 18.10
N ALA C 77 9.60 23.28 18.70
CA ALA C 77 8.85 24.32 19.46
C ALA C 77 9.72 24.90 20.58
N ALA C 78 10.50 24.06 21.26
CA ALA C 78 11.37 24.46 22.40
C ALA C 78 12.46 25.44 21.96
N GLY C 79 12.75 25.50 20.66
CA GLY C 79 13.68 26.45 20.03
C GLY C 79 13.29 27.90 20.31
N SER C 80 12.02 28.29 20.16
CA SER C 80 11.60 29.71 20.27
C SER C 80 10.32 29.92 21.11
N TYR C 81 9.70 28.88 21.66
CA TYR C 81 8.40 28.98 22.42
C TYR C 81 8.60 28.51 23.85
N ASN C 82 7.99 29.17 24.84
CA ASN C 82 8.17 28.78 26.27
C ASN C 82 6.86 28.27 26.85
N LEU C 83 5.77 28.31 26.08
CA LEU C 83 4.49 27.66 26.46
C LEU C 83 4.06 26.82 25.27
N ILE C 84 3.99 25.50 25.44
CA ILE C 84 3.80 24.53 24.33
C ILE C 84 2.63 23.63 24.67
N PHE C 85 1.64 23.62 23.79
CA PHE C 85 0.38 22.85 23.90
C PHE C 85 0.47 21.61 23.02
N GLY C 86 0.36 20.43 23.62
CA GLY C 86 0.08 19.18 22.90
C GLY C 86 -1.41 18.97 22.78
N VAL C 87 -1.94 19.06 21.57
CA VAL C 87 -3.40 19.00 21.29
C VAL C 87 -3.78 17.56 20.94
N GLY C 88 -4.26 16.78 21.91
CA GLY C 88 -4.75 15.40 21.70
C GLY C 88 -4.15 14.43 22.67
N PHE C 89 -4.93 13.44 23.11
CA PHE C 89 -4.54 12.42 24.12
C PHE C 89 -3.28 11.65 23.67
N ALA C 90 -3.10 11.46 22.36
CA ALA C 90 -2.00 10.66 21.77
C ALA C 90 -0.63 11.30 22.07
N LEU C 91 -0.59 12.60 22.38
CA LEU C 91 0.71 13.30 22.60
C LEU C 91 1.17 13.12 24.06
N ASN C 92 0.44 12.35 24.86
CA ASN C 92 0.75 12.17 26.32
C ASN C 92 2.24 11.87 26.52
N ASN C 93 2.77 10.76 25.98
CA ASN C 93 4.17 10.32 26.27
C ASN C 93 5.19 11.35 25.78
N ALA C 94 5.01 11.87 24.58
CA ALA C 94 5.92 12.85 23.92
C ALA C 94 5.98 14.14 24.77
N VAL C 95 4.85 14.59 25.30
CA VAL C 95 4.79 15.81 26.17
C VAL C 95 5.50 15.53 27.48
N LYS C 96 5.28 14.37 28.10
CA LYS C 96 5.98 13.98 29.36
C LYS C 96 7.50 14.03 29.14
N ASP C 97 7.98 13.48 28.03
CA ASP C 97 9.45 13.36 27.75
C ASP C 97 10.01 14.75 27.49
N ALA C 98 9.32 15.58 26.68
CA ALA C 98 9.75 16.95 26.33
C ALA C 98 9.84 17.79 27.62
N ALA C 99 8.86 17.65 28.52
CA ALA C 99 8.78 18.42 29.78
C ALA C 99 9.95 18.06 30.70
N LYS C 100 10.46 16.83 30.64
CA LYS C 100 11.59 16.36 31.48
C LYS C 100 12.91 16.91 30.93
N GLU C 101 13.04 17.05 29.61
CA GLU C 101 14.25 17.62 28.94
C GLU C 101 14.33 19.14 29.15
N HIS C 102 13.19 19.83 29.19
CA HIS C 102 13.08 21.31 29.25
C HIS C 102 12.27 21.74 30.48
N THR C 103 12.83 21.61 31.69
CA THR C 103 12.13 21.94 32.97
C THR C 103 11.87 23.45 33.07
N ASP C 104 12.56 24.26 32.27
CA ASP C 104 12.44 25.75 32.24
C ASP C 104 11.25 26.17 31.37
N LEU C 105 10.70 25.27 30.54
CA LEU C 105 9.53 25.59 29.67
C LEU C 105 8.27 24.97 30.27
N ASN C 106 7.12 25.47 29.86
CA ASN C 106 5.78 25.03 30.34
C ASN C 106 5.04 24.31 29.21
N TYR C 107 4.36 23.23 29.55
CA TYR C 107 3.68 22.33 28.58
C TYR C 107 2.25 22.12 29.03
N VAL C 108 1.34 22.09 28.07
CA VAL C 108 -0.08 21.79 28.33
C VAL C 108 -0.45 20.58 27.49
N LEU C 109 -1.08 19.59 28.09
CA LEU C 109 -1.70 18.46 27.35
C LEU C 109 -3.22 18.66 27.35
N ILE C 110 -3.85 18.58 26.18
CA ILE C 110 -5.31 18.69 26.00
C ILE C 110 -5.89 17.28 25.79
N ASP C 111 -6.88 16.90 26.61
CA ASP C 111 -7.74 15.69 26.49
C ASP C 111 -7.10 14.49 27.22
N ASP C 112 -6.06 14.70 28.03
CA ASP C 112 -5.52 13.62 28.88
C ASP C 112 -4.70 14.23 30.02
N VAL C 113 -4.28 13.38 30.96
CA VAL C 113 -3.67 13.83 32.25
C VAL C 113 -2.23 13.31 32.34
N ILE C 114 -1.31 14.19 32.70
CA ILE C 114 0.06 13.84 33.12
C ILE C 114 0.17 14.24 34.59
N LYS C 115 0.68 13.36 35.44
CA LYS C 115 0.76 13.57 36.91
C LYS C 115 2.23 13.78 37.29
N ASP C 116 2.46 14.51 38.40
CA ASP C 116 3.76 14.60 39.11
C ASP C 116 4.80 15.31 38.20
N GLN C 117 4.40 16.35 37.48
CA GLN C 117 5.33 17.14 36.61
C GLN C 117 5.00 18.62 36.78
N LYS C 118 5.85 19.34 37.51
CA LYS C 118 5.62 20.75 37.93
C LYS C 118 5.42 21.66 36.71
N ASN C 119 5.96 21.30 35.53
CA ASN C 119 5.92 22.19 34.33
C ASN C 119 4.88 21.70 33.32
N VAL C 120 3.94 20.85 33.73
CA VAL C 120 2.86 20.36 32.83
C VAL C 120 1.50 20.59 33.48
N ALA C 121 0.60 21.23 32.73
CA ALA C 121 -0.83 21.36 33.05
C ALA C 121 -1.58 20.43 32.12
N SER C 122 -2.65 19.84 32.63
CA SER C 122 -3.52 18.87 31.94
C SER C 122 -4.91 19.50 31.86
N VAL C 123 -5.52 19.41 30.69
CA VAL C 123 -6.89 19.95 30.45
C VAL C 123 -7.75 18.80 29.97
N THR C 124 -8.91 18.60 30.60
CA THR C 124 -9.93 17.62 30.13
C THR C 124 -11.29 18.32 30.10
N PHE C 125 -12.18 17.77 29.29
CA PHE C 125 -13.57 18.22 29.09
C PHE C 125 -14.51 17.07 29.45
N ALA C 126 -15.60 17.40 30.14
CA ALA C 126 -16.75 16.49 30.39
C ALA C 126 -17.57 16.40 29.09
N ASP C 127 -17.01 15.74 28.07
CA ASP C 127 -17.66 15.60 26.75
C ASP C 127 -18.86 14.64 26.88
N ASN C 128 -18.88 13.82 27.93
CA ASN C 128 -20.04 12.98 28.30
C ASN C 128 -21.25 13.90 28.48
N GLU C 129 -21.08 15.04 29.15
CA GLU C 129 -22.20 15.95 29.50
C GLU C 129 -22.76 16.56 28.20
N SER C 130 -21.92 17.10 27.33
CA SER C 130 -22.37 17.73 26.04
C SER C 130 -22.94 16.64 25.15
N GLY C 131 -22.33 15.45 25.15
CA GLY C 131 -22.84 14.29 24.39
C GLY C 131 -24.24 13.92 24.81
N TYR C 132 -24.51 13.90 26.11
CA TYR C 132 -25.85 13.66 26.68
C TYR C 132 -26.84 14.62 26.01
N LEU C 133 -26.57 15.91 26.08
CA LEU C 133 -27.45 16.96 25.48
C LEU C 133 -27.67 16.66 24.00
N ALA C 134 -26.64 16.23 23.28
CA ALA C 134 -26.73 15.89 21.85
C ALA C 134 -27.68 14.69 21.67
N GLY C 135 -27.60 13.71 22.58
CA GLY C 135 -28.49 12.54 22.62
C GLY C 135 -29.95 12.94 22.80
N VAL C 136 -30.21 13.82 23.75
CA VAL C 136 -31.57 14.36 24.02
C VAL C 136 -32.09 15.00 22.73
N ALA C 137 -31.27 15.83 22.10
CA ALA C 137 -31.66 16.56 20.87
C ALA C 137 -32.03 15.55 19.78
N ALA C 138 -31.17 14.54 19.58
CA ALA C 138 -31.33 13.51 18.54
C ALA C 138 -32.64 12.73 18.77
N ALA C 139 -32.85 12.30 20.02
CA ALA C 139 -34.01 11.48 20.44
C ALA C 139 -35.32 12.25 20.21
N LYS C 140 -35.28 13.58 20.35
CA LYS C 140 -36.49 14.43 20.24
C LYS C 140 -36.73 14.78 18.77
N THR C 141 -35.86 14.38 17.83
CA THR C 141 -36.04 14.78 16.39
C THR C 141 -36.11 13.55 15.47
N THR C 142 -35.45 12.42 15.77
CA THR C 142 -35.44 11.20 14.91
C THR C 142 -36.88 10.75 14.65
N LYS C 143 -37.23 10.53 13.37
CA LYS C 143 -38.55 10.00 12.93
C LYS C 143 -38.45 8.48 12.71
N THR C 144 -37.29 7.96 12.32
CA THR C 144 -37.05 6.51 12.07
C THR C 144 -36.70 5.76 13.36
N LYS C 145 -36.53 6.45 14.50
CA LYS C 145 -36.10 5.90 15.81
C LYS C 145 -34.75 5.17 15.69
N GLN C 146 -33.91 5.56 14.72
CA GLN C 146 -32.51 5.06 14.63
C GLN C 146 -31.55 6.24 14.44
N VAL C 147 -30.48 6.28 15.22
CA VAL C 147 -29.42 7.32 15.12
C VAL C 147 -28.06 6.63 15.07
N GLY C 148 -27.08 7.32 14.47
CA GLY C 148 -25.70 6.82 14.28
C GLY C 148 -24.69 7.62 15.09
N PHE C 149 -23.64 6.94 15.55
CA PHE C 149 -22.47 7.53 16.23
C PHE C 149 -21.20 7.08 15.50
N VAL C 150 -20.45 8.01 14.93
CA VAL C 150 -19.16 7.75 14.22
C VAL C 150 -18.01 8.27 15.09
N GLY C 151 -17.28 7.38 15.73
CA GLY C 151 -16.10 7.73 16.55
C GLY C 151 -14.84 7.73 15.72
N GLY C 152 -13.80 8.44 16.17
CA GLY C 152 -12.47 8.41 15.53
C GLY C 152 -11.68 7.20 15.98
N ILE C 153 -11.02 7.30 17.13
CA ILE C 153 -10.15 6.22 17.69
C ILE C 153 -10.76 5.78 19.02
N GLU C 154 -10.93 4.48 19.22
CA GLU C 154 -11.44 3.95 20.52
C GLU C 154 -10.49 4.42 21.62
N SER C 155 -11.01 5.06 22.66
CA SER C 155 -10.21 5.78 23.69
C SER C 155 -11.12 6.17 24.86
N GLU C 156 -10.54 6.41 26.04
CA GLU C 156 -11.21 7.05 27.19
C GLU C 156 -12.05 8.24 26.65
N VAL C 157 -11.40 9.07 25.82
CA VAL C 157 -11.94 10.39 25.36
C VAL C 157 -13.20 10.18 24.52
N ILE C 158 -13.15 9.34 23.51
CA ILE C 158 -14.31 9.18 22.59
C ILE C 158 -15.39 8.38 23.32
N SER C 159 -14.98 7.49 24.24
CA SER C 159 -15.90 6.65 25.05
C SER C 159 -16.77 7.55 25.94
N ARG C 160 -16.21 8.68 26.42
CA ARG C 160 -16.97 9.67 27.21
C ARG C 160 -18.12 10.20 26.34
N PHE C 161 -17.83 10.56 25.08
CA PHE C 161 -18.84 11.12 24.15
C PHE C 161 -19.92 10.06 23.92
N GLU C 162 -19.51 8.82 23.65
CA GLU C 162 -20.38 7.69 23.26
C GLU C 162 -21.35 7.37 24.40
N ALA C 163 -20.81 7.24 25.61
CA ALA C 163 -21.57 6.89 26.83
C ALA C 163 -22.60 7.98 27.12
N GLY C 164 -22.15 9.24 27.07
CA GLY C 164 -23.03 10.42 27.24
C GLY C 164 -24.14 10.42 26.22
N PHE C 165 -23.80 10.22 24.95
CA PHE C 165 -24.75 10.28 23.82
C PHE C 165 -25.82 9.19 23.97
N LYS C 166 -25.42 7.96 24.26
CA LYS C 166 -26.35 6.81 24.44
C LYS C 166 -27.27 7.09 25.63
N ALA C 167 -26.71 7.51 26.77
CA ALA C 167 -27.46 7.84 28.00
C ALA C 167 -28.51 8.92 27.68
N GLY C 168 -28.13 9.90 26.85
CA GLY C 168 -28.99 11.05 26.50
C GLY C 168 -30.16 10.61 25.64
N VAL C 169 -29.90 9.78 24.62
CA VAL C 169 -30.95 9.18 23.73
C VAL C 169 -31.90 8.33 24.59
N ALA C 170 -31.36 7.47 25.45
CA ALA C 170 -32.13 6.54 26.32
C ALA C 170 -33.01 7.31 27.32
N SER C 171 -32.59 8.50 27.77
CA SER C 171 -33.31 9.31 28.80
C SER C 171 -34.65 9.83 28.24
N VAL C 172 -34.79 9.85 26.91
CA VAL C 172 -35.97 10.38 26.19
C VAL C 172 -36.82 9.23 25.66
N ASP C 173 -36.18 8.22 25.05
CA ASP C 173 -36.84 7.05 24.42
C ASP C 173 -35.84 5.90 24.31
N PRO C 174 -35.84 4.93 25.25
CA PRO C 174 -34.92 3.79 25.20
C PRO C 174 -35.14 2.85 24.02
N SER C 175 -36.23 3.01 23.28
CA SER C 175 -36.61 2.18 22.10
C SER C 175 -35.71 2.53 20.90
N ILE C 176 -35.06 3.70 20.92
CA ILE C 176 -34.21 4.22 19.80
C ILE C 176 -32.92 3.41 19.75
N LYS C 177 -32.59 2.88 18.57
CA LYS C 177 -31.36 2.08 18.34
C LYS C 177 -30.23 3.05 17.99
N VAL C 178 -29.08 2.89 18.65
CA VAL C 178 -27.86 3.72 18.43
C VAL C 178 -26.80 2.83 17.78
N GLN C 179 -26.59 3.02 16.47
CA GLN C 179 -25.54 2.31 15.69
C GLN C 179 -24.20 2.99 15.96
N VAL C 180 -23.23 2.25 16.50
CA VAL C 180 -21.87 2.76 16.83
C VAL C 180 -20.84 2.13 15.88
N ASP C 181 -19.98 2.94 15.28
CA ASP C 181 -18.87 2.53 14.37
C ASP C 181 -17.70 3.49 14.53
N TYR C 182 -16.48 2.97 14.58
CA TYR C 182 -15.23 3.75 14.74
C TYR C 182 -14.47 3.72 13.40
N ALA C 183 -13.75 4.79 13.10
CA ALA C 183 -12.99 4.96 11.84
C ALA C 183 -11.53 4.51 12.02
N GLY C 184 -11.04 4.46 13.27
CA GLY C 184 -9.63 4.18 13.63
C GLY C 184 -8.72 5.39 13.37
N SER C 185 -9.27 6.57 13.06
CA SER C 185 -8.49 7.77 12.66
C SER C 185 -9.32 9.04 12.85
N PHE C 186 -8.62 10.15 13.15
CA PHE C 186 -9.19 11.52 13.23
C PHE C 186 -8.91 12.28 11.93
N GLY C 187 -8.17 11.70 10.97
CA GLY C 187 -7.76 12.40 9.74
C GLY C 187 -8.09 11.63 8.47
N ASP C 188 -9.21 10.91 8.41
CA ASP C 188 -9.60 9.99 7.29
C ASP C 188 -11.05 10.27 6.87
N ALA C 189 -11.24 11.34 6.09
CA ALA C 189 -12.56 11.77 5.58
C ALA C 189 -13.25 10.62 4.81
N ALA C 190 -12.52 9.91 3.95
CA ALA C 190 -13.06 8.84 3.08
C ALA C 190 -13.71 7.74 3.93
N LYS C 191 -13.10 7.40 5.08
CA LYS C 191 -13.65 6.35 5.98
C LYS C 191 -14.93 6.88 6.66
N GLY C 192 -14.93 8.16 7.07
CA GLY C 192 -16.13 8.82 7.62
C GLY C 192 -17.28 8.75 6.66
N LYS C 193 -17.04 9.00 5.37
CA LYS C 193 -18.06 8.95 4.30
C LYS C 193 -18.66 7.54 4.22
N THR C 194 -17.80 6.52 4.12
CA THR C 194 -18.18 5.08 4.03
C THR C 194 -19.06 4.72 5.23
N ILE C 195 -18.65 5.09 6.45
CA ILE C 195 -19.36 4.67 7.70
C ILE C 195 -20.73 5.37 7.75
N ALA C 196 -20.78 6.66 7.43
CA ALA C 196 -22.03 7.44 7.39
C ALA C 196 -22.98 6.81 6.35
N ALA C 197 -22.47 6.52 5.15
CA ALA C 197 -23.25 5.90 4.04
C ALA C 197 -24.00 4.68 4.56
N ALA C 198 -23.30 3.80 5.29
CA ALA C 198 -23.84 2.52 5.83
C ALA C 198 -24.84 2.79 6.96
N GLN C 199 -24.54 3.73 7.85
CA GLN C 199 -25.40 4.07 9.01
C GLN C 199 -26.73 4.64 8.51
N TYR C 200 -26.67 5.53 7.51
CA TYR C 200 -27.87 6.14 6.85
C TYR C 200 -28.65 5.07 6.09
N ALA C 201 -27.98 4.29 5.23
CA ALA C 201 -28.59 3.19 4.43
C ALA C 201 -29.33 2.20 5.35
N ALA C 202 -28.80 1.90 6.55
CA ALA C 202 -29.41 0.97 7.54
C ALA C 202 -30.53 1.67 8.33
N GLY C 203 -30.86 2.93 7.99
CA GLY C 203 -32.10 3.61 8.42
C GLY C 203 -31.91 4.68 9.49
N ALA C 204 -30.67 5.06 9.81
CA ALA C 204 -30.37 6.21 10.71
C ALA C 204 -30.77 7.51 9.99
N ASP C 205 -31.44 8.44 10.67
CA ASP C 205 -31.79 9.77 10.10
C ASP C 205 -30.98 10.88 10.79
N ILE C 206 -30.18 10.54 11.80
CA ILE C 206 -29.23 11.46 12.47
C ILE C 206 -27.92 10.71 12.73
N VAL C 207 -26.79 11.30 12.35
CA VAL C 207 -25.43 10.80 12.70
C VAL C 207 -24.69 11.88 13.50
N TYR C 208 -24.25 11.53 14.71
CA TYR C 208 -23.29 12.32 15.52
C TYR C 208 -21.88 11.88 15.13
N GLN C 209 -21.07 12.80 14.60
CA GLN C 209 -19.68 12.51 14.19
C GLN C 209 -18.73 13.09 15.23
N VAL C 210 -18.04 12.21 15.95
CA VAL C 210 -17.04 12.54 17.00
C VAL C 210 -15.69 11.97 16.55
N ALA C 211 -15.15 12.49 15.47
CA ALA C 211 -14.00 11.89 14.76
C ALA C 211 -13.13 12.97 14.11
N GLY C 212 -13.12 14.17 14.67
CA GLY C 212 -12.33 15.29 14.14
C GLY C 212 -12.57 15.46 12.65
N GLY C 213 -11.49 15.54 11.87
CA GLY C 213 -11.51 15.77 10.40
C GLY C 213 -12.15 14.65 9.63
N THR C 214 -12.09 13.42 10.13
CA THR C 214 -12.79 12.23 9.57
C THR C 214 -14.27 12.59 9.38
N GLY C 215 -14.81 13.46 10.25
CA GLY C 215 -16.21 13.89 10.18
C GLY C 215 -16.54 14.64 8.91
N ALA C 216 -15.57 15.26 8.21
CA ALA C 216 -15.81 15.93 6.91
C ALA C 216 -16.50 14.95 5.95
N GLY C 217 -16.15 13.67 6.02
CA GLY C 217 -16.78 12.60 5.22
C GLY C 217 -18.24 12.42 5.58
N VAL C 218 -18.57 12.45 6.87
CA VAL C 218 -19.98 12.30 7.32
C VAL C 218 -20.81 13.44 6.73
N PHE C 219 -20.26 14.66 6.74
CA PHE C 219 -20.89 15.88 6.16
C PHE C 219 -21.10 15.67 4.66
N ALA C 220 -20.06 15.22 3.95
CA ALA C 220 -20.09 14.96 2.50
C ALA C 220 -21.22 13.97 2.16
N GLU C 221 -21.32 12.88 2.92
CA GLU C 221 -22.35 11.84 2.66
C GLU C 221 -23.74 12.44 2.85
N ALA C 222 -24.00 13.03 4.02
CA ALA C 222 -25.32 13.63 4.36
C ALA C 222 -25.72 14.64 3.27
N LYS C 223 -24.74 15.38 2.75
CA LYS C 223 -25.00 16.43 1.72
C LYS C 223 -25.49 15.75 0.43
N SER C 224 -24.74 14.75 -0.04
CA SER C 224 -25.05 13.90 -1.23
C SER C 224 -26.50 13.41 -1.16
N LEU C 225 -26.89 12.75 -0.07
CA LEU C 225 -28.25 12.18 0.11
C LEU C 225 -29.29 13.31 0.08
N ASN C 226 -29.03 14.38 0.83
CA ASN C 226 -29.97 15.51 1.06
C ASN C 226 -30.14 16.33 -0.22
N GLU C 227 -29.12 16.40 -1.08
CA GLU C 227 -29.14 17.15 -2.37
C GLU C 227 -30.10 16.46 -3.35
N SER C 228 -30.30 15.14 -3.18
CA SER C 228 -31.13 14.28 -4.07
C SER C 228 -32.44 13.90 -3.37
N ARG C 229 -32.96 14.74 -2.49
CA ARG C 229 -34.22 14.46 -1.75
C ARG C 229 -34.96 15.77 -1.46
N PRO C 230 -36.29 15.74 -1.24
CA PRO C 230 -37.01 16.91 -0.74
C PRO C 230 -36.47 17.37 0.62
N GLU C 231 -36.49 18.68 0.86
CA GLU C 231 -36.08 19.34 2.12
C GLU C 231 -36.67 18.57 3.32
N ASN C 232 -37.97 18.26 3.31
CA ASN C 232 -38.69 17.73 4.49
C ASN C 232 -38.30 16.26 4.75
N GLU C 233 -37.51 15.64 3.87
CA GLU C 233 -37.09 14.22 3.96
C GLU C 233 -35.58 14.13 4.23
N LYS C 234 -34.96 15.22 4.71
CA LYS C 234 -33.48 15.30 4.82
C LYS C 234 -33.02 14.45 6.00
N VAL C 235 -31.73 14.10 6.01
CA VAL C 235 -31.06 13.39 7.12
C VAL C 235 -30.08 14.37 7.82
N TRP C 236 -29.92 14.23 9.13
CA TRP C 236 -29.20 15.22 9.96
C TRP C 236 -27.78 14.73 10.29
N VAL C 237 -26.88 15.69 10.47
CA VAL C 237 -25.56 15.53 11.15
C VAL C 237 -25.58 16.39 12.40
N ILE C 238 -25.01 15.87 13.49
CA ILE C 238 -24.70 16.67 14.70
C ILE C 238 -23.21 17.03 14.64
N GLY C 239 -22.92 18.33 14.71
CA GLY C 239 -21.56 18.90 14.73
C GLY C 239 -20.84 18.62 16.03
N VAL C 240 -19.52 18.83 16.06
CA VAL C 240 -18.67 18.52 17.23
C VAL C 240 -17.60 19.61 17.37
N ASP C 241 -17.28 19.95 18.62
CA ASP C 241 -16.12 20.79 19.04
C ASP C 241 -16.40 22.27 18.76
N ARG C 242 -16.62 22.61 17.49
CA ARG C 242 -17.04 23.97 17.06
C ARG C 242 -18.52 23.90 16.62
N ASP C 243 -19.17 25.06 16.55
CA ASP C 243 -20.48 25.22 15.89
C ASP C 243 -20.26 25.00 14.39
N GLN C 244 -20.74 23.88 13.85
CA GLN C 244 -20.44 23.50 12.44
C GLN C 244 -21.64 23.83 11.54
N GLU C 245 -22.56 24.70 11.97
CA GLU C 245 -23.73 25.16 11.17
C GLU C 245 -23.31 25.40 9.72
N ALA C 246 -22.20 26.10 9.48
CA ALA C 246 -21.79 26.55 8.13
C ALA C 246 -21.56 25.34 7.21
N GLU C 247 -21.20 24.18 7.75
CA GLU C 247 -20.89 22.96 6.96
C GLU C 247 -22.18 22.23 6.59
N GLY C 248 -23.34 22.68 7.08
CA GLY C 248 -24.63 22.00 6.88
C GLY C 248 -25.42 22.57 5.73
N LYS C 249 -24.90 23.56 5.02
CA LYS C 249 -25.63 24.30 3.95
C LYS C 249 -25.71 23.43 2.68
N TYR C 250 -26.90 23.31 2.12
CA TYR C 250 -27.15 22.60 0.84
C TYR C 250 -28.42 23.13 0.18
N THR C 251 -28.61 22.77 -1.09
CA THR C 251 -29.86 22.97 -1.88
C THR C 251 -30.52 21.60 -2.07
N SER C 252 -31.75 21.42 -1.60
CA SER C 252 -32.58 20.19 -1.74
C SER C 252 -32.93 19.96 -3.21
N LYS C 253 -33.51 18.79 -3.53
CA LYS C 253 -34.01 18.43 -4.89
C LYS C 253 -35.10 19.44 -5.30
N ASP C 254 -36.07 19.69 -4.42
CA ASP C 254 -37.19 20.62 -4.68
C ASP C 254 -36.72 22.09 -4.71
N GLY C 255 -35.41 22.37 -4.59
CA GLY C 255 -34.81 23.68 -4.93
C GLY C 255 -34.63 24.61 -3.74
N LYS C 256 -35.11 24.22 -2.55
CA LYS C 256 -35.07 25.04 -1.30
C LYS C 256 -33.66 24.98 -0.69
N GLU C 257 -33.09 26.15 -0.34
CA GLU C 257 -31.81 26.25 0.41
C GLU C 257 -32.10 25.95 1.88
N SER C 258 -31.30 25.09 2.50
CA SER C 258 -31.55 24.55 3.87
C SER C 258 -30.23 24.18 4.54
N ASN C 259 -30.33 23.56 5.71
CA ASN C 259 -29.17 23.19 6.55
C ASN C 259 -29.48 21.88 7.24
N PHE C 260 -28.55 20.92 7.19
CA PHE C 260 -28.75 19.56 7.75
C PHE C 260 -27.98 19.39 9.06
N VAL C 261 -27.39 20.46 9.60
CA VAL C 261 -26.80 20.40 10.97
C VAL C 261 -27.91 20.67 11.99
N LEU C 262 -28.20 19.67 12.82
CA LEU C 262 -29.28 19.74 13.83
C LEU C 262 -28.81 20.59 15.00
N VAL C 263 -27.71 20.18 15.62
CA VAL C 263 -27.06 20.86 16.77
C VAL C 263 -25.56 20.58 16.65
N SER C 264 -24.73 21.21 17.48
CA SER C 264 -23.29 20.92 17.58
C SER C 264 -22.91 20.85 19.05
N THR C 265 -22.16 19.84 19.47
CA THR C 265 -21.48 19.89 20.79
C THR C 265 -20.31 20.87 20.66
N LEU C 266 -20.07 21.65 21.71
CA LEU C 266 -18.98 22.66 21.73
C LEU C 266 -17.96 22.17 22.74
N LYS C 267 -16.69 22.33 22.38
CA LYS C 267 -15.53 22.04 23.25
C LYS C 267 -14.60 23.23 23.09
N GLN C 268 -14.53 24.08 24.10
CA GLN C 268 -13.88 25.41 23.98
C GLN C 268 -12.36 25.23 24.13
N VAL C 269 -11.74 24.50 23.20
CA VAL C 269 -10.26 24.25 23.21
C VAL C 269 -9.55 25.58 22.97
N GLY C 270 -10.03 26.37 22.01
CA GLY C 270 -9.48 27.71 21.69
C GLY C 270 -9.48 28.63 22.90
N THR C 271 -10.60 28.68 23.61
CA THR C 271 -10.74 29.51 24.82
C THR C 271 -9.72 29.04 25.88
N THR C 272 -9.59 27.74 26.10
CA THR C 272 -8.57 27.22 27.05
C THR C 272 -7.16 27.64 26.61
N VAL C 273 -6.82 27.57 25.33
CA VAL C 273 -5.46 27.94 24.85
C VAL C 273 -5.19 29.41 25.21
N LYS C 274 -6.17 30.27 24.95
CA LYS C 274 -6.07 31.73 25.21
C LYS C 274 -5.97 31.99 26.73
N ASP C 275 -6.83 31.39 27.54
CA ASP C 275 -6.85 31.62 29.01
C ASP C 275 -5.53 31.15 29.60
N ILE C 276 -5.05 29.96 29.25
CA ILE C 276 -3.79 29.43 29.87
C ILE C 276 -2.60 30.25 29.37
N SER C 277 -2.61 30.72 28.13
CA SER C 277 -1.51 31.57 27.61
C SER C 277 -1.49 32.88 28.41
N ASN C 278 -2.64 33.45 28.71
CA ASN C 278 -2.73 34.70 29.51
C ASN C 278 -2.28 34.42 30.95
N LYS C 279 -2.63 33.28 31.53
CA LYS C 279 -2.18 32.89 32.89
C LYS C 279 -0.67 32.74 32.87
N ALA C 280 -0.10 32.11 31.85
CA ALA C 280 1.37 31.92 31.72
C ALA C 280 2.05 33.30 31.71
N GLU C 281 1.53 34.23 30.92
CA GLU C 281 2.14 35.57 30.77
C GLU C 281 2.09 36.33 32.11
N ARG C 282 1.07 36.12 32.93
CA ARG C 282 0.89 36.81 34.25
CA ARG C 282 0.90 36.81 34.26
C ARG C 282 1.64 36.06 35.37
N GLY C 283 2.43 35.05 35.04
CA GLY C 283 3.23 34.27 36.03
C GLY C 283 2.41 33.33 36.90
N GLU C 284 1.25 32.89 36.43
CA GLU C 284 0.32 31.97 37.13
C GLU C 284 0.05 30.72 36.27
N PHE C 285 1.05 30.21 35.55
CA PHE C 285 0.92 28.92 34.81
C PHE C 285 0.52 27.84 35.81
N PRO C 286 -0.60 27.09 35.56
CA PRO C 286 -1.08 26.10 36.53
C PRO C 286 -0.34 24.75 36.42
N GLY C 287 0.98 24.78 36.52
CA GLY C 287 1.83 23.59 36.48
C GLY C 287 1.45 22.57 37.55
N GLY C 288 1.37 21.30 37.16
CA GLY C 288 1.06 20.16 38.04
C GLY C 288 -0.44 19.96 38.21
N GLN C 289 -1.28 20.89 37.73
CA GLN C 289 -2.75 20.85 38.01
C GLN C 289 -3.48 20.16 36.85
N VAL C 290 -4.67 19.65 37.16
CA VAL C 290 -5.63 19.07 36.17
C VAL C 290 -6.83 20.01 36.12
N ILE C 291 -7.06 20.67 34.99
CA ILE C 291 -8.23 21.57 34.80
C ILE C 291 -9.30 20.76 34.08
N VAL C 292 -10.47 20.60 34.72
CA VAL C 292 -11.68 19.97 34.13
C VAL C 292 -12.69 21.06 33.78
N TYR C 293 -13.00 21.15 32.50
CA TYR C 293 -14.07 22.00 31.94
C TYR C 293 -15.30 21.12 31.76
N SER C 294 -16.45 21.61 32.21
CA SER C 294 -17.72 20.86 32.18
C SER C 294 -18.84 21.79 31.74
N LEU C 295 -20.08 21.32 31.78
CA LEU C 295 -21.28 22.10 31.42
C LEU C 295 -21.40 23.34 32.32
N LYS C 296 -21.03 23.23 33.61
CA LYS C 296 -21.17 24.31 34.63
C LYS C 296 -20.44 25.57 34.19
N ASP C 297 -19.20 25.44 33.73
CA ASP C 297 -18.31 26.58 33.36
C ASP C 297 -18.42 26.87 31.85
N LYS C 298 -19.31 26.19 31.12
CA LYS C 298 -19.56 26.37 29.67
C LYS C 298 -18.30 26.06 28.83
N GLY C 299 -17.38 25.25 29.35
CA GLY C 299 -16.24 24.70 28.60
C GLY C 299 -16.70 23.68 27.58
N VAL C 300 -17.78 22.97 27.88
CA VAL C 300 -18.57 22.20 26.87
C VAL C 300 -20.00 22.76 26.90
N ASP C 301 -20.70 22.65 25.78
CA ASP C 301 -22.09 23.13 25.65
C ASP C 301 -22.70 22.49 24.41
N LEU C 302 -23.97 22.80 24.12
CA LEU C 302 -24.65 22.43 22.86
C LEU C 302 -25.13 23.71 22.18
N ALA C 303 -24.75 23.93 20.93
CA ALA C 303 -25.31 24.97 20.04
C ALA C 303 -26.58 24.42 19.39
N VAL C 304 -27.76 25.02 19.65
CA VAL C 304 -29.07 24.40 19.27
C VAL C 304 -29.58 25.04 17.97
N THR C 305 -28.74 25.06 16.95
CA THR C 305 -28.96 25.77 15.66
C THR C 305 -30.39 25.51 15.15
N ASN C 306 -30.72 24.26 14.74
CA ASN C 306 -31.98 23.96 13.99
C ASN C 306 -32.86 23.03 14.80
N LEU C 307 -32.66 22.95 16.11
CA LEU C 307 -33.47 22.08 17.00
C LEU C 307 -34.89 22.66 17.06
N SER C 308 -35.92 21.80 17.17
CA SER C 308 -37.34 22.18 17.43
C SER C 308 -37.45 22.75 18.85
N GLU C 309 -38.49 23.54 19.12
CA GLU C 309 -38.68 24.23 20.43
C GLU C 309 -38.89 23.16 21.51
N GLU C 310 -39.57 22.05 21.19
CA GLU C 310 -39.75 20.91 22.13
C GLU C 310 -38.36 20.36 22.51
N GLY C 311 -37.48 20.16 21.51
CA GLY C 311 -36.08 19.71 21.70
C GLY C 311 -35.30 20.69 22.56
N LYS C 312 -35.36 21.99 22.25
CA LYS C 312 -34.66 23.06 23.03
C LYS C 312 -35.08 22.98 24.50
N LYS C 313 -36.38 22.74 24.76
CA LYS C 313 -36.93 22.62 26.14
C LYS C 313 -36.31 21.39 26.82
N ALA C 314 -36.30 20.25 26.12
CA ALA C 314 -35.79 18.96 26.66
C ALA C 314 -34.28 19.06 26.95
N VAL C 315 -33.56 19.83 26.12
CA VAL C 315 -32.10 20.07 26.33
C VAL C 315 -31.91 20.91 27.59
N GLU C 316 -32.67 22.00 27.73
CA GLU C 316 -32.60 22.92 28.90
C GLU C 316 -32.94 22.15 30.18
N ASP C 317 -33.92 21.25 30.12
CA ASP C 317 -34.36 20.42 31.29
C ASP C 317 -33.20 19.50 31.68
N ALA C 318 -32.63 18.79 30.70
CA ALA C 318 -31.48 17.88 30.88
C ALA C 318 -30.27 18.66 31.42
N LYS C 319 -30.01 19.86 30.90
CA LYS C 319 -28.85 20.68 31.30
C LYS C 319 -28.95 21.01 32.79
N ALA C 320 -30.09 21.55 33.22
CA ALA C 320 -30.39 21.94 34.63
C ALA C 320 -30.17 20.75 35.57
N LYS C 321 -30.66 19.57 35.17
CA LYS C 321 -30.55 18.31 35.97
C LYS C 321 -29.08 17.85 36.05
N ILE C 322 -28.26 18.08 35.01
CA ILE C 322 -26.80 17.72 35.02
C ILE C 322 -26.09 18.65 36.00
N LEU C 323 -26.39 19.94 35.94
CA LEU C 323 -25.76 21.00 36.79
C LEU C 323 -26.10 20.79 38.27
N ASP C 324 -27.32 20.35 38.58
CA ASP C 324 -27.79 20.25 40.00
C ASP C 324 -27.37 18.90 40.60
N GLY C 325 -27.00 17.90 39.78
CA GLY C 325 -26.47 16.61 40.22
C GLY C 325 -27.52 15.50 40.16
N SER C 326 -28.76 15.85 39.83
CA SER C 326 -29.94 14.95 39.78
C SER C 326 -29.71 13.83 38.75
N VAL C 327 -29.11 14.13 37.59
CA VAL C 327 -28.63 13.13 36.59
C VAL C 327 -27.09 13.16 36.58
N LYS C 328 -26.48 12.03 36.93
CA LYS C 328 -25.02 11.76 36.79
C LYS C 328 -24.84 11.06 35.43
N VAL C 329 -24.04 11.64 34.54
CA VAL C 329 -23.84 11.10 33.16
C VAL C 329 -22.70 10.09 33.23
N PRO C 330 -22.88 8.87 32.69
CA PRO C 330 -21.80 7.88 32.69
C PRO C 330 -20.59 8.40 31.90
N GLU C 331 -19.38 7.99 32.28
CA GLU C 331 -18.15 8.38 31.57
C GLU C 331 -17.77 7.28 30.56
N LYS C 332 -18.09 6.02 30.85
CA LYS C 332 -17.61 4.88 30.02
C LYS C 332 -18.74 4.44 29.09
N SER D 3 -46.23 23.81 -64.34
CA SER D 3 -47.62 23.64 -64.91
C SER D 3 -48.63 23.35 -63.79
N HIS D 4 -49.25 24.41 -63.24
CA HIS D 4 -50.44 24.29 -62.36
C HIS D 4 -51.64 23.83 -63.19
N HIS D 5 -52.55 23.16 -62.51
CA HIS D 5 -53.81 22.64 -63.09
C HIS D 5 -54.92 23.63 -62.76
N HIS D 6 -55.99 23.15 -62.12
CA HIS D 6 -57.07 23.95 -61.49
C HIS D 6 -57.03 23.62 -60.00
N HIS D 7 -57.82 24.31 -59.16
CA HIS D 7 -57.93 24.07 -57.70
C HIS D 7 -59.34 24.50 -57.25
N HIS D 8 -59.84 23.95 -56.15
CA HIS D 8 -61.16 24.26 -55.56
C HIS D 8 -60.97 24.77 -54.12
N HIS D 9 -61.84 25.68 -53.65
CA HIS D 9 -61.86 26.19 -52.26
C HIS D 9 -63.08 25.68 -51.49
N MET D 10 -63.01 25.69 -50.16
CA MET D 10 -64.19 25.49 -49.26
C MET D 10 -64.65 26.82 -48.68
N SER D 11 -65.91 26.90 -48.21
CA SER D 11 -66.61 28.16 -47.81
C SER D 11 -66.86 28.29 -46.29
N GLY D 12 -67.10 27.17 -45.60
CA GLY D 12 -67.50 27.12 -44.18
C GLY D 12 -66.63 27.96 -43.25
N GLU D 13 -67.19 28.40 -42.13
CA GLU D 13 -66.44 29.06 -41.02
C GLU D 13 -66.21 28.06 -39.88
N ASN D 14 -66.48 26.76 -40.09
CA ASN D 14 -66.34 25.72 -39.04
C ASN D 14 -65.18 24.76 -39.38
N LEU D 15 -64.21 25.20 -40.16
CA LEU D 15 -63.02 24.40 -40.52
C LEU D 15 -61.94 24.56 -39.44
N TYR D 16 -61.35 23.45 -39.02
CA TYR D 16 -60.29 23.42 -38.00
C TYR D 16 -59.22 22.44 -38.45
N PHE D 17 -57.95 22.70 -38.15
CA PHE D 17 -56.88 21.70 -38.41
C PHE D 17 -56.35 21.25 -37.06
N GLN D 18 -56.31 19.94 -36.90
CA GLN D 18 -55.74 19.25 -35.74
C GLN D 18 -54.22 19.45 -35.84
N GLY D 19 -53.61 19.89 -34.72
CA GLY D 19 -52.16 20.02 -34.58
C GLY D 19 -51.51 18.68 -34.34
N ALA D 20 -50.28 18.68 -33.79
CA ALA D 20 -49.60 17.47 -33.28
C ALA D 20 -49.66 17.45 -31.75
N SER D 21 -49.47 16.29 -31.15
CA SER D 21 -49.13 16.17 -29.71
C SER D 21 -47.75 15.52 -29.62
N ALA D 22 -46.77 16.24 -29.04
CA ALA D 22 -45.35 15.83 -29.05
C ALA D 22 -44.90 15.49 -27.62
N ALA D 23 -44.22 14.37 -27.45
CA ALA D 23 -43.62 13.95 -26.15
C ALA D 23 -42.14 13.62 -26.34
N ILE D 24 -41.34 13.86 -25.30
CA ILE D 24 -39.93 13.38 -25.25
C ILE D 24 -39.90 12.23 -24.24
N VAL D 25 -39.21 11.15 -24.59
CA VAL D 25 -38.78 10.11 -23.63
C VAL D 25 -37.32 10.38 -23.32
N THR D 26 -37.02 10.71 -22.06
CA THR D 26 -35.67 11.13 -21.63
C THR D 26 -34.94 9.95 -20.98
N ASP D 27 -33.61 10.04 -20.99
CA ASP D 27 -32.72 9.01 -20.43
C ASP D 27 -32.48 9.29 -18.94
N THR D 28 -31.64 8.46 -18.33
CA THR D 28 -31.07 8.63 -16.97
C THR D 28 -30.29 9.95 -16.97
N GLY D 29 -30.59 10.84 -16.02
CA GLY D 29 -30.04 12.21 -15.98
C GLY D 29 -31.15 13.18 -15.70
N GLY D 30 -32.28 12.98 -16.38
CA GLY D 30 -33.55 13.67 -16.12
C GLY D 30 -33.67 14.98 -16.85
N VAL D 31 -34.85 15.60 -16.83
CA VAL D 31 -35.11 16.90 -17.50
C VAL D 31 -34.51 18.04 -16.67
N ASP D 32 -33.87 17.75 -15.54
CA ASP D 32 -33.16 18.76 -14.71
C ASP D 32 -31.65 18.46 -14.69
N ASP D 33 -31.12 17.87 -15.78
CA ASP D 33 -29.67 17.57 -15.95
C ASP D 33 -28.87 18.84 -16.30
N LYS D 34 -29.53 19.98 -16.52
CA LYS D 34 -28.86 21.28 -16.81
C LYS D 34 -28.16 21.23 -18.18
N SER D 35 -28.41 20.22 -18.99
CA SER D 35 -27.66 19.96 -20.24
C SER D 35 -28.60 19.32 -21.27
N PHE D 36 -28.35 18.08 -21.65
CA PHE D 36 -28.93 17.42 -22.83
C PHE D 36 -30.45 17.28 -22.69
N ASN D 37 -30.92 16.56 -21.67
CA ASN D 37 -32.37 16.28 -21.50
C ASN D 37 -33.10 17.60 -21.20
N GLN D 38 -32.50 18.49 -20.43
CA GLN D 38 -33.13 19.79 -20.11
C GLN D 38 -33.28 20.61 -21.39
N SER D 39 -32.30 20.59 -22.29
CA SER D 39 -32.36 21.32 -23.58
C SER D 39 -33.59 20.83 -24.36
N ALA D 40 -33.74 19.51 -24.50
CA ALA D 40 -34.89 18.86 -25.17
C ALA D 40 -36.20 19.37 -24.54
N TRP D 41 -36.26 19.37 -23.22
CA TRP D 41 -37.49 19.71 -22.46
C TRP D 41 -37.81 21.20 -22.62
N GLU D 42 -36.79 22.05 -22.55
CA GLU D 42 -36.94 23.53 -22.71
C GLU D 42 -37.51 23.80 -24.11
N GLY D 43 -37.06 23.04 -25.09
CA GLY D 43 -37.50 23.17 -26.49
C GLY D 43 -38.94 22.75 -26.64
N LEU D 44 -39.32 21.63 -26.01
CA LEU D 44 -40.71 21.11 -26.08
C LEU D 44 -41.65 22.09 -25.38
N GLN D 45 -41.26 22.66 -24.24
CA GLN D 45 -42.09 23.66 -23.52
C GLN D 45 -42.27 24.91 -24.38
N ALA D 46 -41.22 25.36 -25.07
CA ALA D 46 -41.26 26.53 -25.98
C ALA D 46 -42.27 26.23 -27.10
N TRP D 47 -42.18 25.03 -27.68
CA TRP D 47 -43.11 24.60 -28.75
C TRP D 47 -44.55 24.61 -28.19
N GLY D 48 -44.76 24.07 -26.99
CA GLY D 48 -46.06 24.08 -26.29
C GLY D 48 -46.64 25.47 -26.08
N LYS D 49 -45.81 26.41 -25.62
CA LYS D 49 -46.18 27.84 -25.43
C LYS D 49 -46.69 28.42 -26.77
N GLU D 50 -45.97 28.16 -27.85
CA GLU D 50 -46.25 28.68 -29.22
C GLU D 50 -47.62 28.13 -29.71
N HIS D 51 -48.03 26.95 -29.26
CA HIS D 51 -49.28 26.27 -29.70
C HIS D 51 -50.37 26.32 -28.60
N ASN D 52 -50.18 27.09 -27.53
CA ASN D 52 -51.20 27.35 -26.48
C ASN D 52 -51.53 26.03 -25.76
N LEU D 53 -50.51 25.22 -25.47
CA LEU D 53 -50.65 23.92 -24.79
C LEU D 53 -50.06 24.03 -23.40
N SER D 54 -50.23 22.98 -22.59
CA SER D 54 -49.70 22.89 -21.21
C SER D 54 -49.16 21.47 -20.97
N LYS D 55 -48.44 21.29 -19.87
CA LYS D 55 -47.63 20.09 -19.50
C LYS D 55 -48.26 18.73 -19.84
N ASP D 56 -49.52 18.38 -19.50
CA ASP D 56 -50.10 17.06 -19.91
C ASP D 56 -51.33 17.30 -20.81
N ASN D 57 -51.26 18.37 -21.59
CA ASN D 57 -52.33 18.85 -22.49
C ASN D 57 -51.71 19.26 -23.83
N GLY D 58 -51.04 18.31 -24.49
CA GLY D 58 -50.49 18.46 -25.87
C GLY D 58 -49.00 18.17 -25.95
N PHE D 59 -48.22 18.29 -24.90
CA PHE D 59 -46.78 18.00 -25.11
C PHE D 59 -46.25 17.40 -23.83
N THR D 60 -45.57 16.25 -23.71
CA THR D 60 -45.16 15.91 -22.32
C THR D 60 -43.81 15.18 -22.28
N TYR D 61 -43.35 14.84 -21.07
CA TYR D 61 -42.08 14.08 -20.94
C TYR D 61 -42.26 12.83 -20.08
N PHE D 62 -41.57 11.75 -20.47
CA PHE D 62 -41.48 10.48 -19.71
C PHE D 62 -40.04 10.28 -19.27
N GLN D 63 -39.79 10.37 -17.96
CA GLN D 63 -38.49 10.08 -17.31
C GLN D 63 -38.23 8.56 -17.37
N SER D 64 -37.11 8.14 -17.94
CA SER D 64 -36.58 6.77 -17.79
C SER D 64 -35.53 6.81 -16.68
N THR D 65 -35.62 5.91 -15.69
CA THR D 65 -34.58 5.67 -14.64
C THR D 65 -33.59 4.59 -15.12
N SER D 66 -33.98 3.74 -16.08
CA SER D 66 -33.11 2.65 -16.60
C SER D 66 -33.55 2.19 -17.98
N GLU D 67 -32.76 1.32 -18.62
CA GLU D 67 -33.04 0.77 -19.97
C GLU D 67 -34.41 0.09 -20.00
N ALA D 68 -34.81 -0.58 -18.93
CA ALA D 68 -36.07 -1.34 -18.81
C ALA D 68 -37.29 -0.42 -19.00
N ASP D 69 -37.16 0.87 -18.66
CA ASP D 69 -38.29 1.85 -18.75
C ASP D 69 -38.59 2.29 -20.20
N TYR D 70 -37.63 2.15 -21.12
CA TYR D 70 -37.69 2.79 -22.46
C TYR D 70 -38.97 2.33 -23.16
N ALA D 71 -39.12 1.02 -23.32
CA ALA D 71 -40.24 0.39 -24.06
C ALA D 71 -41.58 0.77 -23.39
N ASN D 72 -41.61 0.83 -22.05
CA ASN D 72 -42.86 1.12 -21.28
C ASN D 72 -43.25 2.58 -21.51
N ASN D 73 -42.27 3.48 -21.43
CA ASN D 73 -42.45 4.93 -21.66
C ASN D 73 -42.92 5.18 -23.11
N LEU D 74 -42.31 4.52 -24.10
CA LEU D 74 -42.68 4.73 -25.53
C LEU D 74 -44.11 4.24 -25.76
N GLN D 75 -44.48 3.11 -25.19
CA GLN D 75 -45.85 2.53 -25.31
C GLN D 75 -46.84 3.50 -24.67
N GLN D 76 -46.51 4.06 -23.49
CA GLN D 76 -47.40 5.02 -22.81
C GLN D 76 -47.57 6.28 -23.70
N ALA D 77 -46.49 6.80 -24.26
CA ALA D 77 -46.48 7.98 -25.15
C ALA D 77 -47.41 7.77 -26.35
N ALA D 78 -47.44 6.55 -26.91
CA ALA D 78 -48.24 6.22 -28.13
C ALA D 78 -49.76 6.32 -27.82
N GLY D 79 -50.13 6.28 -26.54
CA GLY D 79 -51.51 6.48 -26.07
C GLY D 79 -52.10 7.82 -26.53
N SER D 80 -51.37 8.93 -26.40
CA SER D 80 -51.91 10.30 -26.58
C SER D 80 -51.01 11.19 -27.46
N TYR D 81 -49.81 10.75 -27.88
CA TYR D 81 -48.82 11.59 -28.61
C TYR D 81 -48.57 10.95 -29.99
N ASN D 82 -48.48 11.77 -31.04
CA ASN D 82 -48.27 11.26 -32.42
C ASN D 82 -46.89 11.67 -32.95
N LEU D 83 -46.14 12.46 -32.18
CA LEU D 83 -44.71 12.73 -32.45
C LEU D 83 -43.94 12.45 -31.16
N ILE D 84 -43.03 11.48 -31.21
CA ILE D 84 -42.35 10.95 -30.01
C ILE D 84 -40.86 11.01 -30.25
N PHE D 85 -40.15 11.70 -29.35
CA PHE D 85 -38.69 11.90 -29.38
C PHE D 85 -38.04 10.95 -28.37
N GLY D 86 -37.16 10.06 -28.86
CA GLY D 86 -36.22 9.32 -28.01
C GLY D 86 -34.95 10.13 -27.86
N VAL D 87 -34.68 10.64 -26.67
CA VAL D 87 -33.54 11.56 -26.39
C VAL D 87 -32.36 10.73 -25.87
N GLY D 88 -31.44 10.36 -26.76
CA GLY D 88 -30.20 9.64 -26.40
C GLY D 88 -29.99 8.40 -27.25
N PHE D 89 -28.73 8.11 -27.58
CA PHE D 89 -28.32 6.97 -28.44
C PHE D 89 -28.83 5.63 -27.86
N ALA D 90 -28.95 5.51 -26.53
CA ALA D 90 -29.32 4.26 -25.84
C ALA D 90 -30.75 3.83 -26.19
N LEU D 91 -31.60 4.76 -26.63
CA LEU D 91 -33.02 4.47 -26.93
C LEU D 91 -33.17 3.92 -28.35
N ASN D 92 -32.06 3.71 -29.09
CA ASN D 92 -32.07 3.24 -30.49
C ASN D 92 -33.02 2.04 -30.64
N ASN D 93 -32.78 0.92 -29.95
CA ASN D 93 -33.53 -0.36 -30.18
C ASN D 93 -35.02 -0.18 -29.84
N ALA D 94 -35.32 0.45 -28.71
CA ALA D 94 -36.69 0.64 -28.19
C ALA D 94 -37.48 1.52 -29.18
N VAL D 95 -36.86 2.55 -29.74
CA VAL D 95 -37.51 3.45 -30.74
C VAL D 95 -37.78 2.66 -32.02
N LYS D 96 -36.83 1.85 -32.50
CA LYS D 96 -37.00 1.04 -33.73
C LYS D 96 -38.21 0.11 -33.54
N ASP D 97 -38.33 -0.53 -32.37
CA ASP D 97 -39.42 -1.51 -32.09
C ASP D 97 -40.76 -0.77 -32.04
N ALA D 98 -40.83 0.36 -31.33
CA ALA D 98 -42.05 1.19 -31.17
C ALA D 98 -42.52 1.67 -32.56
N ALA D 99 -41.60 2.10 -33.40
CA ALA D 99 -41.90 2.65 -34.75
C ALA D 99 -42.49 1.54 -35.65
N LYS D 100 -42.09 0.28 -35.45
CA LYS D 100 -42.61 -0.88 -36.23
C LYS D 100 -44.03 -1.23 -35.77
N GLU D 101 -44.34 -1.08 -34.48
CA GLU D 101 -45.69 -1.37 -33.90
C GLU D 101 -46.68 -0.27 -34.30
N HIS D 102 -46.23 0.99 -34.42
CA HIS D 102 -47.09 2.17 -34.65
C HIS D 102 -46.63 2.92 -35.92
N THR D 103 -46.88 2.35 -37.10
CA THR D 103 -46.44 2.94 -38.40
C THR D 103 -47.19 4.25 -38.68
N ASP D 104 -48.30 4.49 -37.99
CA ASP D 104 -49.16 5.71 -38.13
C ASP D 104 -48.57 6.86 -37.29
N LEU D 105 -47.66 6.60 -36.36
CA LEU D 105 -47.03 7.66 -35.51
C LEU D 105 -45.63 7.95 -36.01
N ASN D 106 -45.11 9.13 -35.66
CA ASN D 106 -43.77 9.61 -36.08
C ASN D 106 -42.82 9.62 -34.87
N TYR D 107 -41.58 9.20 -35.10
CA TYR D 107 -40.55 9.01 -34.04
C TYR D 107 -39.28 9.75 -34.45
N VAL D 108 -38.65 10.39 -33.48
CA VAL D 108 -37.34 11.05 -33.71
C VAL D 108 -36.36 10.43 -32.73
N LEU D 109 -35.20 10.00 -33.23
CA LEU D 109 -34.08 9.55 -32.35
C LEU D 109 -33.01 10.66 -32.37
N ILE D 110 -32.55 11.07 -31.19
CA ILE D 110 -31.50 12.11 -31.03
C ILE D 110 -30.19 11.39 -30.67
N ASP D 111 -29.14 11.67 -31.46
CA ASP D 111 -27.72 11.29 -31.19
C ASP D 111 -27.39 9.93 -31.79
N ASP D 112 -28.27 9.35 -32.61
CA ASP D 112 -27.99 8.09 -33.32
C ASP D 112 -28.94 7.94 -34.51
N VAL D 113 -28.67 6.95 -35.35
CA VAL D 113 -29.36 6.76 -36.66
C VAL D 113 -30.12 5.44 -36.67
N ILE D 114 -31.38 5.48 -37.11
CA ILE D 114 -32.17 4.28 -37.50
C ILE D 114 -32.41 4.37 -39.00
N LYS D 115 -32.14 3.30 -39.75
CA LYS D 115 -32.28 3.29 -41.23
C LYS D 115 -33.51 2.47 -41.65
N ASP D 116 -34.04 2.77 -42.84
CA ASP D 116 -35.10 2.00 -43.55
C ASP D 116 -36.40 2.00 -42.73
N GLN D 117 -36.77 3.17 -42.18
CA GLN D 117 -38.01 3.34 -41.41
C GLN D 117 -38.63 4.68 -41.80
N LYS D 118 -39.69 4.63 -42.62
CA LYS D 118 -40.40 5.81 -43.18
C LYS D 118 -40.90 6.72 -42.05
N ASN D 119 -41.17 6.21 -40.84
CA ASN D 119 -41.77 7.01 -39.74
C ASN D 119 -40.72 7.39 -38.67
N VAL D 120 -39.43 7.31 -38.99
CA VAL D 120 -38.36 7.71 -38.03
C VAL D 120 -37.42 8.70 -38.70
N ALA D 121 -37.21 9.84 -38.05
CA ALA D 121 -36.14 10.81 -38.35
C ALA D 121 -35.03 10.62 -37.33
N SER D 122 -33.80 10.74 -37.80
CA SER D 122 -32.55 10.57 -37.00
C SER D 122 -31.83 11.91 -36.99
N VAL D 123 -31.43 12.36 -35.81
CA VAL D 123 -30.75 13.67 -35.64
C VAL D 123 -29.39 13.41 -35.02
N THR D 124 -28.33 13.93 -35.62
CA THR D 124 -26.98 13.90 -35.03
C THR D 124 -26.41 15.31 -35.05
N PHE D 125 -25.45 15.54 -34.16
CA PHE D 125 -24.70 16.79 -34.02
C PHE D 125 -23.21 16.48 -34.23
N ALA D 126 -22.53 17.34 -34.96
CA ALA D 126 -21.05 17.37 -35.08
C ALA D 126 -20.48 17.95 -33.78
N ASP D 127 -20.57 17.18 -32.70
CA ASP D 127 -20.09 17.58 -31.36
C ASP D 127 -18.56 17.58 -31.36
N ASN D 128 -17.94 16.86 -32.31
CA ASN D 128 -16.48 16.95 -32.55
C ASN D 128 -16.11 18.41 -32.85
N GLU D 129 -16.92 19.11 -33.64
CA GLU D 129 -16.62 20.50 -34.08
C GLU D 129 -16.65 21.43 -32.85
N SER D 130 -17.71 21.38 -32.05
CA SER D 130 -17.85 22.26 -30.85
C SER D 130 -16.79 21.85 -29.83
N GLY D 131 -16.52 20.55 -29.71
CA GLY D 131 -15.47 20.02 -28.83
C GLY D 131 -14.10 20.61 -29.17
N TYR D 132 -13.78 20.64 -30.46
CA TYR D 132 -12.53 21.27 -30.98
C TYR D 132 -12.42 22.69 -30.41
N LEU D 133 -13.44 23.51 -30.63
CA LEU D 133 -13.47 24.92 -30.16
C LEU D 133 -13.23 24.95 -28.64
N ALA D 134 -13.82 24.01 -27.89
CA ALA D 134 -13.65 23.93 -26.42
C ALA D 134 -12.18 23.61 -26.10
N GLY D 135 -11.55 22.73 -26.87
CA GLY D 135 -10.12 22.39 -26.77
C GLY D 135 -9.22 23.60 -26.98
N VAL D 136 -9.49 24.37 -28.03
CA VAL D 136 -8.75 25.62 -28.34
C VAL D 136 -8.87 26.56 -27.13
N ALA D 137 -10.08 26.73 -26.60
CA ALA D 137 -10.35 27.63 -25.46
C ALA D 137 -9.52 27.18 -24.26
N ALA D 138 -9.55 25.88 -23.96
CA ALA D 138 -8.87 25.28 -22.80
C ALA D 138 -7.36 25.48 -22.94
N ALA D 139 -6.81 25.19 -24.13
CA ALA D 139 -5.37 25.27 -24.44
C ALA D 139 -4.88 26.73 -24.25
N LYS D 140 -5.74 27.70 -24.53
CA LYS D 140 -5.36 29.14 -24.48
C LYS D 140 -5.58 29.69 -23.07
N THR D 141 -6.01 28.87 -22.10
CA THR D 141 -6.33 29.32 -20.72
C THR D 141 -5.48 28.58 -19.68
N THR D 142 -5.25 27.28 -19.85
CA THR D 142 -4.57 26.40 -18.84
C THR D 142 -3.20 27.00 -18.50
N LYS D 143 -2.91 27.17 -17.21
CA LYS D 143 -1.59 27.64 -16.68
C LYS D 143 -0.72 26.45 -16.27
N THR D 144 -1.32 25.34 -15.84
CA THR D 144 -0.61 24.08 -15.43
C THR D 144 -0.30 23.18 -16.64
N LYS D 145 -0.77 23.53 -17.84
CA LYS D 145 -0.63 22.72 -19.09
C LYS D 145 -1.23 21.31 -18.92
N GLN D 146 -2.19 21.13 -18.00
CA GLN D 146 -2.96 19.86 -17.87
C GLN D 146 -4.46 20.18 -17.82
N VAL D 147 -5.25 19.45 -18.62
CA VAL D 147 -6.74 19.60 -18.66
C VAL D 147 -7.38 18.21 -18.54
N GLY D 148 -8.62 18.18 -18.06
CA GLY D 148 -9.39 16.93 -17.86
C GLY D 148 -10.60 16.86 -18.75
N PHE D 149 -10.97 15.63 -19.14
CA PHE D 149 -12.19 15.29 -19.90
C PHE D 149 -12.94 14.20 -19.13
N VAL D 150 -14.16 14.48 -18.68
CA VAL D 150 -15.03 13.52 -17.94
C VAL D 150 -16.18 13.09 -18.87
N GLY D 151 -16.12 11.89 -19.42
CA GLY D 151 -17.18 11.36 -20.29
C GLY D 151 -18.22 10.62 -19.48
N GLY D 152 -19.43 10.47 -20.03
CA GLY D 152 -20.49 9.66 -19.41
C GLY D 152 -20.30 8.20 -19.75
N ILE D 153 -20.77 7.76 -20.91
CA ILE D 153 -20.73 6.33 -21.34
C ILE D 153 -19.90 6.26 -22.62
N GLU D 154 -18.92 5.36 -22.67
CA GLU D 154 -18.08 5.15 -23.88
C GLU D 154 -19.01 4.81 -25.04
N SER D 155 -18.92 5.55 -26.14
CA SER D 155 -19.89 5.52 -27.26
C SER D 155 -19.34 6.29 -28.47
N GLU D 156 -19.82 5.99 -29.67
CA GLU D 156 -19.61 6.84 -30.88
C GLU D 156 -19.77 8.31 -30.48
N VAL D 157 -20.84 8.62 -29.75
CA VAL D 157 -21.33 10.00 -29.46
C VAL D 157 -20.30 10.73 -28.59
N ILE D 158 -19.90 10.13 -27.48
CA ILE D 158 -18.98 10.83 -26.53
C ILE D 158 -17.58 10.84 -27.15
N SER D 159 -17.25 9.83 -27.94
CA SER D 159 -15.94 9.71 -28.64
C SER D 159 -15.78 10.86 -29.64
N ARG D 160 -16.87 11.33 -30.25
CA ARG D 160 -16.85 12.51 -31.15
C ARG D 160 -16.37 13.72 -30.34
N PHE D 161 -16.93 13.91 -29.15
CA PHE D 161 -16.58 15.06 -28.27
C PHE D 161 -15.10 14.96 -27.87
N GLU D 162 -14.66 13.77 -27.48
CA GLU D 162 -13.30 13.49 -26.93
C GLU D 162 -12.26 13.75 -28.02
N ALA D 163 -12.48 13.20 -29.21
CA ALA D 163 -11.57 13.32 -30.38
C ALA D 163 -11.45 14.79 -30.79
N GLY D 164 -12.59 15.48 -30.87
CA GLY D 164 -12.66 16.92 -31.18
C GLY D 164 -11.87 17.73 -30.16
N PHE D 165 -12.13 17.46 -28.87
CA PHE D 165 -11.52 18.21 -27.74
C PHE D 165 -10.00 18.04 -27.77
N LYS D 166 -9.50 16.80 -27.91
CA LYS D 166 -8.05 16.49 -27.95
C LYS D 166 -7.40 17.19 -29.15
N ALA D 167 -8.01 17.05 -30.33
CA ALA D 167 -7.52 17.68 -31.58
C ALA D 167 -7.44 19.20 -31.38
N GLY D 168 -8.40 19.79 -30.67
CA GLY D 168 -8.48 21.24 -30.45
C GLY D 168 -7.36 21.72 -29.54
N VAL D 169 -7.13 21.00 -28.43
CA VAL D 169 -6.03 21.29 -27.47
C VAL D 169 -4.68 21.16 -28.21
N ALA D 170 -4.48 20.07 -28.96
CA ALA D 170 -3.24 19.73 -29.69
C ALA D 170 -2.95 20.78 -30.77
N SER D 171 -3.97 21.41 -31.37
CA SER D 171 -3.82 22.37 -32.49
C SER D 171 -3.16 23.67 -32.02
N VAL D 172 -3.19 23.92 -30.71
CA VAL D 172 -2.66 25.15 -30.06
C VAL D 172 -1.32 24.85 -29.37
N ASP D 173 -1.23 23.73 -28.65
CA ASP D 173 -0.03 23.30 -27.87
C ASP D 173 -0.10 21.79 -27.62
N PRO D 174 0.58 20.95 -28.44
CA PRO D 174 0.56 19.49 -28.24
C PRO D 174 1.23 19.01 -26.94
N SER D 175 1.92 19.91 -26.24
CA SER D 175 2.63 19.62 -24.96
C SER D 175 1.63 19.44 -23.82
N ILE D 176 0.39 19.91 -23.99
CA ILE D 176 -0.68 19.89 -22.94
C ILE D 176 -1.18 18.45 -22.79
N LYS D 177 -1.20 17.95 -21.55
CA LYS D 177 -1.68 16.58 -21.22
C LYS D 177 -3.20 16.64 -21.00
N VAL D 178 -3.93 15.74 -21.66
CA VAL D 178 -5.41 15.62 -21.54
C VAL D 178 -5.72 14.30 -20.82
N GLN D 179 -6.12 14.40 -19.56
CA GLN D 179 -6.60 13.24 -18.75
C GLN D 179 -8.05 12.93 -19.15
N VAL D 180 -8.29 11.72 -19.67
CA VAL D 180 -9.64 11.22 -20.08
C VAL D 180 -10.09 10.14 -19.11
N ASP D 181 -11.30 10.26 -18.56
CA ASP D 181 -11.91 9.29 -17.61
C ASP D 181 -13.42 9.27 -17.83
N TYR D 182 -14.02 8.08 -17.82
CA TYR D 182 -15.47 7.89 -18.06
C TYR D 182 -16.14 7.49 -16.73
N ALA D 183 -17.39 7.87 -16.56
CA ALA D 183 -18.20 7.57 -15.36
C ALA D 183 -18.99 6.27 -15.56
N GLY D 184 -19.23 5.85 -16.81
CA GLY D 184 -20.16 4.75 -17.17
C GLY D 184 -21.63 5.13 -17.00
N SER D 185 -21.97 6.41 -16.81
CA SER D 185 -23.35 6.88 -16.55
C SER D 185 -23.51 8.37 -16.88
N PHE D 186 -24.71 8.75 -17.32
CA PHE D 186 -25.14 10.15 -17.55
C PHE D 186 -25.95 10.67 -16.36
N GLY D 187 -26.24 9.83 -15.36
CA GLY D 187 -27.07 10.23 -14.21
C GLY D 187 -26.46 9.89 -12.87
N ASP D 188 -25.14 10.08 -12.71
CA ASP D 188 -24.37 9.72 -11.49
C ASP D 188 -23.48 10.89 -11.07
N ALA D 189 -24.08 11.92 -10.45
CA ALA D 189 -23.39 13.13 -9.96
C ALA D 189 -22.23 12.76 -9.02
N ALA D 190 -22.43 11.81 -8.10
CA ALA D 190 -21.44 11.41 -7.08
C ALA D 190 -20.16 10.92 -7.77
N LYS D 191 -20.29 10.18 -8.86
CA LYS D 191 -19.11 9.65 -9.60
C LYS D 191 -18.40 10.79 -10.34
N GLY D 192 -19.16 11.71 -10.92
CA GLY D 192 -18.62 12.94 -11.53
C GLY D 192 -17.77 13.74 -10.55
N LYS D 193 -18.24 13.89 -9.31
CA LYS D 193 -17.50 14.60 -8.23
C LYS D 193 -16.17 13.89 -7.96
N THR D 194 -16.20 12.58 -7.74
CA THR D 194 -15.01 11.71 -7.50
C THR D 194 -14.00 11.89 -8.62
N ILE D 195 -14.43 11.79 -9.89
CA ILE D 195 -13.53 11.81 -11.07
C ILE D 195 -12.92 13.21 -11.21
N ALA D 196 -13.71 14.26 -11.04
CA ALA D 196 -13.24 15.67 -11.09
C ALA D 196 -12.21 15.89 -9.98
N ALA D 197 -12.51 15.44 -8.75
CA ALA D 197 -11.62 15.55 -7.58
C ALA D 197 -10.24 15.04 -7.94
N ALA D 198 -10.15 13.85 -8.56
CA ALA D 198 -8.89 13.17 -8.93
C ALA D 198 -8.19 13.91 -10.08
N GLN D 199 -8.93 14.36 -11.10
CA GLN D 199 -8.36 15.07 -12.27
C GLN D 199 -7.75 16.40 -11.81
N TYR D 200 -8.43 17.15 -10.94
CA TYR D 200 -7.96 18.42 -10.33
C TYR D 200 -6.75 18.16 -9.42
N ALA D 201 -6.86 17.20 -8.49
CA ALA D 201 -5.79 16.79 -7.55
C ALA D 201 -4.50 16.41 -8.31
N ALA D 202 -4.62 15.75 -9.46
CA ALA D 202 -3.49 15.33 -10.32
C ALA D 202 -2.98 16.51 -11.17
N GLY D 203 -3.52 17.73 -10.99
CA GLY D 203 -2.95 19.01 -11.49
C GLY D 203 -3.65 19.60 -12.70
N ALA D 204 -4.82 19.08 -13.09
CA ALA D 204 -5.68 19.71 -14.14
C ALA D 204 -6.27 21.01 -13.59
N ASP D 205 -6.27 22.10 -14.37
CA ASP D 205 -6.89 23.38 -13.93
C ASP D 205 -8.16 23.68 -14.76
N ILE D 206 -8.46 22.84 -15.74
CA ILE D 206 -9.73 22.89 -16.53
C ILE D 206 -10.24 21.47 -16.73
N VAL D 207 -11.53 21.26 -16.44
CA VAL D 207 -12.24 19.98 -16.74
C VAL D 207 -13.42 20.27 -17.67
N TYR D 208 -13.43 19.62 -18.84
CA TYR D 208 -14.59 19.54 -19.76
C TYR D 208 -15.45 18.35 -19.33
N GLN D 209 -16.69 18.59 -18.92
CA GLN D 209 -17.62 17.50 -18.48
C GLN D 209 -18.64 17.25 -19.59
N VAL D 210 -18.55 16.07 -20.23
CA VAL D 210 -19.45 15.61 -21.32
C VAL D 210 -20.15 14.35 -20.83
N ALA D 211 -20.99 14.51 -19.81
CA ALA D 211 -21.56 13.38 -19.05
C ALA D 211 -22.97 13.71 -18.53
N GLY D 212 -23.69 14.60 -19.21
CA GLY D 212 -25.04 15.01 -18.81
C GLY D 212 -25.06 15.40 -17.34
N GLY D 213 -26.00 14.84 -16.59
CA GLY D 213 -26.26 15.14 -15.17
C GLY D 213 -25.13 14.71 -14.25
N THR D 214 -24.36 13.69 -14.65
CA THR D 214 -23.10 13.28 -13.95
C THR D 214 -22.21 14.52 -13.77
N GLY D 215 -22.27 15.45 -14.72
CA GLY D 215 -21.47 16.69 -14.70
C GLY D 215 -21.81 17.59 -13.53
N ALA D 216 -23.01 17.50 -12.94
CA ALA D 216 -23.38 18.30 -11.74
C ALA D 216 -22.34 18.06 -10.64
N GLY D 217 -21.80 16.85 -10.55
CA GLY D 217 -20.72 16.50 -9.62
C GLY D 217 -19.44 17.25 -9.93
N VAL D 218 -19.08 17.38 -11.20
CA VAL D 218 -17.85 18.13 -11.62
C VAL D 218 -17.99 19.59 -11.16
N PHE D 219 -19.18 20.18 -11.32
CA PHE D 219 -19.49 21.56 -10.89
C PHE D 219 -19.36 21.66 -9.37
N ALA D 220 -19.93 20.71 -8.63
CA ALA D 220 -19.89 20.66 -7.15
C ALA D 220 -18.42 20.63 -6.69
N GLU D 221 -17.59 19.79 -7.31
CA GLU D 221 -16.17 19.67 -6.90
C GLU D 221 -15.45 21.00 -7.14
N ALA D 222 -15.51 21.53 -8.37
CA ALA D 222 -14.84 22.80 -8.75
C ALA D 222 -15.29 23.91 -7.78
N LYS D 223 -16.55 23.91 -7.35
CA LYS D 223 -17.10 24.94 -6.46
C LYS D 223 -16.43 24.82 -5.09
N SER D 224 -16.40 23.62 -4.52
CA SER D 224 -15.73 23.25 -3.24
C SER D 224 -14.29 23.80 -3.22
N LEU D 225 -13.48 23.46 -4.22
CA LEU D 225 -12.05 23.88 -4.31
C LEU D 225 -11.99 25.41 -4.38
N ASN D 226 -12.80 26.01 -5.25
CA ASN D 226 -12.76 27.45 -5.60
C ASN D 226 -13.27 28.29 -4.42
N GLU D 227 -14.19 27.76 -3.60
CA GLU D 227 -14.76 28.43 -2.40
C GLU D 227 -13.68 28.59 -1.32
N SER D 228 -12.67 27.71 -1.33
CA SER D 228 -11.59 27.63 -0.33
C SER D 228 -10.27 28.12 -0.94
N ARG D 229 -10.32 29.05 -1.90
CA ARG D 229 -9.11 29.59 -2.56
C ARG D 229 -9.35 31.04 -3.00
N PRO D 230 -8.29 31.85 -3.19
CA PRO D 230 -8.44 33.17 -3.81
C PRO D 230 -9.03 33.06 -5.22
N GLU D 231 -9.82 34.08 -5.61
CA GLU D 231 -10.44 34.22 -6.95
C GLU D 231 -9.40 33.90 -8.05
N ASN D 232 -8.20 34.49 -7.97
CA ASN D 232 -7.19 34.46 -9.06
C ASN D 232 -6.54 33.06 -9.16
N GLU D 233 -6.86 32.15 -8.23
CA GLU D 233 -6.27 30.78 -8.11
C GLU D 233 -7.34 29.73 -8.45
N LYS D 234 -8.45 30.13 -9.08
CA LYS D 234 -9.62 29.22 -9.27
C LYS D 234 -9.29 28.18 -10.35
N VAL D 235 -10.05 27.09 -10.36
CA VAL D 235 -10.00 26.02 -11.41
C VAL D 235 -11.30 26.10 -12.24
N TRP D 236 -11.22 25.77 -13.52
CA TRP D 236 -12.32 25.98 -14.49
C TRP D 236 -13.08 24.69 -14.77
N VAL D 237 -14.37 24.85 -15.09
CA VAL D 237 -15.23 23.84 -15.75
C VAL D 237 -15.64 24.39 -17.11
N ILE D 238 -15.66 23.53 -18.13
CA ILE D 238 -16.29 23.83 -19.43
C ILE D 238 -17.68 23.18 -19.44
N GLY D 239 -18.71 23.99 -19.66
CA GLY D 239 -20.11 23.57 -19.77
C GLY D 239 -20.36 22.78 -21.05
N VAL D 240 -21.51 22.12 -21.11
CA VAL D 240 -21.89 21.24 -22.24
C VAL D 240 -23.38 21.40 -22.51
N ASP D 241 -23.76 21.36 -23.80
CA ASP D 241 -25.14 21.22 -24.32
C ASP D 241 -25.87 22.57 -24.19
N ARG D 242 -26.02 23.07 -22.98
CA ARG D 242 -26.57 24.42 -22.69
C ARG D 242 -25.44 25.34 -22.23
N ASP D 243 -25.67 26.65 -22.27
CA ASP D 243 -24.81 27.66 -21.63
C ASP D 243 -24.99 27.48 -20.12
N GLN D 244 -23.97 26.95 -19.43
CA GLN D 244 -24.07 26.59 -18.00
C GLN D 244 -23.42 27.66 -17.13
N GLU D 245 -23.19 28.87 -17.67
CA GLU D 245 -22.63 30.03 -16.92
C GLU D 245 -23.26 30.09 -15.51
N ALA D 246 -24.58 29.96 -15.41
CA ALA D 246 -25.33 30.17 -14.15
C ALA D 246 -24.86 29.18 -13.06
N GLU D 247 -24.36 28.01 -13.44
CA GLU D 247 -23.93 26.96 -12.48
C GLU D 247 -22.52 27.24 -11.97
N GLY D 248 -21.84 28.24 -12.52
CA GLY D 248 -20.43 28.55 -12.23
C GLY D 248 -20.27 29.60 -11.15
N LYS D 249 -21.36 30.11 -10.59
CA LYS D 249 -21.37 31.23 -9.62
C LYS D 249 -20.92 30.72 -8.25
N TYR D 250 -19.97 31.42 -7.64
CA TYR D 250 -19.44 31.12 -6.28
C TYR D 250 -18.87 32.38 -5.66
N THR D 251 -18.62 32.30 -4.34
CA THR D 251 -17.85 33.30 -3.55
C THR D 251 -16.50 32.67 -3.18
N SER D 252 -15.40 33.31 -3.60
CA SER D 252 -14.00 32.91 -3.30
C SER D 252 -13.72 33.04 -1.80
N LYS D 253 -12.56 32.55 -1.33
CA LYS D 253 -12.09 32.69 0.08
C LYS D 253 -11.91 34.18 0.39
N ASP D 254 -11.23 34.91 -0.49
CA ASP D 254 -10.97 36.38 -0.30
C ASP D 254 -12.28 37.20 -0.47
N GLY D 255 -13.45 36.59 -0.69
CA GLY D 255 -14.77 37.24 -0.53
C GLY D 255 -15.34 37.83 -1.82
N LYS D 256 -14.62 37.71 -2.95
CA LYS D 256 -15.05 38.18 -4.28
C LYS D 256 -16.09 37.20 -4.88
N GLU D 257 -17.22 37.70 -5.37
CA GLU D 257 -18.20 36.91 -6.17
C GLU D 257 -17.64 36.76 -7.58
N SER D 258 -17.65 35.53 -8.12
CA SER D 258 -17.01 35.18 -9.41
C SER D 258 -17.71 33.98 -10.07
N ASN D 259 -17.12 33.49 -11.16
CA ASN D 259 -17.71 32.39 -11.97
C ASN D 259 -16.57 31.52 -12.49
N PHE D 260 -16.67 30.19 -12.36
CA PHE D 260 -15.60 29.25 -12.76
C PHE D 260 -15.95 28.52 -14.05
N VAL D 261 -17.03 28.92 -14.75
CA VAL D 261 -17.33 28.35 -16.09
C VAL D 261 -16.56 29.15 -17.13
N LEU D 262 -15.63 28.51 -17.84
CA LEU D 262 -14.76 29.17 -18.83
C LEU D 262 -15.58 29.42 -20.11
N VAL D 263 -16.10 28.34 -20.68
CA VAL D 263 -16.92 28.37 -21.92
C VAL D 263 -17.92 27.23 -21.79
N SER D 264 -18.91 27.15 -22.68
CA SER D 264 -19.83 25.99 -22.79
C SER D 264 -19.95 25.59 -24.25
N THR D 265 -19.84 24.31 -24.58
CA THR D 265 -20.30 23.82 -25.91
C THR D 265 -21.83 23.83 -25.89
N LEU D 266 -22.44 24.21 -27.02
CA LEU D 266 -23.91 24.30 -27.17
C LEU D 266 -24.31 23.20 -28.13
N LYS D 267 -25.39 22.50 -27.79
CA LYS D 267 -26.05 21.48 -28.65
C LYS D 267 -27.53 21.82 -28.63
N GLN D 268 -28.05 22.35 -29.74
CA GLN D 268 -29.40 22.95 -29.77
C GLN D 268 -30.44 21.84 -29.90
N VAL D 269 -30.53 20.98 -28.88
CA VAL D 269 -31.50 19.85 -28.86
C VAL D 269 -32.90 20.45 -28.76
N GLY D 270 -33.11 21.43 -27.89
CA GLY D 270 -34.39 22.13 -27.72
C GLY D 270 -34.90 22.71 -29.02
N THR D 271 -34.04 23.42 -29.75
CA THR D 271 -34.36 24.05 -31.04
C THR D 271 -34.76 22.95 -32.03
N THR D 272 -34.03 21.86 -32.12
CA THR D 272 -34.39 20.74 -33.03
C THR D 272 -35.77 20.18 -32.64
N VAL D 273 -36.07 19.99 -31.36
CA VAL D 273 -37.39 19.44 -30.91
C VAL D 273 -38.50 20.37 -31.43
N LYS D 274 -38.33 21.67 -31.26
CA LYS D 274 -39.33 22.69 -31.64
C LYS D 274 -39.48 22.72 -33.17
N ASP D 275 -38.39 22.77 -33.93
CA ASP D 275 -38.44 22.84 -35.41
C ASP D 275 -39.11 21.57 -35.94
N ILE D 276 -38.73 20.38 -35.49
CA ILE D 276 -39.31 19.11 -36.01
C ILE D 276 -40.79 19.02 -35.61
N SER D 277 -41.17 19.50 -34.42
CA SER D 277 -42.56 19.45 -33.96
C SER D 277 -43.40 20.34 -34.90
N ASN D 278 -42.88 21.51 -35.27
CA ASN D 278 -43.57 22.43 -36.18
C ASN D 278 -43.68 21.80 -37.58
N LYS D 279 -42.62 21.14 -38.04
CA LYS D 279 -42.64 20.47 -39.37
C LYS D 279 -43.68 19.35 -39.34
N ALA D 280 -43.75 18.58 -38.25
CA ALA D 280 -44.73 17.48 -38.11
C ALA D 280 -46.15 18.06 -38.23
N GLU D 281 -46.42 19.15 -37.52
CA GLU D 281 -47.78 19.76 -37.49
C GLU D 281 -48.16 20.26 -38.90
N ARG D 282 -47.20 20.73 -39.70
CA ARG D 282 -47.44 21.27 -41.07
C ARG D 282 -47.45 20.15 -42.13
N GLY D 283 -47.41 18.88 -41.70
CA GLY D 283 -47.47 17.72 -42.61
C GLY D 283 -46.19 17.49 -43.41
N GLU D 284 -45.04 17.95 -42.90
CA GLU D 284 -43.71 17.81 -43.54
C GLU D 284 -42.72 17.12 -42.59
N PHE D 285 -43.17 16.12 -41.82
CA PHE D 285 -42.26 15.30 -40.96
C PHE D 285 -41.18 14.68 -41.84
N PRO D 286 -39.87 14.85 -41.51
CA PRO D 286 -38.78 14.32 -42.33
C PRO D 286 -38.49 12.83 -42.06
N GLY D 287 -39.51 11.98 -42.16
CA GLY D 287 -39.40 10.53 -41.97
C GLY D 287 -38.39 9.91 -42.93
N GLY D 288 -37.53 9.03 -42.42
CA GLY D 288 -36.51 8.30 -43.19
C GLY D 288 -35.25 9.11 -43.39
N GLN D 289 -35.22 10.37 -42.97
CA GLN D 289 -34.04 11.25 -43.20
C GLN D 289 -33.09 11.19 -42.00
N VAL D 290 -31.83 11.52 -42.27
CA VAL D 290 -30.78 11.78 -41.25
C VAL D 290 -30.48 13.28 -41.30
N ILE D 291 -30.79 14.01 -40.23
CA ILE D 291 -30.47 15.45 -40.12
C ILE D 291 -29.16 15.58 -39.33
N VAL D 292 -28.13 16.16 -39.95
CA VAL D 292 -26.84 16.49 -39.29
C VAL D 292 -26.80 18.00 -39.03
N TYR D 293 -26.72 18.37 -37.76
CA TYR D 293 -26.47 19.75 -37.29
C TYR D 293 -24.98 19.88 -37.01
N SER D 294 -24.37 20.95 -37.51
CA SER D 294 -22.92 21.20 -37.37
C SER D 294 -22.69 22.66 -37.03
N LEU D 295 -21.44 23.10 -37.02
CA LEU D 295 -21.05 24.50 -36.74
C LEU D 295 -21.67 25.43 -37.80
N LYS D 296 -21.76 25.00 -39.07
CA LYS D 296 -22.25 25.82 -40.21
C LYS D 296 -23.66 26.35 -39.93
N ASP D 297 -24.57 25.49 -39.47
CA ASP D 297 -26.00 25.81 -39.28
C ASP D 297 -26.27 26.21 -37.82
N LYS D 298 -25.22 26.36 -36.99
CA LYS D 298 -25.28 26.79 -35.57
C LYS D 298 -26.09 25.81 -34.70
N GLY D 299 -26.20 24.55 -35.12
CA GLY D 299 -26.79 23.47 -34.30
C GLY D 299 -25.87 23.09 -33.14
N VAL D 300 -24.56 23.22 -33.35
CA VAL D 300 -23.54 23.23 -32.25
C VAL D 300 -22.81 24.57 -32.33
N ASP D 301 -22.29 25.03 -31.20
CA ASP D 301 -21.53 26.29 -31.09
C ASP D 301 -20.75 26.28 -29.78
N LEU D 302 -20.02 27.36 -29.49
CA LEU D 302 -19.33 27.59 -28.22
C LEU D 302 -19.78 28.94 -27.68
N ALA D 303 -20.29 28.99 -26.45
CA ALA D 303 -20.54 30.25 -25.69
C ALA D 303 -19.24 30.66 -24.99
N VAL D 304 -18.72 31.84 -25.28
CA VAL D 304 -17.34 32.25 -24.82
C VAL D 304 -17.47 33.16 -23.59
N THR D 305 -18.23 32.72 -22.60
CA THR D 305 -18.61 33.49 -21.39
C THR D 305 -17.38 34.21 -20.79
N ASN D 306 -16.43 33.47 -20.21
CA ASN D 306 -15.33 34.04 -19.38
C ASN D 306 -13.98 33.80 -20.05
N LEU D 307 -13.99 33.54 -21.36
CA LEU D 307 -12.74 33.35 -22.13
C LEU D 307 -12.02 34.70 -22.24
N SER D 308 -10.68 34.68 -22.24
CA SER D 308 -9.79 35.83 -22.53
C SER D 308 -9.93 36.23 -24.00
N GLU D 309 -9.61 37.48 -24.34
CA GLU D 309 -9.69 38.02 -25.72
C GLU D 309 -8.80 37.19 -26.65
N GLU D 310 -7.62 36.75 -26.19
CA GLU D 310 -6.71 35.92 -27.03
C GLU D 310 -7.41 34.60 -27.34
N GLY D 311 -8.05 33.97 -26.34
CA GLY D 311 -8.86 32.75 -26.51
C GLY D 311 -10.01 32.97 -27.49
N LYS D 312 -10.79 34.04 -27.32
CA LYS D 312 -11.93 34.36 -28.22
C LYS D 312 -11.43 34.47 -29.68
N LYS D 313 -10.26 35.08 -29.88
CA LYS D 313 -9.64 35.24 -31.22
C LYS D 313 -9.30 33.86 -31.78
N ALA D 314 -8.66 33.00 -30.98
CA ALA D 314 -8.22 31.65 -31.39
C ALA D 314 -9.43 30.76 -31.71
N VAL D 315 -10.54 30.96 -30.99
CA VAL D 315 -11.81 30.23 -31.24
C VAL D 315 -12.38 30.69 -32.59
N GLU D 316 -12.46 32.00 -32.84
CA GLU D 316 -12.98 32.60 -34.10
C GLU D 316 -12.14 32.09 -35.27
N ASP D 317 -10.82 32.02 -35.11
CA ASP D 317 -9.87 31.56 -36.17
C ASP D 317 -10.14 30.09 -36.47
N ALA D 318 -10.22 29.26 -35.44
CA ALA D 318 -10.51 27.80 -35.53
C ALA D 318 -11.89 27.59 -36.16
N LYS D 319 -12.89 28.40 -35.78
CA LYS D 319 -14.28 28.26 -36.28
C LYS D 319 -14.28 28.46 -37.80
N ALA D 320 -13.72 29.59 -38.27
CA ALA D 320 -13.59 29.95 -39.71
C ALA D 320 -12.91 28.81 -40.50
N LYS D 321 -11.83 28.25 -39.96
CA LYS D 321 -11.05 27.16 -40.61
C LYS D 321 -11.88 25.86 -40.67
N ILE D 322 -12.77 25.60 -39.70
CA ILE D 322 -13.65 24.39 -39.69
C ILE D 322 -14.69 24.56 -40.80
N LEU D 323 -15.27 25.76 -40.90
CA LEU D 323 -16.32 26.11 -41.89
C LEU D 323 -15.74 26.05 -43.32
N ASP D 324 -14.49 26.44 -43.54
CA ASP D 324 -13.81 26.50 -44.85
C ASP D 324 -13.36 25.12 -45.33
N GLY D 325 -13.10 24.20 -44.39
CA GLY D 325 -12.62 22.83 -44.67
C GLY D 325 -11.12 22.70 -44.44
N SER D 326 -10.45 23.81 -44.12
CA SER D 326 -8.98 23.90 -43.87
C SER D 326 -8.56 22.96 -42.72
N VAL D 327 -9.34 22.89 -41.63
CA VAL D 327 -9.18 21.82 -40.58
C VAL D 327 -10.39 20.89 -40.64
N LYS D 328 -10.15 19.61 -40.91
CA LYS D 328 -11.10 18.48 -40.76
C LYS D 328 -10.92 17.94 -39.33
N VAL D 329 -12.00 17.95 -38.54
CA VAL D 329 -11.94 17.51 -37.11
C VAL D 329 -12.19 16.01 -37.07
N PRO D 330 -11.35 15.21 -36.39
CA PRO D 330 -11.56 13.77 -36.30
C PRO D 330 -12.89 13.49 -35.57
N GLU D 331 -13.53 12.38 -35.93
CA GLU D 331 -14.75 11.97 -35.21
C GLU D 331 -14.42 10.70 -34.42
N LYS D 332 -13.21 10.17 -34.57
CA LYS D 332 -12.60 9.21 -33.61
C LYS D 332 -11.15 9.63 -33.35
NI NI E . -1.50 -25.18 -37.76
NI NI F . 14.50 -24.57 -36.10
O5' ADN G . 29.97 -35.82 7.68
C5' ADN G . 30.88 -36.68 7.01
C4' ADN G . 30.12 -37.70 6.20
O4' ADN G . 29.25 -38.47 7.06
C3' ADN G . 29.17 -37.09 5.16
O3' ADN G . 29.91 -36.82 3.96
C2' ADN G . 28.13 -38.21 5.00
O2' ADN G . 28.59 -39.25 4.19
C1' ADN G . 28.05 -38.79 6.41
N9 ADN G . 26.92 -38.25 7.16
C8 ADN G . 26.89 -37.09 7.89
N7 ADN G . 25.73 -36.83 8.43
C5 ADN G . 24.93 -37.89 8.02
C6 ADN G . 23.58 -38.20 8.27
N6 ADN G . 22.82 -37.43 9.03
N1 ADN G . 23.08 -39.35 7.76
C2 ADN G . 23.88 -40.11 7.00
N3 ADN G . 25.17 -39.91 6.68
C4 ADN G . 25.65 -38.78 7.24
NI NI H . 60.37 1.34 -1.45
O5' ADN I . 6.04 -4.30 4.95
C5' ADN I . 5.74 -3.08 4.31
C4' ADN I . 6.70 -2.04 4.79
O4' ADN I . 6.50 -1.82 6.21
C3' ADN I . 8.17 -2.44 4.69
O3' ADN I . 8.63 -2.25 3.36
C2' ADN I . 8.79 -1.48 5.70
O2' ADN I . 8.91 -0.18 5.16
C1' ADN I . 7.75 -1.49 6.80
N9 ADN I . 8.03 -2.47 7.84
C8 ADN I . 7.67 -3.79 7.79
N7 ADN I . 8.01 -4.46 8.86
C5 ADN I . 8.60 -3.51 9.68
C6 ADN I . 9.16 -3.61 10.96
N6 ADN I . 9.17 -4.75 11.63
N1 ADN I . 9.65 -2.49 11.51
C2 ADN I . 9.62 -1.36 10.78
N3 ADN I . 9.13 -1.13 9.57
C4 ADN I . 8.62 -2.27 9.06
NI NI J . 12.15 43.96 52.46
NI NI K . 1.96 49.41 48.84
O5' ADN L . -13.74 15.46 17.24
C5' ADN L . -14.33 14.98 18.44
C4' ADN L . -13.28 14.70 19.48
O4' ADN L . -12.28 13.82 18.92
C3' ADN L . -12.49 15.91 19.96
O3' ADN L . -13.19 16.60 21.00
C2' ADN L . -11.20 15.26 20.49
O2' ADN L . -11.31 14.81 21.82
C1' ADN L . -11.01 14.11 19.50
N9 ADN L . -10.12 14.46 18.40
C8 ADN L . -10.47 15.10 17.24
N7 ADN L . -9.47 15.31 16.43
C5 ADN L . -8.39 14.77 17.10
C6 ADN L . -7.05 14.67 16.75
N6 ADN L . -6.60 15.15 15.60
N1 ADN L . -6.21 14.05 17.63
C2 ADN L . -6.73 13.59 18.78
N3 ADN L . -7.98 13.64 19.24
C4 ADN L . -8.77 14.25 18.33
C ACT M . -5.32 8.90 31.73
O ACT M . -4.37 9.50 32.30
OXT ACT M . -6.50 9.32 31.73
CH3 ACT M . -4.98 7.60 31.00
NI NI N . -61.11 19.53 -59.80
O5' ADN O . -24.07 15.96 -21.91
C5' ADN O . -23.00 15.60 -22.76
C4' ADN O . -23.41 14.73 -23.92
O4' ADN O . -23.63 13.39 -23.43
C3' ADN O . -24.71 15.12 -24.64
O3' ADN O . -24.50 16.05 -25.69
C2' ADN O . -25.18 13.75 -25.19
O2' ADN O . -24.55 13.45 -26.42
C1' ADN O . -24.75 12.80 -24.06
N9 ADN O . -25.78 12.61 -23.05
C8 ADN O . -26.06 13.45 -22.01
N7 ADN O . -27.05 13.05 -21.25
C5 ADN O . -27.45 11.87 -21.85
C6 ADN O . -28.47 10.97 -21.52
N6 ADN O . -29.29 11.15 -20.48
N1 ADN O . -28.61 9.87 -22.31
C2 ADN O . -27.78 9.73 -23.35
N3 ADN O . -26.79 10.51 -23.77
C4 ADN O . -26.67 11.58 -22.96
#